data_9PHS
#
_entry.id   9PHS
#
_cell.length_a   189.799
_cell.length_b   108.825
_cell.length_c   118.240
_cell.angle_alpha   90.000
_cell.angle_beta   122.374
_cell.angle_gamma   90.000
#
_symmetry.space_group_name_H-M   'C 1 2 1'
#
loop_
_entity.id
_entity.type
_entity.pdbx_description
1 polymer Hemagglutinin
2 polymer 'Hemagglutinin HA2 chain'
3 polymer 'cyclic peptide CP141085'
4 branched 2-acetamido-2-deoxy-beta-D-glucopyranose-(1-4)-[alpha-L-fucopyranose-(1-6)]2-acetamido-2-deoxy-beta-D-glucopyranose
5 non-polymer 2-acetamido-2-deoxy-beta-D-glucopyranose
6 non-polymer 'CALCIUM ION'
7 non-polymer GLYCEROL
8 water water
#
loop_
_entity_poly.entity_id
_entity_poly.type
_entity_poly.pdbx_seq_one_letter_code
_entity_poly.pdbx_strand_id
1 'polypeptide(L)'
;DTICIGYHANNSTDTVDTVLEKNVTVTHSVNLLEDSHNGKLCRLKGIAPLQLGKCNIAGWLLGNPECDPLLPVRSWSYIV
ETPNSENGICYPGDFIDYEELREQLSSVSSFERFEIFPKESSWPNHNTNGVTAACSHEGKSSFYRNLLWLTEKEGSYPKL
KNSYVNKKGKEVLVLWGIHHPPNSKEQQNLYQNENAYVSVVTSNYNRRFTPEIAERPKVRDQAGRMNYYWTLLKPGDTII
FEANGNLIAPMYAFALSRGFGSGIITSNASMHECNTKCQTPLGAINSSLPYQNIHPVTIGECPKYVRSAKLRMVTGLRNI
PSIQSR
;
A,C,E
2 'polypeptide(L)'
;GLFGAIAGFIEGGWTGMIDGWYGYHHQNEQGSGYAADQKSTQNAINGITNKVNTVIEKMNIQFTAVGKEFNKLEKRMENL
NKKVDDGFLDIWTYNAELLVLLENERTLDFHDSNVKNLYEKVKSQLKNNAKEIGNGCFEFYHKCDNECMESVRNGTYDYP
KYSEESKLNREKVDGV
;
B,D,F
3 'polypeptide(L)' (DPR)PVSLYEDPLGVAGGMGVY G,H,K
#
# COMPACT_ATOMS: atom_id res chain seq x y z
N ASP A 1 6.84 38.94 -50.48
CA ASP A 1 6.75 37.50 -50.26
C ASP A 1 6.97 37.17 -48.78
N THR A 2 6.19 36.24 -48.26
CA THR A 2 6.18 35.94 -46.83
C THR A 2 6.28 34.45 -46.59
N ILE A 3 6.90 34.09 -45.47
CA ILE A 3 6.86 32.74 -44.93
C ILE A 3 6.44 32.83 -43.46
N CYS A 4 5.60 31.89 -43.03
CA CYS A 4 5.08 31.86 -41.67
C CYS A 4 5.34 30.51 -41.03
N ILE A 5 5.47 30.52 -39.70
CA ILE A 5 5.57 29.30 -38.91
C ILE A 5 4.26 29.13 -38.16
N GLY A 6 3.71 27.93 -38.20
CA GLY A 6 2.44 27.70 -37.54
C GLY A 6 2.29 26.26 -37.08
N TYR A 7 1.12 25.98 -36.52
CA TYR A 7 0.86 24.67 -35.95
C TYR A 7 -0.54 24.21 -36.33
N HIS A 8 -0.76 22.91 -36.13
CA HIS A 8 -1.98 22.25 -36.57
C HIS A 8 -3.18 22.71 -35.78
N ALA A 9 -4.34 22.74 -36.44
CA ALA A 9 -5.64 22.86 -35.81
C ALA A 9 -6.62 21.98 -36.57
N ASN A 10 -7.62 21.45 -35.86
CA ASN A 10 -8.55 20.54 -36.50
C ASN A 10 -9.93 20.72 -35.87
N ASN A 11 -10.82 19.76 -36.10
CA ASN A 11 -12.19 19.81 -35.61
C ASN A 11 -12.37 19.04 -34.30
N SER A 12 -11.29 18.66 -33.64
CA SER A 12 -11.41 17.83 -32.44
C SER A 12 -12.04 18.61 -31.30
N THR A 13 -12.89 17.93 -30.53
CA THR A 13 -13.44 18.47 -29.29
C THR A 13 -12.91 17.73 -28.08
N ASP A 14 -11.94 16.83 -28.26
CA ASP A 14 -11.31 16.15 -27.13
C ASP A 14 -10.74 17.16 -26.15
N THR A 15 -11.01 16.96 -24.87
CA THR A 15 -10.50 17.82 -23.80
C THR A 15 -9.69 16.99 -22.82
N VAL A 16 -8.60 17.59 -22.31
CA VAL A 16 -7.81 17.00 -21.25
C VAL A 16 -7.65 18.02 -20.13
N ASP A 17 -7.17 17.55 -18.99
CA ASP A 17 -6.83 18.41 -17.87
C ASP A 17 -5.32 18.43 -17.69
N THR A 18 -4.82 19.57 -17.22
CA THR A 18 -3.46 19.70 -16.74
C THR A 18 -3.51 20.20 -15.30
N VAL A 19 -2.34 20.43 -14.71
CA VAL A 19 -2.33 20.93 -13.35
C VAL A 19 -2.66 22.42 -13.31
N LEU A 20 -2.30 23.17 -14.37
CA LEU A 20 -2.60 24.60 -14.43
C LEU A 20 -3.95 24.93 -15.04
N GLU A 21 -4.56 24.01 -15.80
CA GLU A 21 -5.78 24.33 -16.51
C GLU A 21 -6.62 23.08 -16.75
N LYS A 22 -7.94 23.23 -16.65
CA LYS A 22 -8.89 22.17 -16.91
C LYS A 22 -9.61 22.41 -18.23
N ASN A 23 -10.09 21.31 -18.84
CA ASN A 23 -10.85 21.34 -20.09
C ASN A 23 -10.09 22.07 -21.20
N VAL A 24 -8.87 21.63 -21.45
CA VAL A 24 -8.09 22.11 -22.58
C VAL A 24 -8.47 21.28 -23.80
N THR A 25 -9.04 21.92 -24.82
CA THR A 25 -9.35 21.24 -26.07
C THR A 25 -8.06 21.03 -26.86
N VAL A 26 -7.84 19.81 -27.32
CA VAL A 26 -6.57 19.45 -27.96
C VAL A 26 -6.85 18.74 -29.27
N THR A 27 -5.87 18.82 -30.18
CA THR A 27 -6.05 18.26 -31.52
C THR A 27 -6.11 16.74 -31.47
N HIS A 28 -5.25 16.11 -30.66
CA HIS A 28 -5.16 14.67 -30.59
C HIS A 28 -4.93 14.26 -29.14
N SER A 29 -5.51 13.11 -28.79
CA SER A 29 -5.38 12.56 -27.44
C SER A 29 -5.69 11.08 -27.50
N VAL A 30 -5.33 10.37 -26.43
CA VAL A 30 -5.59 8.94 -26.34
C VAL A 30 -6.18 8.62 -24.97
N ASN A 31 -7.19 7.76 -24.98
CA ASN A 31 -7.81 7.27 -23.75
C ASN A 31 -6.98 6.12 -23.19
N LEU A 32 -6.70 6.18 -21.88
CA LEU A 32 -5.99 5.11 -21.19
C LEU A 32 -6.89 4.32 -20.25
N LEU A 33 -8.16 4.70 -20.12
CA LEU A 33 -9.07 4.11 -19.15
C LEU A 33 -10.12 3.27 -19.88
N GLU A 34 -10.13 1.97 -19.64
CA GLU A 34 -11.10 1.07 -20.26
C GLU A 34 -12.39 1.08 -19.44
N ASP A 35 -13.51 1.41 -20.09
CA ASP A 35 -14.80 1.43 -19.42
C ASP A 35 -15.84 0.56 -20.10
N SER A 36 -15.45 -0.27 -21.06
CA SER A 36 -16.38 -1.09 -21.82
C SER A 36 -16.10 -2.56 -21.54
N HIS A 37 -17.17 -3.29 -21.22
CA HIS A 37 -17.13 -4.74 -21.10
C HIS A 37 -18.26 -5.31 -21.97
N ASN A 38 -18.25 -6.63 -22.15
CA ASN A 38 -19.21 -7.27 -23.03
C ASN A 38 -20.47 -7.74 -22.30
N GLY A 39 -20.53 -7.58 -20.98
CA GLY A 39 -21.69 -7.97 -20.21
C GLY A 39 -21.89 -9.46 -20.05
N LYS A 40 -20.92 -10.29 -20.48
CA LYS A 40 -21.09 -11.73 -20.48
C LYS A 40 -20.01 -12.41 -19.64
N LEU A 41 -20.35 -13.58 -19.11
CA LEU A 41 -19.35 -14.53 -18.65
C LEU A 41 -18.80 -15.25 -19.87
N CYS A 42 -17.50 -15.28 -20.01
CA CYS A 42 -16.90 -15.97 -21.14
C CYS A 42 -15.94 -17.03 -20.65
N ARG A 43 -15.45 -17.86 -21.57
CA ARG A 43 -14.40 -18.80 -21.24
C ARG A 43 -13.10 -18.06 -21.00
N LEU A 44 -12.21 -18.68 -20.24
CA LEU A 44 -10.90 -18.10 -19.94
C LEU A 44 -9.84 -18.94 -20.66
N LYS A 45 -9.32 -18.38 -21.75
CA LYS A 45 -8.34 -19.06 -22.60
C LYS A 45 -8.88 -20.41 -23.07
N GLY A 46 -10.17 -20.44 -23.43
CA GLY A 46 -10.78 -21.61 -23.99
C GLY A 46 -11.49 -22.52 -23.02
N ILE A 47 -11.31 -22.33 -21.71
CA ILE A 47 -11.83 -23.24 -20.69
C ILE A 47 -12.99 -22.55 -19.98
N ALA A 48 -14.14 -23.22 -19.94
CA ALA A 48 -15.35 -22.64 -19.40
C ALA A 48 -15.30 -22.59 -17.87
N PRO A 49 -15.98 -21.64 -17.25
CA PRO A 49 -16.04 -21.58 -15.80
C PRO A 49 -17.04 -22.60 -15.25
N LEU A 50 -16.95 -22.81 -13.95
CA LEU A 50 -17.91 -23.65 -13.24
C LEU A 50 -19.02 -22.75 -12.71
N GLN A 51 -20.24 -23.00 -13.17
CA GLN A 51 -21.41 -22.21 -12.77
C GLN A 51 -22.17 -23.00 -11.71
N LEU A 52 -22.13 -22.53 -10.47
CA LEU A 52 -22.81 -23.20 -9.38
C LEU A 52 -24.31 -22.93 -9.38
N GLY A 53 -24.76 -21.83 -9.98
CA GLY A 53 -26.19 -21.57 -10.08
C GLY A 53 -26.83 -21.37 -8.72
N LYS A 54 -27.88 -22.15 -8.45
CA LYS A 54 -28.59 -22.09 -7.16
C LYS A 54 -27.76 -22.60 -5.99
N CYS A 55 -26.62 -23.22 -6.24
CA CYS A 55 -25.81 -23.83 -5.19
C CYS A 55 -24.60 -22.97 -4.86
N ASN A 56 -24.12 -23.12 -3.63
CA ASN A 56 -22.85 -22.53 -3.22
C ASN A 56 -21.81 -23.64 -3.06
N ILE A 57 -20.60 -23.24 -2.68
CA ILE A 57 -19.48 -24.18 -2.58
C ILE A 57 -19.85 -25.37 -1.69
N ALA A 58 -20.52 -25.10 -0.57
CA ALA A 58 -20.87 -26.16 0.38
C ALA A 58 -21.83 -27.17 -0.24
N GLY A 59 -22.91 -26.67 -0.86
CA GLY A 59 -23.85 -27.57 -1.51
C GLY A 59 -23.21 -28.38 -2.62
N TRP A 60 -22.21 -27.80 -3.29
CA TRP A 60 -21.53 -28.50 -4.37
C TRP A 60 -20.65 -29.63 -3.82
N LEU A 61 -19.82 -29.33 -2.82
CA LEU A 61 -18.88 -30.34 -2.33
C LEU A 61 -19.56 -31.41 -1.49
N LEU A 62 -20.60 -31.06 -0.73
CA LEU A 62 -21.30 -32.08 0.05
C LEU A 62 -22.23 -32.92 -0.80
N GLY A 63 -22.69 -32.39 -1.92
CA GLY A 63 -23.64 -33.08 -2.76
C GLY A 63 -25.07 -32.83 -2.32
N ASN A 64 -25.40 -31.57 -2.08
CA ASN A 64 -26.79 -31.19 -1.85
C ASN A 64 -27.66 -31.70 -2.99
N PRO A 65 -28.82 -32.30 -2.70
CA PRO A 65 -29.63 -32.91 -3.77
C PRO A 65 -30.08 -31.92 -4.84
N GLU A 66 -30.15 -30.63 -4.53
CA GLU A 66 -30.49 -29.63 -5.54
C GLU A 66 -29.34 -29.37 -6.51
N CYS A 67 -28.17 -29.94 -6.26
CA CYS A 67 -26.98 -29.65 -7.05
C CYS A 67 -26.50 -30.86 -7.84
N ASP A 68 -27.38 -31.83 -8.08
CA ASP A 68 -27.01 -33.02 -8.84
C ASP A 68 -26.38 -32.74 -10.20
N PRO A 69 -26.80 -31.75 -10.99
CA PRO A 69 -26.13 -31.53 -12.28
C PRO A 69 -24.65 -31.16 -12.16
N LEU A 70 -24.18 -30.78 -10.97
CA LEU A 70 -22.77 -30.46 -10.80
C LEU A 70 -21.92 -31.68 -10.50
N LEU A 71 -22.52 -32.85 -10.29
CA LEU A 71 -21.74 -34.02 -9.93
C LEU A 71 -20.72 -34.44 -10.98
N PRO A 72 -21.00 -34.41 -12.28
CA PRO A 72 -20.00 -34.89 -13.26
C PRO A 72 -18.94 -33.89 -13.67
N VAL A 73 -19.02 -32.62 -13.24
CA VAL A 73 -18.04 -31.63 -13.70
C VAL A 73 -16.66 -31.99 -13.18
N ARG A 74 -15.64 -31.78 -14.00
CA ARG A 74 -14.30 -32.20 -13.63
C ARG A 74 -13.26 -31.10 -13.71
N SER A 75 -13.40 -30.15 -14.64
CA SER A 75 -12.43 -29.07 -14.75
C SER A 75 -13.14 -27.75 -15.07
N TRP A 76 -12.44 -26.65 -14.77
CA TRP A 76 -13.00 -25.31 -14.93
C TRP A 76 -11.85 -24.31 -14.89
N SER A 77 -12.16 -23.08 -15.28
CA SER A 77 -11.20 -21.98 -15.28
C SER A 77 -11.39 -21.01 -14.12
N TYR A 78 -12.65 -20.81 -13.71
CA TYR A 78 -12.97 -20.08 -12.48
C TYR A 78 -14.34 -20.56 -12.04
N ILE A 79 -14.74 -20.13 -10.84
CA ILE A 79 -15.99 -20.58 -10.23
C ILE A 79 -16.89 -19.37 -10.05
N VAL A 80 -18.15 -19.52 -10.46
CA VAL A 80 -19.13 -18.43 -10.41
C VAL A 80 -20.25 -18.83 -9.47
N GLU A 81 -20.42 -18.05 -8.41
CA GLU A 81 -21.63 -18.07 -7.60
C GLU A 81 -22.51 -16.89 -8.02
N THR A 82 -23.80 -17.02 -7.77
CA THR A 82 -24.76 -15.97 -8.05
C THR A 82 -25.34 -15.41 -6.76
N PRO A 83 -26.05 -14.29 -6.83
CA PRO A 83 -26.76 -13.81 -5.62
C PRO A 83 -27.80 -14.78 -5.07
N ASN A 84 -28.17 -15.82 -5.83
CA ASN A 84 -29.13 -16.81 -5.36
C ASN A 84 -28.49 -18.17 -5.07
N SER A 85 -27.17 -18.20 -4.89
CA SER A 85 -26.48 -19.44 -4.52
C SER A 85 -26.75 -19.71 -3.04
N GLU A 86 -27.96 -20.20 -2.77
CA GLU A 86 -28.44 -20.40 -1.41
C GLU A 86 -28.46 -21.86 -0.97
N ASN A 87 -28.43 -22.81 -1.90
CA ASN A 87 -28.49 -24.23 -1.56
C ASN A 87 -27.10 -24.70 -1.19
N GLY A 88 -26.84 -24.80 0.11
CA GLY A 88 -25.58 -25.31 0.60
C GLY A 88 -25.78 -26.39 1.64
N ILE A 89 -25.76 -25.97 2.91
CA ILE A 89 -26.04 -26.86 4.03
C ILE A 89 -27.55 -27.02 4.14
N CYS A 90 -28.06 -28.22 3.88
CA CYS A 90 -29.51 -28.39 4.02
C CYS A 90 -29.90 -28.85 5.42
N TYR A 91 -29.10 -29.72 6.05
CA TYR A 91 -29.33 -30.06 7.46
C TYR A 91 -28.56 -29.08 8.33
N PRO A 92 -29.21 -28.32 9.20
CA PRO A 92 -28.56 -27.17 9.82
C PRO A 92 -27.37 -27.55 10.70
N GLY A 93 -26.39 -26.65 10.73
CA GLY A 93 -25.21 -26.86 11.53
C GLY A 93 -24.12 -25.89 11.14
N ASP A 94 -22.88 -26.27 11.45
CA ASP A 94 -21.71 -25.44 11.17
C ASP A 94 -20.78 -26.19 10.23
N PHE A 95 -20.44 -25.54 9.11
CA PHE A 95 -19.36 -26.00 8.23
C PHE A 95 -18.06 -25.42 8.77
N ILE A 96 -17.24 -26.27 9.39
CA ILE A 96 -16.04 -25.81 10.09
C ILE A 96 -14.95 -25.48 9.08
N ASP A 97 -14.31 -24.33 9.28
CA ASP A 97 -13.26 -23.82 8.37
C ASP A 97 -13.73 -23.80 6.92
N TYR A 98 -14.95 -23.31 6.72
CA TYR A 98 -15.54 -23.25 5.39
C TYR A 98 -14.83 -22.24 4.50
N GLU A 99 -14.49 -21.08 5.06
CA GLU A 99 -13.81 -20.04 4.27
C GLU A 99 -12.43 -20.51 3.83
N GLU A 100 -11.75 -21.27 4.68
CA GLU A 100 -10.47 -21.84 4.29
C GLU A 100 -10.62 -22.86 3.18
N LEU A 101 -11.70 -23.64 3.20
CA LEU A 101 -11.95 -24.59 2.13
C LEU A 101 -12.23 -23.87 0.80
N ARG A 102 -12.97 -22.76 0.86
CA ARG A 102 -13.17 -21.96 -0.35
C ARG A 102 -11.85 -21.40 -0.87
N GLU A 103 -11.00 -20.92 0.03
CA GLU A 103 -9.68 -20.43 -0.39
C GLU A 103 -8.86 -21.54 -1.02
N GLN A 104 -8.98 -22.77 -0.50
CA GLN A 104 -8.29 -23.91 -1.08
C GLN A 104 -8.80 -24.21 -2.48
N LEU A 105 -10.12 -24.22 -2.65
CA LEU A 105 -10.69 -24.51 -3.96
C LEU A 105 -10.32 -23.45 -4.98
N SER A 106 -10.05 -22.22 -4.51
CA SER A 106 -9.63 -21.16 -5.42
C SER A 106 -8.36 -21.48 -6.18
N SER A 107 -7.60 -22.50 -5.78
CA SER A 107 -6.39 -22.88 -6.52
C SER A 107 -6.50 -24.29 -7.09
N VAL A 108 -7.71 -24.83 -7.23
CA VAL A 108 -7.94 -26.13 -7.84
C VAL A 108 -8.41 -25.90 -9.27
N SER A 109 -7.75 -26.55 -10.23
CA SER A 109 -8.15 -26.45 -11.63
C SER A 109 -9.04 -27.59 -12.07
N SER A 110 -8.88 -28.76 -11.47
CA SER A 110 -9.72 -29.92 -11.77
C SER A 110 -9.66 -30.88 -10.59
N PHE A 111 -10.62 -31.81 -10.56
CA PHE A 111 -10.53 -32.90 -9.62
C PHE A 111 -11.25 -34.12 -10.17
N GLU A 112 -11.08 -35.24 -9.48
CA GLU A 112 -11.79 -36.48 -9.78
C GLU A 112 -12.63 -36.82 -8.56
N ARG A 113 -13.96 -36.78 -8.74
CA ARG A 113 -14.87 -37.28 -7.71
C ARG A 113 -14.88 -38.80 -7.77
N PHE A 114 -14.55 -39.45 -6.65
CA PHE A 114 -14.45 -40.90 -6.62
C PHE A 114 -15.02 -41.43 -5.31
N GLU A 115 -15.46 -42.68 -5.35
CA GLU A 115 -16.10 -43.34 -4.21
C GLU A 115 -15.02 -43.80 -3.23
N ILE A 116 -14.90 -43.13 -2.10
CA ILE A 116 -13.87 -43.48 -1.13
C ILE A 116 -14.33 -44.63 -0.25
N PHE A 117 -15.61 -44.68 0.10
CA PHE A 117 -16.20 -45.77 0.86
C PHE A 117 -17.50 -46.20 0.18
N PRO A 118 -17.45 -47.21 -0.69
CA PRO A 118 -18.67 -47.66 -1.37
C PRO A 118 -19.78 -48.01 -0.40
N LYS A 119 -21.00 -47.63 -0.76
CA LYS A 119 -22.14 -47.73 0.15
C LYS A 119 -22.48 -49.18 0.46
N GLU A 120 -22.53 -50.04 -0.55
CA GLU A 120 -23.03 -51.39 -0.39
C GLU A 120 -22.01 -52.36 0.20
N SER A 121 -20.81 -51.91 0.54
CA SER A 121 -19.79 -52.85 0.97
C SER A 121 -18.87 -52.37 2.08
N SER A 122 -18.94 -51.10 2.49
N SER A 122 -18.93 -51.10 2.50
CA SER A 122 -18.04 -50.59 3.52
CA SER A 122 -18.03 -50.60 3.53
C SER A 122 -18.65 -50.66 4.93
C SER A 122 -18.64 -50.62 4.92
N TRP A 123 -19.96 -50.72 5.05
CA TRP A 123 -20.65 -50.71 6.34
C TRP A 123 -21.65 -51.85 6.43
N PRO A 124 -21.17 -53.10 6.48
CA PRO A 124 -22.09 -54.24 6.54
C PRO A 124 -22.94 -54.27 7.80
N ASN A 125 -22.39 -53.84 8.94
CA ASN A 125 -23.07 -53.96 10.23
C ASN A 125 -23.82 -52.70 10.62
N HIS A 126 -24.12 -51.81 9.67
CA HIS A 126 -24.84 -50.59 9.95
C HIS A 126 -25.85 -50.33 8.85
N ASN A 127 -26.87 -49.56 9.18
CA ASN A 127 -27.82 -49.11 8.17
C ASN A 127 -27.27 -47.84 7.51
N THR A 128 -27.45 -47.74 6.19
CA THR A 128 -26.92 -46.64 5.40
C THR A 128 -28.03 -45.85 4.69
N ASN A 129 -29.27 -46.03 5.12
CA ASN A 129 -30.43 -45.51 4.43
C ASN A 129 -30.96 -44.22 5.04
N GLY A 130 -30.28 -43.67 6.04
CA GLY A 130 -30.73 -42.46 6.69
C GLY A 130 -30.94 -41.30 5.74
N VAL A 131 -32.15 -40.74 5.74
CA VAL A 131 -32.47 -39.54 4.97
C VAL A 131 -33.21 -38.58 5.89
N THR A 132 -33.37 -37.35 5.41
CA THR A 132 -34.00 -36.29 6.18
C THR A 132 -34.86 -35.45 5.25
N ALA A 133 -35.91 -34.85 5.84
CA ALA A 133 -36.77 -33.94 5.09
C ALA A 133 -36.13 -32.57 4.92
N ALA A 134 -35.13 -32.25 5.73
CA ALA A 134 -34.37 -31.01 5.52
C ALA A 134 -33.62 -31.04 4.20
N CYS A 135 -33.19 -32.21 3.74
CA CYS A 135 -32.53 -32.34 2.45
C CYS A 135 -33.46 -33.02 1.45
N SER A 136 -34.59 -32.38 1.15
CA SER A 136 -35.58 -32.93 0.24
C SER A 136 -35.06 -32.98 -1.18
N HIS A 137 -35.55 -33.96 -1.94
CA HIS A 137 -35.28 -34.07 -3.37
C HIS A 137 -36.52 -34.57 -4.07
N GLU A 138 -37.09 -33.73 -4.93
CA GLU A 138 -38.29 -34.05 -5.71
C GLU A 138 -39.44 -34.46 -4.79
N GLY A 139 -39.55 -33.78 -3.64
CA GLY A 139 -40.64 -33.98 -2.71
C GLY A 139 -40.33 -34.92 -1.57
N LYS A 140 -39.47 -35.92 -1.79
CA LYS A 140 -39.21 -36.94 -0.80
C LYS A 140 -37.97 -36.60 0.03
N SER A 141 -37.92 -37.15 1.23
CA SER A 141 -36.76 -36.98 2.08
C SER A 141 -35.54 -37.63 1.43
N SER A 142 -34.40 -36.97 1.54
CA SER A 142 -33.20 -37.45 0.85
C SER A 142 -31.98 -37.08 1.70
N PHE A 143 -30.80 -37.12 1.11
CA PHE A 143 -29.58 -36.82 1.84
C PHE A 143 -28.49 -36.41 0.86
N TYR A 144 -27.35 -35.99 1.40
CA TYR A 144 -26.22 -35.58 0.59
C TYR A 144 -25.74 -36.72 -0.29
N ARG A 145 -25.26 -36.36 -1.48
CA ARG A 145 -24.81 -37.38 -2.43
C ARG A 145 -23.41 -37.91 -2.11
N ASN A 146 -22.59 -37.14 -1.39
CA ASN A 146 -21.22 -37.53 -1.10
C ASN A 146 -21.03 -38.05 0.32
N LEU A 147 -22.07 -38.05 1.14
CA LEU A 147 -22.00 -38.51 2.52
C LEU A 147 -23.04 -39.60 2.76
N LEU A 148 -22.86 -40.32 3.87
CA LEU A 148 -23.71 -41.46 4.20
C LEU A 148 -24.08 -41.39 5.67
N TRP A 149 -25.38 -41.35 5.97
CA TRP A 149 -25.86 -41.33 7.34
C TRP A 149 -25.88 -42.74 7.90
N LEU A 150 -24.91 -43.07 8.75
CA LEU A 150 -24.84 -44.39 9.36
C LEU A 150 -25.73 -44.45 10.59
N THR A 151 -26.56 -45.49 10.67
CA THR A 151 -27.46 -45.67 11.80
C THR A 151 -27.44 -47.12 12.27
N GLU A 152 -28.02 -47.34 13.44
CA GLU A 152 -28.06 -48.68 14.03
C GLU A 152 -28.75 -49.67 13.10
N LYS A 153 -28.28 -50.91 13.14
CA LYS A 153 -28.85 -52.00 12.37
C LYS A 153 -29.29 -53.10 13.32
N GLU A 154 -30.58 -53.41 13.32
CA GLU A 154 -31.15 -54.47 14.16
C GLU A 154 -30.84 -54.22 15.64
N GLY A 155 -30.99 -52.97 16.08
CA GLY A 155 -30.84 -52.61 17.47
C GLY A 155 -29.43 -52.44 17.97
N SER A 156 -28.43 -52.56 17.10
CA SER A 156 -27.03 -52.43 17.52
C SER A 156 -26.28 -51.49 16.59
N TYR A 157 -25.38 -50.70 17.16
CA TYR A 157 -24.42 -49.90 16.40
C TYR A 157 -23.04 -50.33 16.88
N PRO A 158 -22.45 -51.35 16.26
CA PRO A 158 -21.12 -51.79 16.69
C PRO A 158 -20.06 -50.74 16.38
N LYS A 159 -18.99 -50.78 17.15
CA LYS A 159 -17.86 -49.90 16.91
C LYS A 159 -17.27 -50.19 15.55
N LEU A 160 -17.21 -49.17 14.70
CA LEU A 160 -16.68 -49.28 13.35
C LEU A 160 -15.30 -48.64 13.28
N LYS A 161 -14.47 -49.19 12.40
CA LYS A 161 -13.15 -48.65 12.11
C LYS A 161 -12.86 -48.94 10.64
N ASN A 162 -12.78 -47.89 9.82
CA ASN A 162 -12.56 -48.03 8.39
C ASN A 162 -11.46 -47.09 7.94
N SER A 163 -10.73 -47.50 6.92
CA SER A 163 -9.56 -46.78 6.47
C SER A 163 -9.56 -46.64 4.96
N TYR A 164 -8.83 -45.63 4.48
CA TYR A 164 -8.59 -45.46 3.06
C TYR A 164 -7.16 -45.00 2.86
N VAL A 165 -6.46 -45.66 1.94
CA VAL A 165 -5.09 -45.30 1.56
C VAL A 165 -5.16 -44.53 0.26
N ASN A 166 -4.60 -43.31 0.25
CA ASN A 166 -4.63 -42.44 -0.92
C ASN A 166 -3.64 -42.95 -1.96
N LYS A 167 -4.17 -43.60 -3.00
CA LYS A 167 -3.36 -44.08 -4.12
C LYS A 167 -3.53 -43.22 -5.36
N LYS A 168 -4.05 -42.01 -5.21
CA LYS A 168 -4.35 -41.16 -6.35
C LYS A 168 -3.14 -40.36 -6.84
N GLY A 169 -2.04 -40.37 -6.11
CA GLY A 169 -0.92 -39.51 -6.45
C GLY A 169 -1.19 -38.02 -6.32
N LYS A 170 -2.33 -37.66 -5.71
CA LYS A 170 -2.73 -36.26 -5.55
C LYS A 170 -3.41 -36.11 -4.20
N GLU A 171 -3.48 -34.86 -3.73
CA GLU A 171 -4.27 -34.55 -2.54
C GLU A 171 -5.69 -35.06 -2.71
N VAL A 172 -6.27 -35.59 -1.64
CA VAL A 172 -7.67 -35.99 -1.68
C VAL A 172 -8.42 -35.23 -0.60
N LEU A 173 -9.42 -34.47 -1.02
CA LEU A 173 -10.28 -33.74 -0.09
C LEU A 173 -11.34 -34.68 0.44
N VAL A 174 -11.31 -34.93 1.75
CA VAL A 174 -12.29 -35.78 2.41
C VAL A 174 -13.18 -34.91 3.29
N LEU A 175 -14.49 -35.06 3.14
CA LEU A 175 -15.48 -34.37 3.95
C LEU A 175 -16.30 -35.38 4.73
N TRP A 176 -16.66 -35.02 5.96
CA TRP A 176 -17.54 -35.85 6.78
C TRP A 176 -18.39 -34.95 7.67
N GLY A 177 -19.29 -35.57 8.42
CA GLY A 177 -20.16 -34.84 9.31
C GLY A 177 -20.28 -35.52 10.66
N ILE A 178 -20.74 -34.75 11.64
CA ILE A 178 -21.02 -35.22 12.98
C ILE A 178 -22.43 -34.76 13.33
N HIS A 179 -23.30 -35.71 13.69
CA HIS A 179 -24.68 -35.42 14.02
C HIS A 179 -24.83 -35.22 15.52
N HIS A 180 -25.54 -34.17 15.91
CA HIS A 180 -25.85 -33.87 17.31
C HIS A 180 -27.36 -33.85 17.48
N PRO A 181 -27.95 -34.93 18.00
CA PRO A 181 -29.40 -35.02 18.12
C PRO A 181 -29.93 -34.04 19.16
N PRO A 182 -31.25 -33.75 19.12
CA PRO A 182 -31.82 -32.82 20.09
C PRO A 182 -32.10 -33.41 21.46
N ASN A 183 -32.26 -34.73 21.59
CA ASN A 183 -32.59 -35.34 22.88
C ASN A 183 -31.95 -36.72 22.99
N SER A 184 -31.90 -37.22 24.22
CA SER A 184 -31.30 -38.54 24.48
C SER A 184 -32.03 -39.64 23.74
N LYS A 185 -33.36 -39.52 23.61
CA LYS A 185 -34.14 -40.58 22.99
C LYS A 185 -33.79 -40.73 21.52
N GLU A 186 -33.62 -39.62 20.80
CA GLU A 186 -33.20 -39.73 19.40
C GLU A 186 -31.80 -40.30 19.29
N GLN A 187 -30.90 -39.90 20.18
CA GLN A 187 -29.55 -40.47 20.20
C GLN A 187 -29.60 -41.99 20.32
N GLN A 188 -30.41 -42.48 21.26
CA GLN A 188 -30.53 -43.93 21.46
C GLN A 188 -31.17 -44.58 20.24
N ASN A 189 -32.27 -44.01 19.73
CA ASN A 189 -32.96 -44.61 18.61
C ASN A 189 -32.09 -44.68 17.35
N LEU A 190 -31.22 -43.69 17.13
CA LEU A 190 -30.39 -43.65 15.94
C LEU A 190 -29.11 -44.46 16.07
N TYR A 191 -28.41 -44.32 17.20
CA TYR A 191 -27.08 -44.90 17.35
C TYR A 191 -26.96 -45.85 18.54
N GLN A 192 -28.00 -45.97 19.37
CA GLN A 192 -28.08 -46.95 20.46
C GLN A 192 -26.85 -46.96 21.36
N ASN A 193 -26.11 -45.86 21.39
CA ASN A 193 -24.98 -45.69 22.29
C ASN A 193 -25.02 -44.26 22.80
N GLU A 194 -25.24 -44.08 24.11
CA GLU A 194 -25.39 -42.75 24.65
C GLU A 194 -24.04 -42.05 24.88
N ASN A 195 -22.96 -42.80 25.00
CA ASN A 195 -21.63 -42.22 25.12
C ASN A 195 -20.84 -42.45 23.84
N ALA A 196 -21.32 -41.87 22.74
CA ALA A 196 -20.71 -42.09 21.44
C ALA A 196 -19.54 -41.12 21.22
N TYR A 197 -18.68 -41.48 20.27
CA TYR A 197 -17.55 -40.65 19.89
C TYR A 197 -17.17 -40.97 18.46
N VAL A 198 -16.49 -40.02 17.82
CA VAL A 198 -15.94 -40.21 16.48
C VAL A 198 -14.48 -39.77 16.52
N SER A 199 -13.62 -40.53 15.86
CA SER A 199 -12.22 -40.19 15.75
C SER A 199 -11.83 -40.23 14.28
N VAL A 200 -11.20 -39.16 13.80
CA VAL A 200 -10.72 -39.07 12.43
C VAL A 200 -9.23 -38.75 12.52
N VAL A 201 -8.40 -39.63 11.95
CA VAL A 201 -6.96 -39.45 12.03
C VAL A 201 -6.31 -39.68 10.67
N THR A 202 -5.28 -38.90 10.39
CA THR A 202 -4.33 -39.19 9.31
C THR A 202 -2.94 -39.11 9.92
N SER A 203 -1.91 -39.06 9.08
CA SER A 203 -0.56 -38.86 9.60
C SER A 203 -0.34 -37.45 10.11
N ASN A 204 -1.12 -36.47 9.63
CA ASN A 204 -0.97 -35.09 10.09
C ASN A 204 -2.30 -34.47 10.53
N TYR A 205 -3.36 -35.26 10.64
CA TYR A 205 -4.64 -34.81 11.15
C TYR A 205 -5.07 -35.71 12.29
N ASN A 206 -5.67 -35.11 13.33
CA ASN A 206 -5.98 -35.85 14.56
C ASN A 206 -7.11 -35.10 15.26
N ARG A 207 -8.34 -35.62 15.16
CA ARG A 207 -9.46 -34.97 15.84
C ARG A 207 -10.44 -36.01 16.37
N ARG A 208 -11.03 -35.68 17.51
CA ARG A 208 -12.08 -36.49 18.12
C ARG A 208 -13.30 -35.61 18.37
N PHE A 209 -14.48 -36.20 18.15
CA PHE A 209 -15.76 -35.51 18.20
C PHE A 209 -16.67 -36.25 19.18
N THR A 210 -17.41 -35.48 19.98
CA THR A 210 -18.38 -36.06 20.90
C THR A 210 -19.72 -35.35 20.70
N PRO A 211 -20.81 -36.11 20.66
CA PRO A 211 -22.13 -35.50 20.43
C PRO A 211 -22.52 -34.57 21.57
N GLU A 212 -23.18 -33.48 21.21
CA GLU A 212 -23.71 -32.51 22.17
C GLU A 212 -25.22 -32.50 22.01
N ILE A 213 -25.91 -33.16 22.94
CA ILE A 213 -27.35 -33.31 22.87
C ILE A 213 -28.01 -32.15 23.60
N ALA A 214 -28.92 -31.46 22.90
CA ALA A 214 -29.69 -30.36 23.47
C ALA A 214 -30.74 -29.95 22.45
N GLU A 215 -31.82 -29.36 22.94
CA GLU A 215 -32.85 -28.85 22.05
C GLU A 215 -32.43 -27.49 21.51
N ARG A 216 -32.40 -27.37 20.19
CA ARG A 216 -32.10 -26.13 19.52
C ARG A 216 -33.36 -25.56 18.87
N PRO A 217 -33.41 -24.25 18.64
CA PRO A 217 -34.48 -23.69 17.80
C PRO A 217 -34.53 -24.39 16.45
N LYS A 218 -35.74 -24.49 15.92
CA LYS A 218 -35.95 -25.25 14.68
C LYS A 218 -35.39 -24.48 13.49
N VAL A 219 -34.44 -25.10 12.80
CA VAL A 219 -33.94 -24.62 11.51
C VAL A 219 -34.30 -25.68 10.48
N ARG A 220 -35.01 -25.26 9.43
CA ARG A 220 -35.55 -26.17 8.42
C ARG A 220 -36.22 -27.37 9.08
N ASP A 221 -37.03 -27.08 10.12
CA ASP A 221 -37.79 -28.08 10.86
C ASP A 221 -36.91 -29.12 11.55
N GLN A 222 -35.68 -28.74 11.91
CA GLN A 222 -34.75 -29.65 12.57
C GLN A 222 -34.28 -29.02 13.88
N ALA A 223 -34.47 -29.75 14.98
CA ALA A 223 -33.94 -29.34 16.27
C ALA A 223 -32.54 -29.89 16.54
N GLY A 224 -32.11 -30.89 15.79
CA GLY A 224 -30.74 -31.35 15.86
C GLY A 224 -29.83 -30.47 15.01
N ARG A 225 -28.53 -30.73 15.13
CA ARG A 225 -27.53 -30.01 14.36
C ARG A 225 -26.58 -31.02 13.72
N MET A 226 -25.86 -30.55 12.71
CA MET A 226 -24.87 -31.38 12.01
C MET A 226 -23.68 -30.51 11.66
N ASN A 227 -22.51 -30.84 12.20
CA ASN A 227 -21.29 -30.10 11.91
C ASN A 227 -20.52 -30.82 10.80
N TYR A 228 -19.93 -30.04 9.90
CA TYR A 228 -19.26 -30.59 8.74
C TYR A 228 -17.77 -30.27 8.80
N TYR A 229 -16.95 -31.28 8.55
CA TYR A 229 -15.50 -31.16 8.65
C TYR A 229 -14.87 -31.68 7.36
N TRP A 230 -13.62 -31.28 7.15
CA TRP A 230 -12.89 -31.71 5.97
C TRP A 230 -11.41 -31.74 6.30
N THR A 231 -10.67 -32.49 5.48
CA THR A 231 -9.22 -32.47 5.55
C THR A 231 -8.66 -32.83 4.19
N LEU A 232 -7.38 -32.54 4.02
CA LEU A 232 -6.64 -32.91 2.82
C LEU A 232 -5.74 -34.10 3.17
N LEU A 233 -5.98 -35.23 2.51
CA LEU A 233 -5.17 -36.42 2.66
C LEU A 233 -4.02 -36.35 1.66
N LYS A 234 -2.79 -36.43 2.17
CA LYS A 234 -1.61 -36.35 1.33
C LYS A 234 -1.43 -37.63 0.53
N PRO A 235 -0.78 -37.56 -0.63
CA PRO A 235 -0.57 -38.76 -1.44
C PRO A 235 0.18 -39.84 -0.67
N GLY A 236 -0.36 -41.06 -0.70
CA GLY A 236 0.21 -42.17 0.02
C GLY A 236 -0.21 -42.28 1.48
N ASP A 237 -0.87 -41.26 2.02
CA ASP A 237 -1.28 -41.29 3.42
C ASP A 237 -2.60 -42.05 3.58
N THR A 238 -2.92 -42.37 4.83
CA THR A 238 -4.11 -43.12 5.18
C THR A 238 -5.00 -42.28 6.09
N ILE A 239 -6.30 -42.30 5.84
CA ILE A 239 -7.27 -41.71 6.74
C ILE A 239 -8.05 -42.84 7.41
N ILE A 240 -8.28 -42.69 8.73
CA ILE A 240 -8.99 -43.69 9.52
C ILE A 240 -10.14 -43.03 10.24
N PHE A 241 -11.34 -43.58 10.06
CA PHE A 241 -12.56 -43.20 10.77
C PHE A 241 -12.90 -44.30 11.77
N GLU A 242 -13.08 -43.90 13.03
CA GLU A 242 -13.46 -44.84 14.09
C GLU A 242 -14.64 -44.23 14.83
N ALA A 243 -15.69 -45.02 15.06
CA ALA A 243 -16.86 -44.43 15.69
C ALA A 243 -17.71 -45.51 16.35
N ASN A 244 -18.55 -45.07 17.29
CA ASN A 244 -19.65 -45.91 17.77
C ASN A 244 -20.97 -45.14 17.75
N GLY A 245 -21.06 -44.12 16.91
CA GLY A 245 -22.26 -43.36 16.71
C GLY A 245 -21.97 -42.01 16.08
N ASN A 246 -23.01 -41.40 15.52
CA ASN A 246 -23.08 -40.00 15.15
C ASN A 246 -22.18 -39.59 13.99
N LEU A 247 -21.59 -40.54 13.28
CA LEU A 247 -20.70 -40.22 12.16
C LEU A 247 -21.51 -40.15 10.87
N ILE A 248 -21.42 -39.02 10.18
CA ILE A 248 -21.93 -38.90 8.81
C ILE A 248 -20.72 -39.21 7.91
N ALA A 249 -20.62 -40.47 7.51
CA ALA A 249 -19.40 -40.96 6.89
C ALA A 249 -19.21 -40.38 5.49
N PRO A 250 -17.96 -40.31 5.01
CA PRO A 250 -17.73 -39.96 3.61
C PRO A 250 -18.09 -41.13 2.70
N MET A 251 -18.65 -40.80 1.55
CA MET A 251 -18.88 -41.78 0.50
C MET A 251 -18.12 -41.46 -0.77
N TYR A 252 -18.10 -40.20 -1.18
CA TYR A 252 -17.31 -39.74 -2.32
C TYR A 252 -16.30 -38.71 -1.84
N ALA A 253 -15.11 -38.72 -2.45
CA ALA A 253 -14.05 -37.77 -2.17
C ALA A 253 -13.53 -37.21 -3.48
N PHE A 254 -12.65 -36.21 -3.38
CA PHE A 254 -12.15 -35.46 -4.53
C PHE A 254 -10.63 -35.51 -4.57
N ALA A 255 -10.06 -36.05 -5.65
CA ALA A 255 -8.63 -36.00 -5.88
C ALA A 255 -8.31 -34.71 -6.62
N LEU A 256 -7.64 -33.77 -5.94
CA LEU A 256 -7.49 -32.42 -6.44
C LEU A 256 -6.23 -32.28 -7.30
N SER A 257 -6.36 -31.50 -8.37
CA SER A 257 -5.23 -31.03 -9.16
C SER A 257 -5.16 -29.51 -9.07
N ARG A 258 -3.97 -28.99 -8.77
CA ARG A 258 -3.80 -27.57 -8.52
C ARG A 258 -3.49 -26.82 -9.81
N GLY A 259 -3.85 -25.55 -9.83
CA GLY A 259 -3.59 -24.68 -10.97
C GLY A 259 -3.38 -23.25 -10.51
N PHE A 260 -3.06 -22.39 -11.48
CA PHE A 260 -2.78 -20.98 -11.22
C PHE A 260 -3.86 -20.11 -11.86
N GLY A 261 -4.16 -19.00 -11.20
CA GLY A 261 -4.96 -17.95 -11.80
C GLY A 261 -6.47 -18.10 -11.69
N SER A 262 -6.96 -19.07 -10.93
CA SER A 262 -8.40 -19.24 -10.79
C SER A 262 -8.90 -18.46 -9.57
N GLY A 263 -10.20 -18.54 -9.33
CA GLY A 263 -10.81 -17.86 -8.21
C GLY A 263 -12.31 -18.03 -8.25
N ILE A 264 -12.95 -17.56 -7.18
CA ILE A 264 -14.40 -17.61 -7.04
C ILE A 264 -14.93 -16.19 -7.09
N ILE A 265 -15.88 -15.93 -7.98
CA ILE A 265 -16.52 -14.64 -8.07
C ILE A 265 -18.03 -14.81 -7.92
N THR A 266 -18.68 -13.73 -7.53
CA THR A 266 -20.13 -13.63 -7.49
C THR A 266 -20.56 -12.71 -8.63
N SER A 267 -21.48 -13.17 -9.46
CA SER A 267 -21.87 -12.33 -10.59
C SER A 267 -23.28 -12.67 -11.07
N ASN A 268 -23.94 -11.63 -11.57
CA ASN A 268 -25.31 -11.68 -12.08
C ASN A 268 -25.37 -11.88 -13.59
N ALA A 269 -24.22 -11.91 -14.27
CA ALA A 269 -24.18 -11.98 -15.72
C ALA A 269 -24.40 -13.41 -16.21
N SER A 270 -24.68 -13.53 -17.50
CA SER A 270 -24.97 -14.82 -18.10
C SER A 270 -23.77 -15.35 -18.88
N MET A 271 -23.72 -16.67 -19.03
CA MET A 271 -22.69 -17.33 -19.80
C MET A 271 -23.03 -17.28 -21.29
N HIS A 272 -22.05 -16.92 -22.10
CA HIS A 272 -22.15 -16.97 -23.56
C HIS A 272 -21.03 -17.86 -24.09
N GLU A 273 -21.10 -18.19 -25.37
CA GLU A 273 -19.97 -18.85 -26.03
C GLU A 273 -19.04 -17.76 -26.54
N CYS A 274 -18.05 -17.46 -25.73
CA CYS A 274 -17.23 -16.25 -25.68
C CYS A 274 -15.92 -16.58 -25.01
N ASN A 275 -14.84 -16.05 -25.54
CA ASN A 275 -13.51 -16.33 -25.01
C ASN A 275 -12.84 -15.02 -24.65
N THR A 276 -12.16 -14.98 -23.50
CA THR A 276 -11.55 -13.75 -23.02
C THR A 276 -10.24 -14.08 -22.31
N LYS A 277 -9.44 -13.02 -22.11
CA LYS A 277 -8.29 -13.07 -21.22
C LYS A 277 -8.53 -12.36 -19.90
N CYS A 278 -9.64 -11.63 -19.77
CA CYS A 278 -9.94 -10.87 -18.58
C CYS A 278 -11.43 -10.93 -18.32
N GLN A 279 -11.82 -11.43 -17.15
CA GLN A 279 -13.22 -11.58 -16.77
C GLN A 279 -13.48 -10.84 -15.46
N THR A 280 -14.52 -10.01 -15.44
CA THR A 280 -15.00 -9.37 -14.23
C THR A 280 -16.42 -9.85 -13.95
N PRO A 281 -16.91 -9.68 -12.72
CA PRO A 281 -18.31 -10.06 -12.44
C PRO A 281 -19.32 -9.32 -13.28
N LEU A 282 -18.93 -8.23 -13.93
CA LEU A 282 -19.85 -7.51 -14.80
C LEU A 282 -19.71 -7.91 -16.27
N GLY A 283 -18.62 -8.53 -16.66
CA GLY A 283 -18.42 -8.88 -18.06
C GLY A 283 -16.94 -9.01 -18.37
N ALA A 284 -16.69 -9.44 -19.60
CA ALA A 284 -15.31 -9.66 -20.05
C ALA A 284 -14.73 -8.36 -20.62
N ILE A 285 -13.43 -8.23 -20.47
CA ILE A 285 -12.69 -7.08 -20.99
C ILE A 285 -11.73 -7.58 -22.06
N ASN A 286 -11.69 -6.87 -23.19
CA ASN A 286 -10.77 -7.14 -24.29
C ASN A 286 -10.08 -5.80 -24.58
N SER A 287 -8.94 -5.58 -23.94
CA SER A 287 -8.32 -4.26 -23.96
C SER A 287 -6.83 -4.38 -23.72
N SER A 288 -6.07 -3.47 -24.33
CA SER A 288 -4.65 -3.31 -24.04
C SER A 288 -4.37 -2.03 -23.25
N LEU A 289 -5.41 -1.35 -22.77
CA LEU A 289 -5.23 -0.16 -21.98
C LEU A 289 -4.73 -0.52 -20.58
N PRO A 290 -3.98 0.39 -19.94
CA PRO A 290 -3.39 0.06 -18.63
C PRO A 290 -4.37 0.11 -17.45
N TYR A 291 -5.45 0.88 -17.54
CA TYR A 291 -6.39 1.02 -16.44
C TYR A 291 -7.80 0.64 -16.89
N GLN A 292 -8.64 0.29 -15.91
CA GLN A 292 -10.07 0.08 -16.11
C GLN A 292 -10.82 0.55 -14.88
N ASN A 293 -12.06 0.99 -15.09
CA ASN A 293 -12.93 1.38 -13.99
C ASN A 293 -14.20 0.53 -13.94
N ILE A 294 -14.10 -0.72 -14.38
CA ILE A 294 -15.26 -1.59 -14.48
C ILE A 294 -15.53 -2.32 -13.17
N HIS A 295 -14.52 -3.01 -12.63
CA HIS A 295 -14.73 -3.75 -11.39
C HIS A 295 -13.40 -4.10 -10.76
N PRO A 296 -13.26 -3.96 -9.44
CA PRO A 296 -12.00 -4.38 -8.79
C PRO A 296 -11.74 -5.88 -8.82
N VAL A 297 -12.77 -6.70 -8.98
CA VAL A 297 -12.60 -8.15 -8.99
C VAL A 297 -12.32 -8.60 -10.42
N THR A 298 -11.16 -9.19 -10.65
CA THR A 298 -10.74 -9.58 -11.98
C THR A 298 -10.16 -10.99 -11.97
N ILE A 299 -10.32 -11.67 -13.11
CA ILE A 299 -9.78 -13.00 -13.33
C ILE A 299 -9.01 -12.98 -14.65
N GLY A 300 -7.77 -13.44 -14.62
CA GLY A 300 -6.96 -13.52 -15.81
C GLY A 300 -5.90 -12.44 -15.87
N GLU A 301 -5.72 -11.84 -17.04
CA GLU A 301 -4.78 -10.75 -17.25
C GLU A 301 -5.58 -9.50 -17.58
N CYS A 302 -5.69 -8.59 -16.62
CA CYS A 302 -6.62 -7.47 -16.71
C CYS A 302 -5.89 -6.15 -16.52
N PRO A 303 -6.49 -5.05 -16.97
CA PRO A 303 -5.97 -3.73 -16.61
C PRO A 303 -6.17 -3.46 -15.13
N LYS A 304 -5.43 -2.47 -14.63
CA LYS A 304 -5.49 -2.13 -13.22
C LYS A 304 -6.75 -1.32 -12.91
N TYR A 305 -7.48 -1.73 -11.89
CA TYR A 305 -8.71 -1.04 -11.53
C TYR A 305 -8.41 0.26 -10.81
N VAL A 306 -9.14 1.31 -11.19
CA VAL A 306 -9.05 2.61 -10.54
C VAL A 306 -10.45 3.20 -10.44
N ARG A 307 -10.62 4.16 -9.54
CA ARG A 307 -11.89 4.83 -9.36
C ARG A 307 -12.10 5.98 -10.34
N SER A 308 -11.16 6.23 -11.24
CA SER A 308 -11.21 7.39 -12.10
C SER A 308 -12.38 7.31 -13.07
N ALA A 309 -12.98 8.47 -13.34
CA ALA A 309 -13.99 8.58 -14.39
C ALA A 309 -13.40 8.89 -15.75
N LYS A 310 -12.15 9.34 -15.82
CA LYS A 310 -11.55 9.75 -17.09
C LYS A 310 -10.04 9.84 -16.93
N LEU A 311 -9.31 9.18 -17.84
CA LEU A 311 -7.85 9.25 -17.92
C LEU A 311 -7.50 9.46 -19.39
N ARG A 312 -7.34 10.71 -19.80
CA ARG A 312 -7.07 11.04 -21.19
C ARG A 312 -5.74 11.78 -21.28
N MET A 313 -4.79 11.21 -22.03
CA MET A 313 -3.51 11.86 -22.26
C MET A 313 -3.56 12.65 -23.56
N VAL A 314 -3.14 13.91 -23.50
CA VAL A 314 -2.99 14.68 -24.73
C VAL A 314 -1.75 14.18 -25.47
N THR A 315 -1.89 13.99 -26.77
CA THR A 315 -0.76 13.66 -27.64
C THR A 315 -0.44 14.76 -28.63
N GLY A 316 -1.43 15.55 -29.04
CA GLY A 316 -1.27 16.64 -29.97
C GLY A 316 -1.22 17.99 -29.30
N LEU A 317 -1.69 19.01 -30.02
CA LEU A 317 -1.55 20.41 -29.64
C LEU A 317 -2.83 20.93 -28.99
N ARG A 318 -2.68 22.02 -28.25
CA ARG A 318 -3.84 22.83 -27.91
C ARG A 318 -4.53 23.27 -29.20
N ASN A 319 -5.83 23.02 -29.29
CA ASN A 319 -6.58 23.21 -30.53
C ASN A 319 -7.15 24.62 -30.56
N ILE A 320 -6.65 25.43 -31.49
CA ILE A 320 -7.07 26.82 -31.63
C ILE A 320 -7.39 27.10 -33.10
N PRO A 321 -8.58 26.71 -33.59
CA PRO A 321 -8.95 26.91 -35.00
C PRO A 321 -8.98 28.38 -35.41
N GLY B 1 1.67 28.94 -22.85
CA GLY B 1 2.70 27.94 -22.62
C GLY B 1 4.02 28.54 -22.19
N LEU B 2 4.93 27.68 -21.72
CA LEU B 2 6.19 28.14 -21.17
C LEU B 2 7.05 28.86 -22.20
N PHE B 3 6.92 28.50 -23.47
CA PHE B 3 7.80 29.01 -24.52
C PHE B 3 7.14 30.11 -25.36
N GLY B 4 5.88 30.42 -25.10
CA GLY B 4 5.26 31.62 -25.64
C GLY B 4 4.91 31.59 -27.11
N ALA B 5 4.95 30.43 -27.77
CA ALA B 5 4.62 30.37 -29.19
C ALA B 5 3.15 30.01 -29.40
N ILE B 6 2.76 28.79 -29.02
CA ILE B 6 1.38 28.36 -29.15
C ILE B 6 0.51 29.20 -28.23
N ALA B 7 -0.58 29.74 -28.78
CA ALA B 7 -1.43 30.71 -28.08
C ALA B 7 -0.63 31.90 -27.56
N GLY B 8 0.53 32.17 -28.15
CA GLY B 8 1.38 33.27 -27.75
C GLY B 8 1.59 34.25 -28.88
N PHE B 9 2.84 34.43 -29.31
CA PHE B 9 3.08 35.33 -30.44
C PHE B 9 2.63 34.72 -31.76
N ILE B 10 2.22 33.46 -31.77
CA ILE B 10 1.49 32.84 -32.87
C ILE B 10 0.10 32.56 -32.33
N GLU B 11 -0.87 33.40 -32.69
CA GLU B 11 -2.10 33.49 -31.92
C GLU B 11 -3.02 32.29 -32.12
N GLY B 12 -2.93 31.62 -33.26
CA GLY B 12 -3.84 30.51 -33.51
C GLY B 12 -3.19 29.45 -34.38
N GLY B 13 -3.92 28.33 -34.52
CA GLY B 13 -3.48 27.24 -35.36
C GLY B 13 -4.07 27.32 -36.76
N TRP B 14 -3.63 26.39 -37.61
CA TRP B 14 -3.99 26.37 -39.02
C TRP B 14 -4.81 25.12 -39.32
N THR B 15 -6.11 25.30 -39.55
CA THR B 15 -6.94 24.19 -40.00
C THR B 15 -6.56 23.73 -41.41
N GLY B 16 -5.99 24.63 -42.22
CA GLY B 16 -5.60 24.29 -43.58
C GLY B 16 -4.34 23.46 -43.71
N MET B 17 -3.58 23.31 -42.62
CA MET B 17 -2.38 22.46 -42.61
C MET B 17 -2.78 21.14 -41.96
N ILE B 18 -3.19 20.18 -42.78
CA ILE B 18 -3.79 18.94 -42.30
C ILE B 18 -2.79 17.79 -42.21
N ASP B 19 -1.55 17.97 -42.67
CA ASP B 19 -0.62 16.85 -42.80
C ASP B 19 0.52 16.92 -41.79
N GLY B 20 0.40 17.73 -40.75
CA GLY B 20 1.47 17.82 -39.77
C GLY B 20 1.15 18.70 -38.58
N TRP B 21 1.79 18.40 -37.44
CA TRP B 21 1.58 19.20 -36.24
C TRP B 21 2.17 20.60 -36.38
N TYR B 22 3.34 20.70 -37.00
CA TYR B 22 4.00 21.97 -37.22
C TYR B 22 4.30 22.12 -38.71
N GLY B 23 4.46 23.37 -39.14
CA GLY B 23 4.78 23.60 -40.54
C GLY B 23 4.79 25.07 -40.89
N TYR B 24 4.60 25.34 -42.18
CA TYR B 24 4.82 26.67 -42.75
C TYR B 24 3.65 27.09 -43.60
N HIS B 25 3.50 28.40 -43.75
CA HIS B 25 2.65 28.98 -44.78
C HIS B 25 3.50 29.87 -45.66
N HIS B 26 3.41 29.67 -46.98
CA HIS B 26 4.16 30.42 -47.97
C HIS B 26 3.23 31.30 -48.79
N GLN B 27 3.79 32.42 -49.27
CA GLN B 27 3.05 33.36 -50.11
C GLN B 27 4.07 34.07 -50.99
N ASN B 28 4.24 33.58 -52.22
CA ASN B 28 5.03 34.27 -53.24
C ASN B 28 4.14 34.47 -54.46
N GLU B 29 4.67 35.03 -55.55
CA GLU B 29 3.82 35.25 -56.72
C GLU B 29 3.50 33.96 -57.45
N GLN B 30 4.23 32.86 -57.21
CA GLN B 30 3.79 31.55 -57.66
C GLN B 30 2.55 31.06 -56.93
N GLY B 31 2.21 31.65 -55.78
CA GLY B 31 0.97 31.34 -55.12
C GLY B 31 1.13 31.27 -53.62
N SER B 32 0.14 30.67 -52.98
CA SER B 32 0.00 30.60 -51.54
C SER B 32 -0.17 29.15 -51.11
N GLY B 33 0.07 28.87 -49.84
CA GLY B 33 -0.34 27.58 -49.30
C GLY B 33 0.52 27.11 -48.16
N TYR B 34 0.13 25.96 -47.62
CA TYR B 34 0.75 25.37 -46.43
C TYR B 34 1.70 24.25 -46.80
N ALA B 35 2.69 24.03 -45.91
CA ALA B 35 3.69 22.98 -46.07
C ALA B 35 4.01 22.42 -44.68
N ALA B 36 3.50 21.23 -44.39
CA ALA B 36 3.78 20.63 -43.09
C ALA B 36 5.25 20.23 -42.98
N ASP B 37 5.82 20.39 -41.79
CA ASP B 37 7.17 19.91 -41.51
C ASP B 37 7.05 18.47 -41.06
N GLN B 38 7.38 17.54 -41.96
CA GLN B 38 7.12 16.14 -41.70
C GLN B 38 8.18 15.51 -40.78
N LYS B 39 9.43 15.96 -40.84
CA LYS B 39 10.44 15.35 -40.00
C LYS B 39 10.29 15.76 -38.54
N SER B 40 9.98 17.03 -38.28
CA SER B 40 9.77 17.45 -36.91
C SER B 40 8.49 16.85 -36.35
N THR B 41 7.45 16.73 -37.19
CA THR B 41 6.22 16.06 -36.75
C THR B 41 6.50 14.59 -36.44
N GLN B 42 7.34 13.94 -37.25
CA GLN B 42 7.67 12.54 -37.00
C GLN B 42 8.49 12.39 -35.73
N ASN B 43 9.44 13.31 -35.49
CA ASN B 43 10.20 13.28 -34.25
C ASN B 43 9.29 13.45 -33.03
N ALA B 44 8.36 14.41 -33.12
CA ALA B 44 7.41 14.61 -32.03
C ALA B 44 6.55 13.37 -31.81
N ILE B 45 6.12 12.73 -32.92
CA ILE B 45 5.31 11.52 -32.80
C ILE B 45 6.10 10.40 -32.15
N ASN B 46 7.39 10.28 -32.48
CA ASN B 46 8.23 9.28 -31.84
C ASN B 46 8.34 9.53 -30.34
N GLY B 47 8.59 10.78 -29.96
CA GLY B 47 8.69 11.10 -28.54
C GLY B 47 7.40 10.81 -27.79
N ILE B 48 6.27 11.25 -28.33
CA ILE B 48 4.99 11.06 -27.64
C ILE B 48 4.59 9.58 -27.63
N THR B 49 4.94 8.83 -28.68
CA THR B 49 4.72 7.38 -28.66
C THR B 49 5.51 6.73 -27.53
N ASN B 50 6.78 7.12 -27.40
CA ASN B 50 7.58 6.62 -26.28
C ASN B 50 6.93 6.95 -24.94
N LYS B 51 6.38 8.16 -24.81
CA LYS B 51 5.76 8.55 -23.53
C LYS B 51 4.53 7.68 -23.21
N VAL B 52 3.64 7.52 -24.19
CA VAL B 52 2.44 6.72 -23.96
C VAL B 52 2.82 5.27 -23.65
N ASN B 53 3.76 4.72 -24.42
CA ASN B 53 4.18 3.35 -24.17
C ASN B 53 4.87 3.22 -22.83
N THR B 54 5.52 4.28 -22.35
CA THR B 54 6.13 4.26 -21.02
C THR B 54 5.07 4.12 -19.94
N VAL B 55 4.01 4.92 -20.02
CA VAL B 55 2.91 4.76 -19.07
C VAL B 55 2.38 3.33 -19.11
N ILE B 56 2.05 2.86 -20.31
CA ILE B 56 1.42 1.54 -20.46
C ILE B 56 2.33 0.44 -19.91
N GLU B 57 3.62 0.50 -20.19
CA GLU B 57 4.52 -0.56 -19.76
C GLU B 57 4.85 -0.46 -18.28
N LYS B 58 4.79 0.73 -17.69
CA LYS B 58 4.96 0.83 -16.25
C LYS B 58 3.78 0.24 -15.50
N MET B 59 2.60 0.21 -16.11
CA MET B 59 1.47 -0.35 -15.38
C MET B 59 1.44 -1.89 -15.36
N ASN B 60 2.18 -2.57 -16.24
CA ASN B 60 2.25 -4.03 -16.24
C ASN B 60 0.89 -4.68 -16.52
N ILE B 61 0.57 -5.79 -15.87
CA ILE B 61 -0.74 -6.44 -15.99
C ILE B 61 -1.23 -6.83 -14.61
N GLN B 62 -2.54 -6.73 -14.41
CA GLN B 62 -3.18 -7.08 -13.14
C GLN B 62 -3.71 -8.51 -13.25
N PHE B 63 -3.04 -9.43 -12.56
CA PHE B 63 -3.43 -10.83 -12.59
C PHE B 63 -4.62 -11.06 -11.64
N THR B 64 -5.04 -12.32 -11.52
CA THR B 64 -6.27 -12.65 -10.81
C THR B 64 -6.27 -12.07 -9.40
N ALA B 65 -7.34 -11.34 -9.09
CA ALA B 65 -7.50 -10.72 -7.78
C ALA B 65 -8.99 -10.74 -7.44
N VAL B 66 -9.37 -11.58 -6.49
CA VAL B 66 -10.77 -11.77 -6.13
C VAL B 66 -10.94 -11.46 -4.64
N GLY B 67 -12.20 -11.35 -4.23
CA GLY B 67 -12.49 -11.17 -2.83
C GLY B 67 -12.27 -12.45 -2.04
N LYS B 68 -12.23 -12.28 -0.73
CA LYS B 68 -12.13 -13.41 0.20
C LYS B 68 -13.32 -13.37 1.14
N GLU B 69 -13.55 -14.49 1.80
CA GLU B 69 -14.67 -14.63 2.72
C GLU B 69 -14.18 -14.84 4.14
N PHE B 70 -14.96 -14.32 5.09
CA PHE B 70 -14.64 -14.40 6.51
C PHE B 70 -15.90 -14.72 7.28
N ASN B 71 -15.78 -15.55 8.32
CA ASN B 71 -16.96 -15.90 9.10
C ASN B 71 -17.29 -14.78 10.09
N LYS B 72 -18.39 -14.97 10.82
CA LYS B 72 -18.91 -13.91 11.69
C LYS B 72 -17.97 -13.56 12.83
N LEU B 73 -17.01 -14.42 13.15
CA LEU B 73 -16.04 -14.13 14.19
C LEU B 73 -14.69 -13.67 13.62
N GLU B 74 -14.66 -13.25 12.36
CA GLU B 74 -13.44 -12.79 11.71
C GLU B 74 -13.62 -11.37 11.18
N LYS B 75 -14.32 -10.54 11.95
CA LYS B 75 -14.61 -9.18 11.50
C LYS B 75 -13.35 -8.33 11.41
N ARG B 76 -12.40 -8.53 12.32
CA ARG B 76 -11.16 -7.76 12.28
C ARG B 76 -10.35 -8.07 11.03
N MET B 77 -10.21 -9.36 10.72
CA MET B 77 -9.53 -9.78 9.50
C MET B 77 -10.24 -9.27 8.26
N GLU B 78 -11.57 -9.32 8.27
CA GLU B 78 -12.35 -8.79 7.15
C GLU B 78 -12.07 -7.31 6.93
N ASN B 79 -12.09 -6.53 8.01
CA ASN B 79 -11.84 -5.10 7.89
C ASN B 79 -10.40 -4.81 7.53
N LEU B 80 -9.46 -5.66 7.93
CA LEU B 80 -8.07 -5.47 7.50
C LEU B 80 -7.92 -5.73 6.01
N ASN B 81 -8.57 -6.77 5.50
CA ASN B 81 -8.59 -7.01 4.05
C ASN B 81 -9.20 -5.82 3.31
N LYS B 82 -10.30 -5.28 3.83
CA LYS B 82 -10.91 -4.10 3.22
C LYS B 82 -9.97 -2.91 3.25
N LYS B 83 -9.28 -2.70 4.37
CA LYS B 83 -8.34 -1.58 4.47
C LYS B 83 -7.22 -1.73 3.45
N VAL B 84 -6.71 -2.94 3.27
CA VAL B 84 -5.64 -3.17 2.29
C VAL B 84 -6.13 -2.87 0.89
N ASP B 85 -7.29 -3.42 0.51
CA ASP B 85 -7.82 -3.21 -0.82
C ASP B 85 -8.07 -1.72 -1.08
N ASP B 86 -8.71 -1.04 -0.13
CA ASP B 86 -9.05 0.36 -0.30
C ASP B 86 -7.81 1.24 -0.37
N GLY B 87 -6.80 0.94 0.44
CA GLY B 87 -5.58 1.72 0.39
C GLY B 87 -4.84 1.58 -0.93
N PHE B 88 -4.68 0.34 -1.40
CA PHE B 88 -4.05 0.15 -2.70
C PHE B 88 -4.82 0.85 -3.81
N LEU B 89 -6.17 0.78 -3.76
CA LEU B 89 -6.98 1.43 -4.78
C LEU B 89 -6.82 2.95 -4.73
N ASP B 90 -6.83 3.53 -3.53
CA ASP B 90 -6.56 4.95 -3.37
C ASP B 90 -5.25 5.33 -4.03
N ILE B 91 -4.19 4.59 -3.72
CA ILE B 91 -2.86 4.94 -4.20
C ILE B 91 -2.79 4.85 -5.72
N TRP B 92 -3.37 3.81 -6.31
CA TRP B 92 -3.25 3.65 -7.75
C TRP B 92 -4.13 4.66 -8.49
N THR B 93 -5.31 4.97 -7.95
CA THR B 93 -6.12 6.03 -8.56
C THR B 93 -5.39 7.36 -8.54
N TYR B 94 -4.80 7.70 -7.39
CA TYR B 94 -4.03 8.95 -7.28
C TYR B 94 -2.85 8.96 -8.25
N ASN B 95 -2.10 7.87 -8.30
CA ASN B 95 -0.93 7.79 -9.19
C ASN B 95 -1.33 7.99 -10.64
N ALA B 96 -2.36 7.26 -11.09
CA ALA B 96 -2.81 7.37 -12.48
C ALA B 96 -3.22 8.79 -12.81
N GLU B 97 -4.12 9.37 -12.00
CA GLU B 97 -4.65 10.68 -12.33
C GLU B 97 -3.56 11.74 -12.34
N LEU B 98 -2.68 11.71 -11.33
CA LEU B 98 -1.65 12.74 -11.24
C LEU B 98 -0.61 12.58 -12.34
N LEU B 99 -0.22 11.34 -12.67
CA LEU B 99 0.71 11.13 -13.76
C LEU B 99 0.15 11.67 -15.07
N VAL B 100 -1.14 11.41 -15.33
CA VAL B 100 -1.75 11.91 -16.56
C VAL B 100 -1.74 13.43 -16.59
N LEU B 101 -2.08 14.08 -15.48
CA LEU B 101 -2.07 15.54 -15.45
C LEU B 101 -0.68 16.10 -15.72
N LEU B 102 0.33 15.59 -15.01
CA LEU B 102 1.69 16.11 -15.15
C LEU B 102 2.20 15.93 -16.56
N GLU B 103 1.98 14.74 -17.14
CA GLU B 103 2.49 14.50 -18.48
C GLU B 103 1.70 15.29 -19.51
N ASN B 104 0.42 15.58 -19.27
CA ASN B 104 -0.32 16.46 -20.17
C ASN B 104 0.31 17.85 -20.23
N GLU B 105 0.62 18.41 -19.06
CA GLU B 105 1.30 19.71 -19.03
C GLU B 105 2.61 19.66 -19.79
N ARG B 106 3.41 18.62 -19.53
CA ARG B 106 4.70 18.50 -20.20
C ARG B 106 4.54 18.35 -21.72
N THR B 107 3.50 17.65 -22.16
CA THR B 107 3.30 17.44 -23.59
C THR B 107 2.96 18.75 -24.28
N LEU B 108 2.06 19.54 -23.69
CA LEU B 108 1.73 20.83 -24.27
C LEU B 108 2.97 21.73 -24.35
N ASP B 109 3.78 21.74 -23.29
CA ASP B 109 5.01 22.54 -23.32
C ASP B 109 6.01 22.02 -24.36
N PHE B 110 6.06 20.70 -24.56
CA PHE B 110 6.95 20.11 -25.56
C PHE B 110 6.59 20.60 -26.96
N HIS B 111 5.30 20.59 -27.27
CA HIS B 111 4.85 21.11 -28.56
C HIS B 111 5.15 22.61 -28.71
N ASP B 112 4.89 23.38 -27.65
CA ASP B 112 5.19 24.81 -27.66
C ASP B 112 6.67 25.05 -27.98
N SER B 113 7.54 24.28 -27.31
CA SER B 113 8.98 24.36 -27.56
C SER B 113 9.31 24.07 -29.01
N ASN B 114 8.70 23.03 -29.58
CA ASN B 114 8.99 22.68 -30.97
C ASN B 114 8.64 23.82 -31.92
N VAL B 115 7.48 24.46 -31.72
CA VAL B 115 7.10 25.58 -32.57
C VAL B 115 8.08 26.74 -32.41
N LYS B 116 8.44 27.06 -31.16
CA LYS B 116 9.39 28.14 -30.92
C LYS B 116 10.73 27.88 -31.59
N ASN B 117 11.22 26.64 -31.51
CA ASN B 117 12.52 26.33 -32.09
C ASN B 117 12.46 26.37 -33.61
N LEU B 118 11.35 25.91 -34.21
CA LEU B 118 11.19 26.04 -35.66
C LEU B 118 11.27 27.50 -36.08
N TYR B 119 10.53 28.37 -35.40
CA TYR B 119 10.57 29.80 -35.68
C TYR B 119 11.99 30.34 -35.59
N GLU B 120 12.70 29.99 -34.51
CA GLU B 120 14.04 30.53 -34.30
C GLU B 120 15.02 30.04 -35.36
N LYS B 121 14.87 28.81 -35.85
CA LYS B 121 15.77 28.32 -36.88
C LYS B 121 15.52 29.02 -38.21
N VAL B 122 14.25 29.28 -38.55
CA VAL B 122 13.98 30.05 -39.76
C VAL B 122 14.57 31.45 -39.64
N LYS B 123 14.42 32.08 -38.47
CA LYS B 123 14.98 33.41 -38.26
C LYS B 123 16.50 33.39 -38.38
N SER B 124 17.15 32.40 -37.76
CA SER B 124 18.60 32.25 -37.86
C SER B 124 19.04 32.09 -39.31
N GLN B 125 18.23 31.42 -40.13
CA GLN B 125 18.61 31.27 -41.53
C GLN B 125 18.45 32.59 -42.29
N LEU B 126 17.34 33.30 -42.06
CA LEU B 126 17.03 34.46 -42.89
C LEU B 126 17.93 35.65 -42.54
N LYS B 127 18.17 35.89 -41.26
CA LYS B 127 18.99 37.02 -40.81
C LYS B 127 18.35 38.30 -41.36
N ASN B 128 19.10 39.21 -41.98
CA ASN B 128 18.55 40.49 -42.41
C ASN B 128 17.97 40.46 -43.82
N ASN B 129 17.96 39.32 -44.49
CA ASN B 129 17.28 39.21 -45.77
C ASN B 129 15.77 39.24 -45.63
N ALA B 130 15.25 39.26 -44.41
CA ALA B 130 13.80 39.33 -44.19
C ALA B 130 13.52 40.09 -42.90
N LYS B 131 12.28 40.57 -42.78
CA LYS B 131 11.82 41.33 -41.64
C LYS B 131 10.81 40.50 -40.84
N GLU B 132 10.80 40.71 -39.53
CA GLU B 132 9.83 40.07 -38.65
C GLU B 132 8.57 40.93 -38.57
N ILE B 133 7.46 40.44 -39.12
CA ILE B 133 6.22 41.18 -39.13
C ILE B 133 5.24 40.68 -38.07
N GLY B 134 5.74 39.97 -37.07
CA GLY B 134 4.89 39.43 -36.02
C GLY B 134 4.04 38.26 -36.49
N ASN B 135 3.35 37.66 -35.51
CA ASN B 135 2.45 36.53 -35.75
C ASN B 135 3.21 35.34 -36.33
N GLY B 136 4.51 35.25 -36.05
CA GLY B 136 5.31 34.16 -36.55
C GLY B 136 5.65 34.21 -38.02
N CYS B 137 5.38 35.32 -38.70
CA CYS B 137 5.61 35.43 -40.14
C CYS B 137 6.82 36.30 -40.42
N PHE B 138 7.55 35.95 -41.48
CA PHE B 138 8.65 36.75 -41.99
C PHE B 138 8.27 37.32 -43.35
N GLU B 139 8.86 38.45 -43.71
CA GLU B 139 8.64 39.07 -45.01
C GLU B 139 9.98 39.24 -45.69
N PHE B 140 10.16 38.58 -46.83
CA PHE B 140 11.44 38.60 -47.53
C PHE B 140 11.68 39.96 -48.15
N TYR B 141 12.93 40.42 -48.08
CA TYR B 141 13.37 41.61 -48.79
C TYR B 141 13.76 41.31 -50.24
N HIS B 142 13.35 40.17 -50.78
CA HIS B 142 13.72 39.78 -52.14
C HIS B 142 12.67 38.82 -52.68
N LYS B 143 12.92 38.32 -53.88
CA LYS B 143 12.07 37.32 -54.51
C LYS B 143 12.49 35.93 -54.04
N CYS B 144 11.54 35.18 -53.49
CA CYS B 144 11.78 33.84 -53.01
C CYS B 144 10.67 32.94 -53.54
N ASP B 145 11.02 32.11 -54.53
CA ASP B 145 10.03 31.25 -55.17
C ASP B 145 10.08 29.85 -54.55
N ASN B 146 9.28 28.94 -55.11
CA ASN B 146 8.89 27.74 -54.40
C ASN B 146 10.09 26.91 -53.95
N GLU B 147 11.14 26.86 -54.77
CA GLU B 147 12.32 26.10 -54.36
C GLU B 147 13.18 26.89 -53.37
N CYS B 148 13.14 28.22 -53.41
CA CYS B 148 13.73 29.01 -52.33
C CYS B 148 12.99 28.78 -51.01
N MET B 149 11.66 28.66 -51.08
CA MET B 149 10.89 28.35 -49.89
C MET B 149 11.25 26.97 -49.33
N GLU B 150 11.32 25.97 -50.22
CA GLU B 150 11.78 24.65 -49.78
C GLU B 150 13.19 24.71 -49.22
N SER B 151 14.02 25.61 -49.75
CA SER B 151 15.35 25.82 -49.20
C SER B 151 15.27 26.34 -47.76
N VAL B 152 14.28 27.17 -47.47
CA VAL B 152 14.10 27.61 -46.09
C VAL B 152 13.64 26.45 -45.21
N ARG B 153 12.72 25.63 -45.72
CA ARG B 153 12.18 24.54 -44.92
C ARG B 153 13.23 23.46 -44.65
N ASN B 154 14.00 23.10 -45.68
CA ASN B 154 14.94 21.99 -45.56
C ASN B 154 16.23 22.36 -44.83
N GLY B 155 16.39 23.62 -44.43
CA GLY B 155 17.59 24.05 -43.75
C GLY B 155 18.74 24.48 -44.66
N THR B 156 18.47 24.75 -45.93
CA THR B 156 19.50 25.04 -46.92
C THR B 156 19.33 26.43 -47.54
N TYR B 157 18.96 27.42 -46.73
CA TYR B 157 18.76 28.76 -47.28
C TYR B 157 20.10 29.40 -47.59
N ASP B 158 20.24 29.90 -48.82
CA ASP B 158 21.48 30.51 -49.28
C ASP B 158 21.40 32.02 -49.04
N TYR B 159 22.00 32.47 -47.94
CA TYR B 159 21.97 33.89 -47.61
C TYR B 159 22.76 34.75 -48.59
N PRO B 160 24.01 34.40 -48.96
CA PRO B 160 24.74 35.27 -49.91
C PRO B 160 24.08 35.38 -51.27
N LYS B 161 23.27 34.41 -51.67
CA LYS B 161 22.66 34.44 -53.00
C LYS B 161 21.65 35.58 -53.14
N TYR B 162 21.04 36.00 -52.04
CA TYR B 162 20.07 37.10 -52.06
C TYR B 162 20.52 38.29 -51.21
N SER B 163 21.71 38.21 -50.63
CA SER B 163 22.26 39.27 -49.78
C SER B 163 22.10 40.65 -50.43
N GLU B 164 22.67 40.83 -51.61
CA GLU B 164 22.76 42.15 -52.22
C GLU B 164 21.39 42.64 -52.69
N GLU B 165 20.62 41.77 -53.33
CA GLU B 165 19.27 42.13 -53.76
C GLU B 165 18.46 42.67 -52.60
N SER B 166 18.53 41.99 -51.45
CA SER B 166 17.72 42.40 -50.31
C SER B 166 18.30 43.60 -49.58
N LYS B 167 19.62 43.79 -49.57
CA LYS B 167 20.13 45.03 -49.01
C LYS B 167 19.75 46.22 -49.87
N LEU B 168 19.66 46.02 -51.20
CA LEU B 168 19.20 47.09 -52.06
C LEU B 168 17.74 47.41 -51.77
N ASN B 169 16.89 46.39 -51.63
CA ASN B 169 15.48 46.67 -51.39
C ASN B 169 15.21 47.12 -49.95
N ARG B 170 16.14 46.84 -49.02
CA ARG B 170 15.98 47.26 -47.64
C ARG B 170 16.26 48.74 -47.45
N GLU B 171 17.11 49.31 -48.30
CA GLU B 171 17.44 50.73 -48.30
C GLU B 171 17.93 51.21 -46.93
N ASP C 1 38.57 36.77 -35.55
CA ASP C 1 38.60 36.33 -34.16
C ASP C 1 37.22 35.86 -33.72
N THR C 2 37.17 34.70 -33.08
CA THR C 2 35.90 34.04 -32.76
C THR C 2 35.85 33.63 -31.30
N ILE C 3 34.64 33.64 -30.76
CA ILE C 3 34.33 32.99 -29.49
C ILE C 3 33.08 32.14 -29.72
N CYS C 4 33.12 30.89 -29.23
CA CYS C 4 32.00 29.98 -29.34
C CYS C 4 31.58 29.49 -27.96
N ILE C 5 30.30 29.16 -27.82
CA ILE C 5 29.76 28.61 -26.59
C ILE C 5 29.43 27.15 -26.86
N GLY C 6 29.85 26.27 -25.96
CA GLY C 6 29.60 24.86 -26.15
C GLY C 6 29.49 24.09 -24.85
N TYR C 7 29.46 22.76 -24.96
CA TYR C 7 29.21 21.92 -23.80
C TYR C 7 30.12 20.69 -23.86
N HIS C 8 30.20 20.01 -22.73
CA HIS C 8 31.14 18.93 -22.54
C HIS C 8 30.76 17.68 -23.32
N ALA C 9 31.77 16.93 -23.75
CA ALA C 9 31.62 15.60 -24.31
C ALA C 9 32.80 14.76 -23.86
N ASN C 10 32.58 13.46 -23.67
CA ASN C 10 33.64 12.60 -23.17
C ASN C 10 33.50 11.22 -23.81
N ASN C 11 34.19 10.23 -23.24
CA ASN C 11 34.17 8.87 -23.74
C ASN C 11 33.14 7.99 -23.04
N SER C 12 32.20 8.59 -22.32
CA SER C 12 31.24 7.79 -21.54
C SER C 12 30.30 7.03 -22.47
N THR C 13 30.02 5.79 -22.11
CA THR C 13 29.02 4.97 -22.78
C THR C 13 27.78 4.74 -21.90
N ASP C 14 27.70 5.41 -20.76
CA ASP C 14 26.54 5.30 -19.89
C ASP C 14 25.27 5.71 -20.64
N THR C 15 24.21 4.94 -20.45
CA THR C 15 22.91 5.22 -21.06
C THR C 15 21.84 5.31 -19.99
N VAL C 16 20.93 6.25 -20.16
CA VAL C 16 19.77 6.39 -19.29
C VAL C 16 18.52 6.43 -20.16
N ASP C 17 17.37 6.31 -19.52
CA ASP C 17 16.08 6.43 -20.18
C ASP C 17 15.38 7.70 -19.69
N THR C 18 14.59 8.29 -20.57
CA THR C 18 13.68 9.37 -20.24
C THR C 18 12.27 8.93 -20.63
N VAL C 19 11.32 9.84 -20.51
CA VAL C 19 9.97 9.50 -20.95
C VAL C 19 9.83 9.63 -22.46
N LEU C 20 10.50 10.61 -23.05
CA LEU C 20 10.46 10.82 -24.48
C LEU C 20 11.44 9.95 -25.26
N GLU C 21 12.47 9.42 -24.59
CA GLU C 21 13.55 8.75 -25.31
C GLU C 21 14.17 7.68 -24.43
N LYS C 22 14.61 6.59 -25.07
CA LYS C 22 15.32 5.51 -24.40
C LYS C 22 16.75 5.43 -24.91
N ASN C 23 17.65 4.93 -24.05
CA ASN C 23 19.07 4.73 -24.37
C ASN C 23 19.74 6.02 -24.83
N VAL C 24 19.58 7.08 -24.04
CA VAL C 24 20.33 8.31 -24.27
C VAL C 24 21.71 8.16 -23.64
N THR C 25 22.75 8.27 -24.44
CA THR C 25 24.11 8.23 -23.93
C THR C 25 24.45 9.58 -23.30
N VAL C 26 24.98 9.55 -22.09
CA VAL C 26 25.19 10.77 -21.32
C VAL C 26 26.61 10.80 -20.79
N THR C 27 27.11 12.01 -20.54
CA THR C 27 28.48 12.18 -20.08
C THR C 27 28.67 11.64 -18.67
N HIS C 28 27.69 11.86 -17.80
CA HIS C 28 27.82 11.48 -16.40
C HIS C 28 26.47 11.00 -15.87
N SER C 29 26.51 9.95 -15.06
CA SER C 29 25.32 9.39 -14.45
C SER C 29 25.73 8.66 -13.19
N VAL C 30 24.75 8.36 -12.34
CA VAL C 30 25.02 7.64 -11.10
C VAL C 30 23.97 6.55 -10.92
N ASN C 31 24.42 5.40 -10.44
CA ASN C 31 23.55 4.27 -10.20
C ASN C 31 22.89 4.43 -8.83
N LEU C 32 21.58 4.23 -8.76
CA LEU C 32 20.84 4.28 -7.51
C LEU C 32 20.39 2.90 -7.04
N LEU C 33 20.72 1.84 -7.78
CA LEU C 33 20.22 0.51 -7.52
C LEU C 33 21.38 -0.40 -7.13
N GLU C 34 21.37 -0.85 -5.88
CA GLU C 34 22.41 -1.77 -5.40
C GLU C 34 22.09 -3.19 -5.86
N ASP C 35 23.02 -3.80 -6.57
CA ASP C 35 22.87 -5.18 -7.03
C ASP C 35 24.02 -6.07 -6.58
N SER C 36 24.89 -5.57 -5.70
CA SER C 36 26.05 -6.32 -5.23
C SER C 36 25.90 -6.66 -3.76
N HIS C 37 26.13 -7.93 -3.43
CA HIS C 37 26.21 -8.41 -2.06
C HIS C 37 27.44 -9.28 -1.94
N ASN C 38 27.83 -9.58 -0.70
CA ASN C 38 29.06 -10.33 -0.46
C ASN C 38 28.85 -11.83 -0.42
N GLY C 39 27.61 -12.31 -0.48
CA GLY C 39 27.35 -13.74 -0.48
C GLY C 39 27.58 -14.44 0.83
N LYS C 40 27.67 -13.70 1.94
CA LYS C 40 28.00 -14.27 3.23
C LYS C 40 26.95 -13.90 4.27
N LEU C 41 26.77 -14.78 5.26
CA LEU C 41 26.11 -14.40 6.50
C LEU C 41 27.12 -13.71 7.39
N CYS C 42 26.74 -12.57 7.97
CA CYS C 42 27.66 -11.73 8.72
C CYS C 42 27.07 -11.40 10.08
N ARG C 43 27.94 -10.90 10.96
CA ARG C 43 27.47 -10.31 12.19
C ARG C 43 26.67 -9.04 11.90
N LEU C 44 25.72 -8.73 12.77
CA LEU C 44 24.90 -7.53 12.68
C LEU C 44 25.38 -6.58 13.77
N LYS C 45 26.18 -5.58 13.38
CA LYS C 45 26.75 -4.61 14.32
C LYS C 45 27.60 -5.31 15.39
N GLY C 46 28.31 -6.36 14.98
CA GLY C 46 29.23 -7.06 15.86
C GLY C 46 28.66 -8.29 16.53
N ILE C 47 27.36 -8.57 16.39
CA ILE C 47 26.71 -9.67 17.09
C ILE C 47 26.37 -10.74 16.07
N ALA C 48 26.88 -11.95 16.31
CA ALA C 48 26.72 -13.04 15.35
C ALA C 48 25.29 -13.58 15.39
N PRO C 49 24.79 -14.13 14.28
CA PRO C 49 23.46 -14.71 14.28
C PRO C 49 23.46 -16.09 14.93
N LEU C 50 22.25 -16.59 15.16
CA LEU C 50 22.06 -17.96 15.63
C LEU C 50 21.78 -18.84 14.42
N GLN C 51 22.67 -19.79 14.17
CA GLN C 51 22.54 -20.72 13.05
C GLN C 51 21.94 -22.01 13.57
N LEU C 52 20.71 -22.30 13.16
CA LEU C 52 20.04 -23.52 13.62
C LEU C 52 20.53 -24.76 12.88
N GLY C 53 21.11 -24.60 11.70
CA GLY C 53 21.68 -25.75 11.00
C GLY C 53 20.62 -26.74 10.57
N LYS C 54 20.79 -27.99 10.98
CA LYS C 54 19.86 -29.06 10.62
C LYS C 54 18.56 -29.02 11.42
N CYS C 55 18.46 -28.13 12.41
CA CYS C 55 17.28 -28.03 13.27
C CYS C 55 16.46 -26.79 12.92
N ASN C 56 15.20 -26.83 13.29
CA ASN C 56 14.32 -25.66 13.20
C ASN C 56 13.98 -25.19 14.61
N ILE C 57 13.16 -24.14 14.67
CA ILE C 57 12.81 -23.51 15.95
C ILE C 57 12.29 -24.54 16.94
N ALA C 58 11.48 -25.48 16.45
CA ALA C 58 10.88 -26.48 17.32
C ALA C 58 11.93 -27.40 17.94
N GLY C 59 12.80 -27.98 17.10
CA GLY C 59 13.86 -28.83 17.63
C GLY C 59 14.78 -28.09 18.58
N TRP C 60 14.97 -26.78 18.35
CA TRP C 60 15.85 -25.99 19.20
C TRP C 60 15.22 -25.78 20.57
N LEU C 61 13.96 -25.34 20.62
CA LEU C 61 13.34 -25.03 21.90
C LEU C 61 12.96 -26.29 22.68
N LEU C 62 12.55 -27.35 22.00
CA LEU C 62 12.19 -28.59 22.69
C LEU C 62 13.43 -29.35 23.16
N GLY C 63 14.54 -29.21 22.46
CA GLY C 63 15.74 -29.94 22.79
C GLY C 63 15.81 -31.26 22.06
N ASN C 64 15.51 -31.24 20.77
CA ASN C 64 15.70 -32.41 19.93
C ASN C 64 17.15 -32.90 20.08
N PRO C 65 17.37 -34.20 20.32
CA PRO C 65 18.73 -34.69 20.55
C PRO C 65 19.70 -34.39 19.41
N GLU C 66 19.20 -34.08 18.22
CA GLU C 66 20.07 -33.69 17.12
C GLU C 66 20.55 -32.25 17.23
N CYS C 67 20.02 -31.47 18.18
CA CYS C 67 20.31 -30.05 18.32
C CYS C 67 21.08 -29.75 19.61
N ASP C 68 21.78 -30.74 20.16
CA ASP C 68 22.54 -30.51 21.39
C ASP C 68 23.55 -29.38 21.29
N PRO C 69 24.25 -29.15 20.17
CA PRO C 69 25.15 -27.99 20.10
C PRO C 69 24.46 -26.66 20.37
N LEU C 70 23.14 -26.59 20.21
CA LEU C 70 22.41 -25.33 20.36
C LEU C 70 22.08 -24.99 21.81
N LEU C 71 22.33 -25.89 22.75
CA LEU C 71 21.84 -25.69 24.12
C LEU C 71 22.54 -24.56 24.88
N PRO C 72 23.85 -24.36 24.76
CA PRO C 72 24.49 -23.28 25.52
C PRO C 72 24.41 -21.91 24.88
N VAL C 73 23.74 -21.76 23.72
CA VAL C 73 23.65 -20.45 23.09
C VAL C 73 22.83 -19.53 23.97
N ARG C 74 23.19 -18.24 23.99
CA ARG C 74 22.49 -17.33 24.88
C ARG C 74 22.06 -16.03 24.21
N SER C 75 22.84 -15.50 23.27
CA SER C 75 22.46 -14.25 22.60
C SER C 75 22.74 -14.35 21.11
N TRP C 76 22.01 -13.54 20.34
CA TRP C 76 22.11 -13.56 18.88
C TRP C 76 21.50 -12.28 18.33
N SER C 77 21.83 -11.97 17.07
CA SER C 77 21.29 -10.81 16.38
C SER C 77 20.16 -11.16 15.42
N TYR C 78 20.18 -12.36 14.85
CA TYR C 78 19.08 -12.87 14.07
C TYR C 78 19.22 -14.38 13.99
N ILE C 79 18.15 -15.06 13.58
CA ILE C 79 18.10 -16.51 13.54
C ILE C 79 18.09 -16.95 12.08
N VAL C 80 18.94 -17.92 11.75
CA VAL C 80 19.05 -18.45 10.40
C VAL C 80 18.61 -19.90 10.41
N GLU C 81 17.55 -20.20 9.68
CA GLU C 81 17.21 -21.56 9.30
C GLU C 81 17.76 -21.83 7.90
N THR C 82 17.94 -23.10 7.58
CA THR C 82 18.41 -23.51 6.27
C THR C 82 17.32 -24.30 5.57
N PRO C 83 17.47 -24.57 4.27
CA PRO C 83 16.54 -25.51 3.61
C PRO C 83 16.57 -26.90 4.22
N ASN C 84 17.60 -27.23 4.99
CA ASN C 84 17.74 -28.55 5.61
C ASN C 84 17.32 -28.55 7.07
N SER C 85 16.63 -27.51 7.53
CA SER C 85 16.20 -27.42 8.93
C SER C 85 14.97 -28.29 9.14
N GLU C 86 15.22 -29.60 9.17
CA GLU C 86 14.15 -30.59 9.25
C GLU C 86 14.01 -31.24 10.62
N ASN C 87 15.04 -31.20 11.46
CA ASN C 87 14.97 -31.83 12.78
C ASN C 87 14.22 -30.89 13.72
N GLY C 88 12.95 -31.19 13.95
CA GLY C 88 12.13 -30.41 14.85
C GLY C 88 11.44 -31.29 15.88
N ILE C 89 10.18 -31.64 15.64
CA ILE C 89 9.49 -32.61 16.48
C ILE C 89 9.87 -34.01 15.99
N CYS C 90 10.47 -34.81 16.90
CA CYS C 90 10.83 -36.18 16.53
C CYS C 90 9.70 -37.17 16.80
N TYR C 91 8.99 -37.02 17.92
CA TYR C 91 7.81 -37.81 18.19
C TYR C 91 6.61 -37.13 17.56
N PRO C 92 5.85 -37.80 16.69
CA PRO C 92 4.88 -37.10 15.86
C PRO C 92 3.74 -36.50 16.66
N GLY C 93 3.23 -35.37 16.17
CA GLY C 93 2.12 -34.70 16.82
C GLY C 93 1.97 -33.29 16.28
N ASP C 94 1.33 -32.45 17.09
CA ASP C 94 1.02 -31.07 16.71
C ASP C 94 1.70 -30.12 17.67
N PHE C 95 2.45 -29.17 17.13
CA PHE C 95 3.00 -28.05 17.90
C PHE C 95 1.97 -26.94 17.84
N ILE C 96 1.21 -26.76 18.93
CA ILE C 96 0.09 -25.82 18.92
C ILE C 96 0.63 -24.40 18.96
N ASP C 97 0.08 -23.53 18.11
CA ASP C 97 0.46 -22.11 18.03
C ASP C 97 1.96 -21.95 17.77
N TYR C 98 2.49 -22.80 16.88
CA TYR C 98 3.92 -22.79 16.57
C TYR C 98 4.32 -21.52 15.85
N GLU C 99 3.51 -21.07 14.89
CA GLU C 99 3.85 -19.86 14.15
C GLU C 99 3.87 -18.65 15.06
N GLU C 100 2.97 -18.62 16.05
CA GLU C 100 2.98 -17.54 17.02
C GLU C 100 4.23 -17.58 17.89
N LEU C 101 4.71 -18.79 18.23
CA LEU C 101 5.95 -18.90 18.99
C LEU C 101 7.13 -18.40 18.17
N ARG C 102 7.15 -18.69 16.87
CA ARG C 102 8.22 -18.14 16.02
C ARG C 102 8.16 -16.62 15.97
N GLU C 103 6.95 -16.06 15.83
CA GLU C 103 6.81 -14.61 15.85
C GLU C 103 7.27 -14.02 17.19
N GLN C 104 7.04 -14.74 18.29
CA GLN C 104 7.53 -14.30 19.59
C GLN C 104 9.05 -14.30 19.65
N LEU C 105 9.68 -15.39 19.18
CA LEU C 105 11.13 -15.48 19.19
C LEU C 105 11.77 -14.43 18.30
N SER C 106 11.04 -13.94 17.30
CA SER C 106 11.59 -12.94 16.40
C SER C 106 11.93 -11.62 17.10
N SER C 107 11.43 -11.41 18.32
CA SER C 107 11.76 -10.20 19.07
C SER C 107 12.54 -10.51 20.34
N VAL C 108 13.19 -11.67 20.39
CA VAL C 108 14.00 -12.07 21.54
C VAL C 108 15.47 -11.94 21.15
N SER C 109 16.22 -11.18 21.92
CA SER C 109 17.63 -10.98 21.64
C SER C 109 18.52 -11.95 22.41
N SER C 110 18.09 -12.38 23.59
CA SER C 110 18.85 -13.34 24.38
C SER C 110 17.91 -14.06 25.34
N PHE C 111 18.36 -15.19 25.86
CA PHE C 111 17.62 -15.82 26.93
C PHE C 111 18.57 -16.63 27.81
N GLU C 112 18.02 -17.06 28.93
CA GLU C 112 18.70 -17.95 29.87
C GLU C 112 17.93 -19.26 29.88
N ARG C 113 18.56 -20.32 29.40
CA ARG C 113 18.02 -21.66 29.58
C ARG C 113 18.33 -22.11 31.01
N PHE C 114 17.29 -22.50 31.76
CA PHE C 114 17.48 -22.88 33.15
C PHE C 114 16.55 -24.04 33.51
N GLU C 115 16.95 -24.76 34.55
CA GLU C 115 16.21 -25.95 34.99
C GLU C 115 15.02 -25.49 35.83
N ILE C 116 13.81 -25.68 35.30
CA ILE C 116 12.61 -25.25 36.00
C ILE C 116 12.08 -26.33 36.93
N PHE C 117 12.20 -27.60 36.52
CA PHE C 117 11.83 -28.74 37.37
C PHE C 117 12.98 -29.74 37.30
N PRO C 118 13.93 -29.65 38.21
CA PRO C 118 15.07 -30.60 38.20
C PRO C 118 14.60 -32.04 38.20
N LYS C 119 15.25 -32.85 37.36
CA LYS C 119 14.80 -34.22 37.12
C LYS C 119 14.87 -35.06 38.39
N GLU C 120 16.00 -35.03 39.09
CA GLU C 120 16.24 -35.92 40.21
C GLU C 120 15.57 -35.48 41.51
N SER C 121 14.63 -34.55 41.48
CA SER C 121 14.11 -34.04 42.74
C SER C 121 12.66 -33.55 42.66
N SER C 122 12.16 -33.28 41.46
CA SER C 122 10.80 -32.77 41.31
C SER C 122 9.75 -33.86 41.23
N TRP C 123 10.13 -35.08 40.86
CA TRP C 123 9.19 -36.17 40.61
C TRP C 123 9.63 -37.43 41.35
N PRO C 124 9.54 -37.43 42.67
CA PRO C 124 9.98 -38.63 43.42
C PRO C 124 9.07 -39.83 43.24
N ASN C 125 7.78 -39.61 43.00
CA ASN C 125 6.81 -40.70 42.91
C ASN C 125 6.53 -41.13 41.47
N HIS C 126 7.34 -40.69 40.51
CA HIS C 126 7.16 -41.06 39.12
C HIS C 126 8.50 -41.42 38.50
N ASN C 127 8.47 -42.27 37.48
CA ASN C 127 9.66 -42.55 36.70
C ASN C 127 9.85 -41.45 35.66
N THR C 128 11.12 -41.10 35.42
CA THR C 128 11.46 -39.98 34.55
C THR C 128 12.36 -40.39 33.38
N ASN C 129 12.58 -41.69 33.19
CA ASN C 129 13.53 -42.19 32.21
C ASN C 129 12.88 -42.62 30.91
N GLY C 130 11.63 -42.24 30.68
CA GLY C 130 10.96 -42.59 29.45
C GLY C 130 11.66 -42.05 28.22
N VAL C 131 11.96 -42.94 27.28
CA VAL C 131 12.60 -42.57 26.02
C VAL C 131 11.81 -43.21 24.89
N THR C 132 12.13 -42.81 23.66
CA THR C 132 11.54 -43.43 22.50
C THR C 132 12.56 -43.48 21.36
N ALA C 133 12.29 -44.38 20.42
CA ALA C 133 13.10 -44.54 19.23
C ALA C 133 12.85 -43.46 18.19
N ALA C 134 11.71 -42.77 18.29
CA ALA C 134 11.46 -41.64 17.41
C ALA C 134 12.44 -40.51 17.66
N CYS C 135 12.94 -40.38 18.90
CA CYS C 135 13.93 -39.36 19.19
C CYS C 135 15.27 -39.99 19.46
N SER C 136 15.81 -40.66 18.44
CA SER C 136 17.09 -41.34 18.53
C SER C 136 18.22 -40.35 18.83
N HIS C 137 19.22 -40.85 19.56
CA HIS C 137 20.47 -40.14 19.76
C HIS C 137 21.61 -41.14 19.74
N GLU C 138 22.48 -41.02 18.72
CA GLU C 138 23.65 -41.88 18.54
C GLU C 138 23.24 -43.35 18.51
N GLY C 139 22.12 -43.63 17.84
CA GLY C 139 21.61 -44.98 17.68
C GLY C 139 20.65 -45.42 18.76
N LYS C 140 20.72 -44.85 19.95
CA LYS C 140 19.93 -45.32 21.07
C LYS C 140 18.64 -44.49 21.19
N SER C 141 17.63 -45.10 21.79
CA SER C 141 16.39 -44.39 22.06
C SER C 141 16.64 -43.30 23.10
N SER C 142 16.02 -42.14 22.90
CA SER C 142 16.26 -41.04 23.82
C SER C 142 15.04 -40.12 23.82
N PHE C 143 15.23 -38.87 24.22
CA PHE C 143 14.11 -37.96 24.39
C PHE C 143 14.62 -36.51 24.38
N TYR C 144 13.65 -35.59 24.37
CA TYR C 144 13.96 -34.17 24.35
C TYR C 144 14.75 -33.77 25.58
N ARG C 145 15.71 -32.85 25.39
CA ARG C 145 16.57 -32.42 26.49
C ARG C 145 15.88 -31.46 27.44
N ASN C 146 14.80 -30.80 27.00
CA ASN C 146 14.12 -29.82 27.82
C ASN C 146 12.83 -30.32 28.44
N LEU C 147 12.38 -31.51 28.05
CA LEU C 147 11.15 -32.10 28.57
C LEU C 147 11.47 -33.43 29.24
N LEU C 148 10.52 -33.91 30.04
CA LEU C 148 10.67 -35.13 30.82
C LEU C 148 9.41 -35.97 30.67
N TRP C 149 9.57 -37.20 30.19
CA TRP C 149 8.47 -38.14 30.01
C TRP C 149 8.21 -38.84 31.34
N LEU C 150 7.17 -38.41 32.05
CA LEU C 150 6.80 -39.02 33.33
C LEU C 150 5.97 -40.27 33.09
N THR C 151 6.34 -41.36 33.78
CA THR C 151 5.62 -42.62 33.65
C THR C 151 5.36 -43.23 35.03
N GLU C 152 4.57 -44.30 35.04
CA GLU C 152 4.20 -44.97 36.28
C GLU C 152 5.43 -45.44 37.04
N LYS C 153 5.33 -45.41 38.37
CA LYS C 153 6.39 -45.86 39.27
C LYS C 153 5.83 -46.97 40.16
N GLU C 154 6.41 -48.16 40.03
CA GLU C 154 6.01 -49.31 40.85
C GLU C 154 4.52 -49.62 40.71
N GLY C 155 3.99 -49.45 39.50
CA GLY C 155 2.61 -49.79 39.22
C GLY C 155 1.58 -48.73 39.54
N SER C 156 2.00 -47.54 39.99
CA SER C 156 1.07 -46.48 40.31
C SER C 156 1.56 -45.15 39.74
N TYR C 157 0.60 -44.33 39.33
CA TYR C 157 0.85 -42.96 38.87
C TYR C 157 0.01 -42.06 39.76
N PRO C 158 0.54 -41.60 40.89
CA PRO C 158 -0.24 -40.71 41.76
C PRO C 158 -0.48 -39.37 41.10
N LYS C 159 -1.56 -38.72 41.54
CA LYS C 159 -1.82 -37.34 41.13
C LYS C 159 -0.64 -36.46 41.56
N LEU C 160 -0.05 -35.77 40.59
CA LEU C 160 1.05 -34.85 40.84
C LEU C 160 0.55 -33.41 40.71
N LYS C 161 1.16 -32.53 41.50
CA LYS C 161 0.86 -31.11 41.46
C LYS C 161 2.14 -30.37 41.80
N ASN C 162 2.76 -29.76 40.79
CA ASN C 162 4.02 -29.06 40.97
C ASN C 162 3.90 -27.64 40.41
N SER C 163 4.60 -26.71 41.06
CA SER C 163 4.48 -25.31 40.69
C SER C 163 5.87 -24.68 40.60
N TYR C 164 5.93 -23.55 39.89
CA TYR C 164 7.15 -22.76 39.80
C TYR C 164 6.81 -21.29 39.81
N VAL C 165 7.50 -20.52 40.68
CA VAL C 165 7.33 -19.08 40.77
C VAL C 165 8.44 -18.42 39.98
N ASN C 166 8.07 -17.47 39.12
CA ASN C 166 9.02 -16.80 38.24
C ASN C 166 9.69 -15.68 39.01
N LYS C 167 10.94 -15.90 39.45
CA LYS C 167 11.75 -14.88 40.10
C LYS C 167 12.87 -14.38 39.21
N LYS C 168 12.76 -14.59 37.90
CA LYS C 168 13.80 -14.21 36.96
C LYS C 168 13.75 -12.74 36.55
N GLY C 169 12.68 -12.02 36.90
CA GLY C 169 12.52 -10.64 36.49
C GLY C 169 12.28 -10.51 35.00
N LYS C 170 12.01 -11.64 34.34
CA LYS C 170 11.78 -11.67 32.90
C LYS C 170 10.65 -12.64 32.61
N GLU C 171 10.04 -12.47 31.43
CA GLU C 171 9.14 -13.49 30.90
C GLU C 171 9.87 -14.81 30.84
N VAL C 172 9.17 -15.89 31.15
CA VAL C 172 9.74 -17.23 31.04
C VAL C 172 8.89 -18.06 30.09
N LEU C 173 9.50 -18.49 29.00
CA LEU C 173 8.87 -19.41 28.06
C LEU C 173 8.94 -20.81 28.64
N VAL C 174 7.77 -21.39 28.88
CA VAL C 174 7.63 -22.76 29.38
C VAL C 174 6.97 -23.59 28.31
N LEU C 175 7.57 -24.74 27.99
CA LEU C 175 7.04 -25.69 27.03
C LEU C 175 6.74 -27.01 27.72
N TRP C 176 5.64 -27.65 27.32
CA TRP C 176 5.32 -28.99 27.79
C TRP C 176 4.66 -29.77 26.66
N GLY C 177 4.33 -31.02 26.94
CA GLY C 177 3.67 -31.87 25.96
C GLY C 177 2.60 -32.72 26.60
N ILE C 178 1.72 -33.22 25.75
CA ILE C 178 0.64 -34.13 26.14
C ILE C 178 0.73 -35.36 25.24
N HIS C 179 0.77 -36.54 25.85
CA HIS C 179 0.92 -37.78 25.11
C HIS C 179 -0.44 -38.44 24.91
N HIS C 180 -0.69 -38.91 23.68
CA HIS C 180 -1.92 -39.63 23.32
C HIS C 180 -1.53 -41.01 22.80
N PRO C 181 -1.68 -42.05 23.62
CA PRO C 181 -1.27 -43.40 23.20
C PRO C 181 -2.18 -43.94 22.10
N PRO C 182 -1.74 -44.98 21.38
CA PRO C 182 -2.58 -45.56 20.33
C PRO C 182 -3.71 -46.46 20.84
N ASN C 183 -3.53 -47.06 22.02
CA ASN C 183 -4.53 -47.98 22.56
C ASN C 183 -4.52 -47.89 24.07
N SER C 184 -5.61 -48.38 24.69
CA SER C 184 -5.75 -48.24 26.13
C SER C 184 -4.80 -49.15 26.90
N LYS C 185 -4.27 -50.20 26.28
CA LYS C 185 -3.27 -51.01 26.96
C LYS C 185 -1.99 -50.22 27.17
N GLU C 186 -1.57 -49.45 26.17
CA GLU C 186 -0.41 -48.57 26.36
C GLU C 186 -0.73 -47.47 27.37
N GLN C 187 -1.94 -46.93 27.34
CA GLN C 187 -2.35 -45.94 28.34
C GLN C 187 -2.18 -46.49 29.75
N GLN C 188 -2.64 -47.72 29.98
CA GLN C 188 -2.55 -48.29 31.32
C GLN C 188 -1.12 -48.66 31.68
N ASN C 189 -0.37 -49.24 30.74
CA ASN C 189 1.02 -49.60 31.01
C ASN C 189 1.86 -48.38 31.35
N LEU C 190 1.60 -47.24 30.68
CA LEU C 190 2.45 -46.07 30.90
C LEU C 190 1.99 -45.24 32.09
N TYR C 191 0.68 -45.02 32.24
CA TYR C 191 0.17 -44.09 33.23
C TYR C 191 -0.77 -44.71 34.25
N GLN C 192 -1.13 -45.97 34.12
CA GLN C 192 -1.93 -46.71 35.12
C GLN C 192 -3.21 -45.97 35.52
N ASN C 193 -3.69 -45.07 34.66
CA ASN C 193 -4.95 -44.35 34.89
C ASN C 193 -5.61 -44.15 33.54
N GLU C 194 -6.82 -44.71 33.36
CA GLU C 194 -7.48 -44.67 32.07
C GLU C 194 -8.27 -43.39 31.83
N ASN C 195 -8.66 -42.68 32.87
CA ASN C 195 -9.32 -41.38 32.76
C ASN C 195 -8.35 -40.30 33.23
N ALA C 196 -7.26 -40.13 32.48
CA ALA C 196 -6.25 -39.18 32.89
C ALA C 196 -6.60 -37.78 32.42
N TYR C 197 -5.99 -36.79 33.06
CA TYR C 197 -6.14 -35.40 32.66
C TYR C 197 -4.85 -34.65 33.02
N VAL C 198 -4.64 -33.54 32.33
CA VAL C 198 -3.55 -32.61 32.63
C VAL C 198 -4.16 -31.22 32.75
N SER C 199 -3.69 -30.44 33.71
CA SER C 199 -4.15 -29.07 33.88
C SER C 199 -2.93 -28.19 34.06
N VAL C 200 -2.83 -27.16 33.22
CA VAL C 200 -1.74 -26.18 33.29
C VAL C 200 -2.38 -24.82 33.50
N VAL C 201 -2.00 -24.15 34.59
CA VAL C 201 -2.60 -22.86 34.91
C VAL C 201 -1.52 -21.85 35.31
N THR C 202 -1.79 -20.59 34.96
CA THR C 202 -1.03 -19.46 35.49
C THR C 202 -2.07 -18.43 35.92
N SER C 203 -1.62 -17.20 36.18
CA SER C 203 -2.57 -16.13 36.50
C SER C 203 -3.37 -15.70 35.27
N ASN C 204 -2.83 -15.88 34.07
CA ASN C 204 -3.54 -15.51 32.85
C ASN C 204 -3.59 -16.63 31.82
N TYR C 205 -3.26 -17.86 32.21
CA TYR C 205 -3.36 -19.03 31.36
C TYR C 205 -4.11 -20.12 32.12
N ASN C 206 -4.87 -20.93 31.37
CA ASN C 206 -5.81 -21.86 32.01
C ASN C 206 -6.24 -22.88 30.95
N ARG C 207 -5.62 -24.06 30.96
CA ARG C 207 -5.99 -25.08 29.99
C ARG C 207 -5.99 -26.46 30.64
N ARG C 208 -6.90 -27.30 30.16
CA ARG C 208 -6.98 -28.71 30.55
C ARG C 208 -6.88 -29.59 29.32
N PHE C 209 -6.18 -30.70 29.45
CA PHE C 209 -5.89 -31.63 28.37
C PHE C 209 -6.40 -33.01 28.74
N THR C 210 -6.96 -33.70 27.76
CA THR C 210 -7.49 -35.04 27.93
C THR C 210 -6.90 -35.93 26.84
N PRO C 211 -6.37 -37.10 27.19
CA PRO C 211 -5.80 -37.98 26.16
C PRO C 211 -6.87 -38.49 25.21
N GLU C 212 -6.51 -38.51 23.94
CA GLU C 212 -7.38 -39.02 22.87
C GLU C 212 -6.72 -40.30 22.34
N ILE C 213 -7.21 -41.43 22.80
CA ILE C 213 -6.62 -42.72 22.47
C ILE C 213 -7.29 -43.25 21.21
N ALA C 214 -6.47 -43.58 20.21
CA ALA C 214 -6.88 -44.20 18.96
C ALA C 214 -5.60 -44.51 18.18
N GLU C 215 -5.70 -45.46 17.25
CA GLU C 215 -4.54 -45.85 16.46
C GLU C 215 -4.46 -44.97 15.22
N ARG C 216 -3.33 -44.30 15.05
CA ARG C 216 -3.04 -43.42 13.94
C ARG C 216 -2.11 -44.12 12.96
N PRO C 217 -2.05 -43.67 11.71
CA PRO C 217 -0.99 -44.13 10.81
C PRO C 217 0.38 -43.86 11.44
N LYS C 218 1.32 -44.77 11.18
CA LYS C 218 2.61 -44.71 11.82
C LYS C 218 3.47 -43.62 11.18
N VAL C 219 3.85 -42.64 11.99
CA VAL C 219 4.81 -41.61 11.60
C VAL C 219 6.07 -41.81 12.42
N ARG C 220 7.20 -41.99 11.74
CA ARG C 220 8.44 -42.40 12.39
C ARG C 220 8.20 -43.62 13.29
N ASP C 221 7.41 -44.55 12.76
CA ASP C 221 7.02 -45.79 13.43
C ASP C 221 6.42 -45.53 14.81
N GLN C 222 5.55 -44.52 14.89
CA GLN C 222 4.79 -44.25 16.11
C GLN C 222 3.33 -44.08 15.74
N ALA C 223 2.47 -44.91 16.33
CA ALA C 223 1.03 -44.77 16.15
C ALA C 223 0.40 -43.83 17.17
N GLY C 224 1.12 -43.53 18.26
CA GLY C 224 0.68 -42.51 19.19
C GLY C 224 1.02 -41.12 18.69
N ARG C 225 0.51 -40.12 19.39
CA ARG C 225 0.80 -38.73 19.06
C ARG C 225 1.23 -37.99 20.31
N MET C 226 1.87 -36.84 20.09
CA MET C 226 2.29 -35.98 21.19
C MET C 226 2.06 -34.53 20.76
N ASN C 227 1.22 -33.82 21.50
CA ASN C 227 0.98 -32.41 21.20
C ASN C 227 1.85 -31.55 22.10
N TYR C 228 2.36 -30.45 21.54
CA TYR C 228 3.30 -29.59 22.27
C TYR C 228 2.67 -28.23 22.50
N TYR C 229 2.83 -27.73 23.72
CA TYR C 229 2.23 -26.48 24.15
C TYR C 229 3.28 -25.60 24.80
N TRP C 230 2.97 -24.31 24.87
CA TRP C 230 3.88 -23.35 25.46
C TRP C 230 3.08 -22.19 26.02
N THR C 231 3.70 -21.47 26.94
CA THR C 231 3.12 -20.25 27.47
C THR C 231 4.25 -19.36 27.97
N LEU C 232 3.93 -18.08 28.12
CA LEU C 232 4.84 -17.10 28.70
C LEU C 232 4.37 -16.81 30.12
N LEU C 233 5.23 -17.11 31.09
CA LEU C 233 4.99 -16.82 32.49
C LEU C 233 5.48 -15.41 32.79
N LYS C 234 4.59 -14.56 33.29
CA LYS C 234 4.93 -13.19 33.61
C LYS C 234 5.82 -13.14 34.85
N PRO C 235 6.64 -12.09 34.98
CA PRO C 235 7.51 -11.98 36.17
C PRO C 235 6.70 -11.98 37.45
N GLY C 236 7.14 -12.80 38.41
CA GLY C 236 6.45 -12.94 39.68
C GLY C 236 5.26 -13.86 39.67
N ASP C 237 4.83 -14.34 38.52
CA ASP C 237 3.68 -15.23 38.42
C ASP C 237 4.13 -16.69 38.60
N THR C 238 3.17 -17.54 38.95
CA THR C 238 3.43 -18.95 39.15
C THR C 238 2.70 -19.78 38.11
N ILE C 239 3.36 -20.84 37.64
CA ILE C 239 2.74 -21.83 36.79
C ILE C 239 2.54 -23.11 37.61
N ILE C 240 1.40 -23.77 37.41
CA ILE C 240 1.05 -24.97 38.15
C ILE C 240 0.66 -26.06 37.16
N PHE C 241 1.37 -27.20 37.24
CA PHE C 241 1.05 -28.41 36.49
C PHE C 241 0.40 -29.41 37.44
N GLU C 242 -0.75 -29.93 37.06
CA GLU C 242 -1.46 -30.95 37.83
C GLU C 242 -1.85 -32.06 36.88
N ALA C 243 -1.57 -33.31 37.25
CA ALA C 243 -1.82 -34.39 36.30
C ALA C 243 -1.97 -35.72 37.03
N ASN C 244 -2.61 -36.67 36.35
CA ASN C 244 -2.58 -38.07 36.77
C ASN C 244 -2.26 -38.99 35.59
N GLY C 245 -1.63 -38.44 34.56
CA GLY C 245 -1.16 -39.19 33.41
C GLY C 245 -0.87 -38.28 32.25
N ASN C 246 -0.06 -38.80 31.32
CA ASN C 246 0.12 -38.28 29.97
C ASN C 246 0.82 -36.93 29.89
N LEU C 247 1.40 -36.45 30.99
CA LEU C 247 2.08 -35.16 30.98
C LEU C 247 3.53 -35.35 30.55
N ILE C 248 3.95 -34.59 29.55
CA ILE C 248 5.35 -34.49 29.17
C ILE C 248 5.84 -33.20 29.83
N ALA C 249 6.38 -33.35 31.04
CA ALA C 249 6.63 -32.22 31.91
C ALA C 249 7.76 -31.35 31.38
N PRO C 250 7.77 -30.06 31.75
CA PRO C 250 8.95 -29.24 31.46
C PRO C 250 10.08 -29.58 32.40
N MET C 251 11.30 -29.59 31.86
CA MET C 251 12.50 -29.67 32.67
C MET C 251 13.32 -28.40 32.60
N TYR C 252 13.50 -27.84 31.40
CA TYR C 252 14.18 -26.57 31.21
C TYR C 252 13.22 -25.57 30.60
N ALA C 253 13.35 -24.31 31.00
CA ALA C 253 12.58 -23.19 30.48
C ALA C 253 13.53 -22.06 30.09
N PHE C 254 12.99 -21.00 29.50
CA PHE C 254 13.81 -19.92 28.97
C PHE C 254 13.37 -18.57 29.51
N ALA C 255 14.25 -17.89 30.25
CA ALA C 255 13.99 -16.50 30.63
C ALA C 255 14.41 -15.59 29.49
N LEU C 256 13.45 -14.86 28.90
CA LEU C 256 13.66 -14.14 27.65
C LEU C 256 13.94 -12.66 27.90
N SER C 257 14.86 -12.11 27.12
CA SER C 257 15.09 -10.67 27.04
C SER C 257 14.67 -10.20 25.66
N ARG C 258 13.91 -9.10 25.62
CA ARG C 258 13.38 -8.59 24.36
C ARG C 258 14.35 -7.60 23.72
N GLY C 259 14.33 -7.57 22.39
CA GLY C 259 15.13 -6.65 21.61
C GLY C 259 14.41 -6.23 20.35
N PHE C 260 15.03 -5.33 19.60
CA PHE C 260 14.46 -4.79 18.38
C PHE C 260 15.29 -5.21 17.17
N GLY C 261 14.64 -5.21 16.00
CA GLY C 261 15.33 -5.37 14.74
C GLY C 261 15.76 -6.77 14.39
N SER C 262 15.38 -7.77 15.17
CA SER C 262 15.76 -9.14 14.87
C SER C 262 14.70 -9.82 14.02
N GLY C 263 14.96 -11.06 13.63
CA GLY C 263 14.02 -11.82 12.82
C GLY C 263 14.59 -13.19 12.50
N ILE C 264 13.78 -13.99 11.82
CA ILE C 264 14.16 -15.31 11.38
C ILE C 264 14.17 -15.34 9.86
N ILE C 265 15.28 -15.79 9.27
CA ILE C 265 15.39 -15.92 7.82
C ILE C 265 15.84 -17.33 7.48
N THR C 266 15.54 -17.72 6.24
CA THR C 266 16.02 -18.97 5.65
C THR C 266 17.11 -18.64 4.65
N SER C 267 18.27 -19.27 4.79
CA SER C 267 19.40 -18.91 3.95
C SER C 267 20.25 -20.12 3.63
N ASN C 268 20.79 -20.13 2.41
CA ASN C 268 21.75 -21.11 1.93
C ASN C 268 23.19 -20.62 2.05
N ALA C 269 23.40 -19.36 2.43
CA ALA C 269 24.74 -18.79 2.55
C ALA C 269 25.45 -19.30 3.79
N SER C 270 26.76 -19.08 3.84
CA SER C 270 27.58 -19.55 4.94
C SER C 270 28.10 -18.38 5.76
N MET C 271 28.31 -18.64 7.05
CA MET C 271 28.79 -17.63 7.97
C MET C 271 30.27 -17.36 7.75
N HIS C 272 30.63 -16.07 7.73
CA HIS C 272 32.01 -15.61 7.67
C HIS C 272 32.25 -14.68 8.83
N GLU C 273 33.52 -14.34 9.06
CA GLU C 273 33.88 -13.31 10.05
C GLU C 273 33.81 -11.94 9.37
N CYS C 274 32.58 -11.53 9.08
CA CYS C 274 32.29 -10.21 8.53
C CYS C 274 31.29 -9.51 9.45
N ASN C 275 31.26 -8.19 9.35
CA ASN C 275 30.33 -7.36 10.09
C ASN C 275 29.57 -6.50 9.09
N THR C 276 28.25 -6.43 9.24
CA THR C 276 27.42 -5.67 8.33
C THR C 276 26.35 -4.92 9.12
N LYS C 277 25.70 -3.98 8.42
CA LYS C 277 24.50 -3.34 8.92
C LYS C 277 23.24 -3.79 8.19
N CYS C 278 23.40 -4.61 7.14
CA CYS C 278 22.28 -5.04 6.32
C CYS C 278 22.55 -6.47 5.86
N GLN C 279 21.68 -7.40 6.26
CA GLN C 279 21.82 -8.80 5.92
C GLN C 279 20.59 -9.27 5.16
N THR C 280 20.81 -9.91 4.02
CA THR C 280 19.77 -10.59 3.28
C THR C 280 20.06 -12.09 3.25
N PRO C 281 19.07 -12.94 2.93
CA PRO C 281 19.34 -14.38 2.84
C PRO C 281 20.36 -14.75 1.78
N LEU C 282 20.67 -13.86 0.84
CA LEU C 282 21.68 -14.14 -0.17
C LEU C 282 23.06 -13.64 0.22
N GLY C 283 23.14 -12.66 1.10
CA GLY C 283 24.41 -12.04 1.45
C GLY C 283 24.18 -10.68 2.07
N ALA C 284 25.29 -10.12 2.57
CA ALA C 284 25.24 -8.82 3.24
C ALA C 284 25.38 -7.70 2.23
N ILE C 285 24.80 -6.55 2.58
CA ILE C 285 24.84 -5.35 1.74
C ILE C 285 25.57 -4.27 2.50
N ASN C 286 26.53 -3.62 1.85
CA ASN C 286 27.23 -2.46 2.39
C ASN C 286 27.09 -1.36 1.33
N SER C 287 26.09 -0.51 1.49
CA SER C 287 25.73 0.42 0.43
C SER C 287 25.00 1.62 1.01
N SER C 288 25.22 2.78 0.39
CA SER C 288 24.47 3.98 0.71
C SER C 288 23.42 4.31 -0.34
N LEU C 289 23.16 3.39 -1.27
CA LEU C 289 22.18 3.61 -2.31
C LEU C 289 20.76 3.40 -1.79
N PRO C 290 19.77 4.09 -2.36
CA PRO C 290 18.41 4.02 -1.80
C PRO C 290 17.63 2.77 -2.18
N TYR C 291 17.98 2.08 -3.25
CA TYR C 291 17.24 0.90 -3.69
C TYR C 291 18.19 -0.29 -3.86
N GLN C 292 17.63 -1.49 -3.75
CA GLN C 292 18.34 -2.73 -4.05
C GLN C 292 17.38 -3.70 -4.71
N ASN C 293 17.93 -4.58 -5.55
CA ASN C 293 17.16 -5.64 -6.18
C ASN C 293 17.71 -7.01 -5.83
N ILE C 294 18.26 -7.14 -4.63
CA ILE C 294 18.90 -8.38 -4.22
C ILE C 294 17.90 -9.34 -3.59
N HIS C 295 17.14 -8.87 -2.59
CA HIS C 295 16.18 -9.75 -1.93
C HIS C 295 15.18 -8.93 -1.12
N PRO C 296 13.89 -9.28 -1.15
CA PRO C 296 12.92 -8.54 -0.32
C PRO C 296 13.07 -8.77 1.18
N VAL C 297 13.75 -9.83 1.62
CA VAL C 297 13.90 -10.12 3.05
C VAL C 297 15.19 -9.45 3.53
N THR C 298 15.07 -8.55 4.51
CA THR C 298 16.18 -7.76 4.98
C THR C 298 16.19 -7.69 6.49
N ILE C 299 17.38 -7.67 7.07
CA ILE C 299 17.57 -7.51 8.50
C ILE C 299 18.59 -6.41 8.72
N GLY C 300 18.24 -5.43 9.55
CA GLY C 300 19.13 -4.34 9.85
C GLY C 300 18.67 -3.05 9.21
N GLU C 301 19.58 -2.33 8.58
CA GLU C 301 19.29 -1.07 7.89
C GLU C 301 19.71 -1.23 6.43
N CYS C 302 18.72 -1.37 5.56
CA CYS C 302 18.91 -1.80 4.19
C CYS C 302 18.27 -0.82 3.21
N PRO C 303 18.66 -0.86 1.94
CA PRO C 303 17.93 -0.10 0.92
C PRO C 303 16.60 -0.77 0.62
N LYS C 304 15.72 0.00 -0.03
CA LYS C 304 14.39 -0.49 -0.37
C LYS C 304 14.46 -1.49 -1.52
N TYR C 305 13.82 -2.65 -1.33
CA TYR C 305 13.80 -3.66 -2.39
C TYR C 305 12.83 -3.26 -3.49
N VAL C 306 13.27 -3.40 -4.74
CA VAL C 306 12.44 -3.16 -5.91
C VAL C 306 12.76 -4.23 -6.94
N ARG C 307 11.83 -4.40 -7.89
CA ARG C 307 12.00 -5.38 -8.95
C ARG C 307 12.80 -4.84 -10.13
N SER C 308 13.25 -3.59 -10.07
CA SER C 308 13.90 -2.96 -11.22
C SER C 308 15.21 -3.65 -11.55
N ALA C 309 15.50 -3.75 -12.85
CA ALA C 309 16.80 -4.22 -13.31
C ALA C 309 17.82 -3.10 -13.45
N LYS C 310 17.37 -1.85 -13.50
CA LYS C 310 18.28 -0.72 -13.70
C LYS C 310 17.60 0.56 -13.21
N LEU C 311 18.33 1.33 -12.40
CA LEU C 311 17.90 2.66 -11.96
C LEU C 311 19.12 3.58 -12.06
N ARG C 312 19.27 4.23 -13.21
CA ARG C 312 20.43 5.07 -13.48
C ARG C 312 19.96 6.50 -13.71
N MET C 313 20.48 7.43 -12.91
CA MET C 313 20.10 8.84 -12.98
C MET C 313 21.16 9.60 -13.77
N VAL C 314 20.73 10.34 -14.79
CA VAL C 314 21.67 11.19 -15.52
C VAL C 314 22.02 12.39 -14.65
N THR C 315 23.31 12.71 -14.60
CA THR C 315 23.80 13.89 -13.90
C THR C 315 24.44 14.90 -14.84
N GLY C 316 25.03 14.43 -15.93
CA GLY C 316 25.66 15.27 -16.91
C GLY C 316 24.79 15.50 -18.13
N LEU C 317 25.44 15.64 -19.28
CA LEU C 317 24.83 16.10 -20.52
C LEU C 317 24.60 14.91 -21.44
N ARG C 318 23.72 15.09 -22.41
CA ARG C 318 23.73 14.18 -23.56
C ARG C 318 25.11 14.20 -24.20
N ASN C 319 25.66 13.01 -24.42
CA ASN C 319 27.03 12.88 -24.89
C ASN C 319 27.04 12.84 -26.41
N ILE C 320 27.54 13.92 -27.03
CA ILE C 320 27.61 14.04 -28.49
C ILE C 320 29.03 14.39 -28.89
N PRO C 321 29.94 13.41 -28.98
CA PRO C 321 31.34 13.67 -29.35
C PRO C 321 31.49 14.23 -30.76
N GLY D 1 16.20 19.05 -27.46
CA GLY D 1 15.79 19.48 -26.14
C GLY D 1 14.86 20.68 -26.17
N LEU D 2 14.22 20.95 -25.04
CA LEU D 2 13.20 22.00 -24.97
C LEU D 2 13.74 23.37 -25.37
N PHE D 3 15.02 23.63 -25.10
CA PHE D 3 15.59 24.94 -25.32
C PHE D 3 16.42 25.03 -26.60
N GLY D 4 16.54 23.94 -27.35
CA GLY D 4 17.08 23.98 -28.70
C GLY D 4 18.57 24.24 -28.82
N ALA D 5 19.32 24.20 -27.72
CA ALA D 5 20.76 24.45 -27.79
C ALA D 5 21.54 23.14 -27.92
N ILE D 6 21.47 22.28 -26.90
CA ILE D 6 22.16 21.01 -26.96
C ILE D 6 21.49 20.12 -28.00
N ALA D 7 22.30 19.54 -28.88
CA ALA D 7 21.84 18.81 -30.07
C ALA D 7 20.93 19.67 -30.94
N GLY D 8 21.01 21.00 -30.80
CA GLY D 8 20.17 21.90 -31.55
C GLY D 8 20.99 22.85 -32.40
N PHE D 9 20.93 24.16 -32.11
CA PHE D 9 21.75 25.08 -32.88
C PHE D 9 23.22 25.01 -32.49
N ILE D 10 23.57 24.25 -31.46
CA ILE D 10 24.94 23.86 -31.18
C ILE D 10 24.98 22.34 -31.40
N GLU D 11 25.51 21.93 -32.56
CA GLU D 11 25.22 20.60 -33.08
C GLU D 11 25.85 19.50 -32.24
N GLY D 12 27.05 19.73 -31.70
CA GLY D 12 27.77 18.70 -30.98
C GLY D 12 28.45 19.24 -29.75
N GLY D 13 29.10 18.33 -29.03
CA GLY D 13 29.86 18.68 -27.84
C GLY D 13 31.36 18.67 -28.10
N TRP D 14 32.10 19.14 -27.09
CA TRP D 14 33.55 19.33 -27.19
C TRP D 14 34.25 18.33 -26.28
N THR D 15 34.89 17.32 -26.87
CA THR D 15 35.75 16.43 -26.10
C THR D 15 37.02 17.14 -25.63
N GLY D 16 37.41 18.22 -26.30
CA GLY D 16 38.59 18.97 -25.91
C GLY D 16 38.42 19.86 -24.70
N MET D 17 37.19 20.03 -24.23
CA MET D 17 36.91 20.82 -23.03
C MET D 17 36.67 19.83 -21.89
N ILE D 18 37.77 19.46 -21.22
CA ILE D 18 37.72 18.39 -20.23
C ILE D 18 37.43 18.88 -18.82
N ASP D 19 37.34 20.19 -18.61
CA ASP D 19 37.30 20.75 -17.27
C ASP D 19 35.95 21.32 -16.87
N GLY D 20 34.92 21.17 -17.69
CA GLY D 20 33.64 21.76 -17.35
C GLY D 20 32.48 21.29 -18.21
N TRP D 21 31.27 21.37 -17.65
CA TRP D 21 30.08 20.96 -18.40
C TRP D 21 29.77 21.96 -19.50
N TYR D 22 29.98 23.25 -19.25
CA TYR D 22 29.76 24.31 -20.22
C TYR D 22 31.00 25.18 -20.28
N GLY D 23 31.22 25.81 -21.43
CA GLY D 23 32.38 26.67 -21.57
C GLY D 23 32.46 27.31 -22.94
N TYR D 24 33.67 27.72 -23.30
CA TYR D 24 33.91 28.57 -24.46
C TYR D 24 35.06 28.00 -25.29
N HIS D 25 35.04 28.30 -26.57
CA HIS D 25 36.20 28.12 -27.44
C HIS D 25 36.59 29.47 -28.02
N HIS D 26 37.86 29.82 -27.92
CA HIS D 26 38.38 31.09 -28.42
C HIS D 26 39.40 30.84 -29.53
N GLN D 27 39.42 31.77 -30.49
CA GLN D 27 40.39 31.76 -31.58
C GLN D 27 40.72 33.22 -31.90
N ASN D 28 41.83 33.71 -31.35
CA ASN D 28 42.40 35.01 -31.73
C ASN D 28 43.81 34.77 -32.28
N GLU D 29 44.50 35.86 -32.64
CA GLU D 29 45.85 35.69 -33.16
C GLU D 29 46.79 35.11 -32.11
N GLN D 30 46.57 35.43 -30.83
CA GLN D 30 47.37 34.81 -29.77
C GLN D 30 47.23 33.30 -29.72
N GLY D 31 46.21 32.73 -30.37
CA GLY D 31 46.06 31.30 -30.45
C GLY D 31 44.61 30.90 -30.26
N SER D 32 44.43 29.62 -29.92
CA SER D 32 43.11 29.02 -29.84
C SER D 32 43.05 28.04 -28.68
N GLY D 33 41.86 27.86 -28.14
CA GLY D 33 41.69 26.84 -27.12
C GLY D 33 40.37 26.96 -26.40
N TYR D 34 40.20 26.06 -25.43
CA TYR D 34 38.96 25.94 -24.67
C TYR D 34 39.12 26.56 -23.28
N ALA D 35 38.01 27.12 -22.78
CA ALA D 35 37.96 27.71 -21.45
C ALA D 35 36.65 27.26 -20.80
N ALA D 36 36.74 26.34 -19.86
CA ALA D 36 35.54 25.89 -19.16
C ALA D 36 34.95 27.00 -18.32
N ASP D 37 33.62 27.10 -18.32
CA ASP D 37 32.93 28.02 -17.41
C ASP D 37 32.80 27.31 -16.07
N GLN D 38 33.65 27.68 -15.13
CA GLN D 38 33.71 26.96 -13.86
C GLN D 38 32.58 27.35 -12.92
N LYS D 39 32.15 28.61 -12.93
CA LYS D 39 31.09 29.03 -12.02
C LYS D 39 29.76 28.39 -12.40
N SER D 40 29.44 28.36 -13.70
CA SER D 40 28.19 27.76 -14.13
C SER D 40 28.21 26.26 -13.93
N THR D 41 29.36 25.63 -14.20
CA THR D 41 29.49 24.20 -13.95
C THR D 41 29.32 23.88 -12.47
N GLN D 42 29.89 24.71 -11.59
CA GLN D 42 29.75 24.48 -10.16
C GLN D 42 28.31 24.68 -9.70
N ASN D 43 27.63 25.70 -10.23
CA ASN D 43 26.22 25.90 -9.90
C ASN D 43 25.39 24.71 -10.33
N ALA D 44 25.62 24.21 -11.54
CA ALA D 44 24.90 23.03 -12.02
C ALA D 44 25.22 21.81 -11.17
N ILE D 45 26.47 21.66 -10.74
CA ILE D 45 26.86 20.54 -9.91
C ILE D 45 26.14 20.61 -8.56
N ASN D 46 26.03 21.82 -8.00
CA ASN D 46 25.29 21.98 -6.75
C ASN D 46 23.83 21.58 -6.93
N GLY D 47 23.21 22.03 -8.02
CA GLY D 47 21.81 21.68 -8.25
C GLY D 47 21.60 20.19 -8.40
N ILE D 48 22.43 19.54 -9.21
CA ILE D 48 22.27 18.10 -9.44
C ILE D 48 22.60 17.31 -8.18
N THR D 49 23.56 17.79 -7.37
CA THR D 49 23.83 17.15 -6.09
C THR D 49 22.61 17.21 -5.19
N ASN D 50 21.98 18.38 -5.11
CA ASN D 50 20.73 18.51 -4.34
C ASN D 50 19.67 17.53 -4.85
N LYS D 51 19.58 17.37 -6.18
CA LYS D 51 18.57 16.48 -6.75
C LYS D 51 18.81 15.02 -6.34
N VAL D 52 20.04 14.54 -6.52
CA VAL D 52 20.37 13.16 -6.16
C VAL D 52 20.18 12.95 -4.66
N ASN D 53 20.64 13.90 -3.85
CA ASN D 53 20.47 13.80 -2.41
C ASN D 53 19.02 13.79 -2.02
N THR D 54 18.17 14.52 -2.74
CA THR D 54 16.74 14.50 -2.47
C THR D 54 16.16 13.11 -2.70
N VAL D 55 16.50 12.52 -3.86
CA VAL D 55 16.01 11.17 -4.13
C VAL D 55 16.46 10.21 -3.04
N ILE D 56 17.69 10.36 -2.56
CA ILE D 56 18.21 9.43 -1.55
C ILE D 56 17.53 9.66 -0.20
N GLU D 57 17.33 10.92 0.18
CA GLU D 57 16.77 11.21 1.50
C GLU D 57 15.28 10.90 1.58
N LYS D 58 14.55 11.00 0.47
CA LYS D 58 13.13 10.68 0.52
C LYS D 58 12.91 9.18 0.69
N MET D 59 13.85 8.36 0.24
CA MET D 59 13.80 6.91 0.47
C MET D 59 14.42 6.65 1.84
N ASN D 60 13.59 6.61 2.87
CA ASN D 60 14.08 6.36 4.21
C ASN D 60 14.57 4.91 4.33
N ILE D 61 15.38 4.68 5.37
CA ILE D 61 16.02 3.39 5.54
C ILE D 61 14.97 2.29 5.73
N GLN D 62 15.19 1.15 5.08
CA GLN D 62 14.31 -0.01 5.20
C GLN D 62 14.81 -0.89 6.33
N PHE D 63 14.10 -0.87 7.46
CA PHE D 63 14.49 -1.66 8.62
C PHE D 63 14.03 -3.11 8.43
N THR D 64 14.26 -3.93 9.46
CA THR D 64 14.06 -5.36 9.36
C THR D 64 12.66 -5.69 8.84
N ALA D 65 12.62 -6.47 7.77
CA ALA D 65 11.38 -6.94 7.16
C ALA D 65 11.60 -8.38 6.73
N VAL D 66 10.99 -9.32 7.45
CA VAL D 66 11.18 -10.74 7.18
C VAL D 66 9.81 -11.37 6.95
N GLY D 67 9.84 -12.55 6.34
CA GLY D 67 8.62 -13.29 6.10
C GLY D 67 8.00 -13.81 7.38
N LYS D 68 6.74 -14.23 7.26
CA LYS D 68 6.02 -14.86 8.34
C LYS D 68 5.58 -16.24 7.90
N GLU D 69 5.21 -17.07 8.88
CA GLU D 69 4.77 -18.42 8.61
C GLU D 69 3.33 -18.62 9.07
N PHE D 70 2.61 -19.47 8.35
CA PHE D 70 1.20 -19.73 8.61
C PHE D 70 0.96 -21.24 8.50
N ASN D 71 0.09 -21.77 9.35
CA ASN D 71 -0.18 -23.20 9.29
C ASN D 71 -1.15 -23.49 8.14
N LYS D 72 -1.46 -24.78 7.97
CA LYS D 72 -2.21 -25.25 6.80
C LYS D 72 -3.65 -24.75 6.78
N LEU D 73 -4.17 -24.27 7.92
CA LEU D 73 -5.51 -23.70 7.95
C LEU D 73 -5.49 -22.18 8.06
N GLU D 74 -4.39 -21.55 7.65
CA GLU D 74 -4.28 -20.10 7.61
C GLU D 74 -3.94 -19.62 6.21
N LYS D 75 -4.56 -20.24 5.20
CA LYS D 75 -4.24 -19.91 3.82
C LYS D 75 -4.75 -18.52 3.45
N ARG D 76 -5.90 -18.11 4.01
CA ARG D 76 -6.42 -16.77 3.73
C ARG D 76 -5.49 -15.70 4.28
N MET D 77 -5.04 -15.86 5.53
CA MET D 77 -4.10 -14.91 6.13
C MET D 77 -2.76 -14.91 5.39
N GLU D 78 -2.28 -16.10 4.99
CA GLU D 78 -1.06 -16.18 4.22
C GLU D 78 -1.19 -15.41 2.90
N ASN D 79 -2.31 -15.60 2.21
CA ASN D 79 -2.53 -14.93 0.94
C ASN D 79 -2.72 -13.43 1.12
N LEU D 80 -3.29 -13.00 2.25
CA LEU D 80 -3.40 -11.58 2.52
C LEU D 80 -2.03 -10.96 2.77
N ASN D 81 -1.18 -11.63 3.56
CA ASN D 81 0.19 -11.17 3.74
C ASN D 81 0.92 -11.08 2.41
N LYS D 82 0.74 -12.08 1.55
CA LYS D 82 1.33 -12.05 0.22
C LYS D 82 0.82 -10.88 -0.61
N LYS D 83 -0.48 -10.64 -0.57
CA LYS D 83 -1.06 -9.51 -1.30
C LYS D 83 -0.48 -8.19 -0.82
N VAL D 84 -0.31 -8.03 0.49
CA VAL D 84 0.24 -6.79 1.03
C VAL D 84 1.68 -6.61 0.55
N ASP D 85 2.50 -7.64 0.71
CA ASP D 85 3.91 -7.54 0.29
C ASP D 85 4.01 -7.21 -1.19
N ASP D 86 3.21 -7.86 -2.02
CA ASP D 86 3.32 -7.67 -3.46
C ASP D 86 2.77 -6.31 -3.89
N GLY D 87 1.71 -5.84 -3.25
CA GLY D 87 1.22 -4.51 -3.56
C GLY D 87 2.23 -3.43 -3.24
N PHE D 88 2.86 -3.53 -2.06
CA PHE D 88 3.87 -2.55 -1.70
C PHE D 88 5.06 -2.61 -2.65
N LEU D 89 5.48 -3.83 -3.03
CA LEU D 89 6.58 -3.96 -3.98
C LEU D 89 6.24 -3.36 -5.33
N ASP D 90 5.03 -3.61 -5.84
CA ASP D 90 4.57 -2.99 -7.08
C ASP D 90 4.68 -1.48 -6.99
N ILE D 91 4.15 -0.90 -5.91
CA ILE D 91 4.09 0.55 -5.80
C ILE D 91 5.48 1.15 -5.72
N TRP D 92 6.39 0.53 -4.97
CA TRP D 92 7.72 1.12 -4.82
C TRP D 92 8.54 0.96 -6.10
N THR D 93 8.41 -0.17 -6.79
CA THR D 93 9.08 -0.31 -8.08
C THR D 93 8.60 0.75 -9.07
N TYR D 94 7.28 0.93 -9.14
CA TYR D 94 6.70 1.96 -10.01
C TYR D 94 7.22 3.35 -9.66
N ASN D 95 7.18 3.71 -8.37
CA ASN D 95 7.62 5.03 -7.94
C ASN D 95 9.09 5.26 -8.31
N ALA D 96 9.95 4.28 -8.01
CA ALA D 96 11.37 4.44 -8.29
C ALA D 96 11.61 4.66 -9.78
N GLU D 97 11.08 3.77 -10.62
CA GLU D 97 11.37 3.85 -12.05
C GLU D 97 10.83 5.14 -12.65
N LEU D 98 9.61 5.53 -12.26
CA LEU D 98 9.02 6.73 -12.85
C LEU D 98 9.74 7.98 -12.37
N LEU D 99 10.09 8.05 -11.08
CA LEU D 99 10.84 9.20 -10.59
C LEU D 99 12.15 9.35 -11.36
N VAL D 100 12.86 8.24 -11.59
CA VAL D 100 14.13 8.33 -12.30
C VAL D 100 13.91 8.83 -13.73
N LEU D 101 12.88 8.32 -14.41
CA LEU D 101 12.61 8.76 -15.78
C LEU D 101 12.33 10.26 -15.85
N LEU D 102 11.40 10.73 -15.01
CA LEU D 102 10.99 12.14 -15.07
C LEU D 102 12.16 13.05 -14.69
N GLU D 103 12.94 12.66 -13.68
CA GLU D 103 14.08 13.48 -13.28
C GLU D 103 15.16 13.48 -14.36
N ASN D 104 15.33 12.37 -15.08
CA ASN D 104 16.29 12.36 -16.19
C ASN D 104 15.90 13.37 -17.25
N GLU D 105 14.61 13.38 -17.63
CA GLU D 105 14.15 14.36 -18.60
C GLU D 105 14.41 15.79 -18.11
N ARG D 106 14.06 16.07 -16.85
CA ARG D 106 14.26 17.39 -16.30
C ARG D 106 15.74 17.78 -16.29
N THR D 107 16.63 16.83 -15.99
CA THR D 107 18.05 17.13 -15.94
C THR D 107 18.61 17.50 -17.31
N LEU D 108 18.22 16.73 -18.33
CA LEU D 108 18.67 17.06 -19.69
C LEU D 108 18.20 18.45 -20.09
N ASP D 109 16.94 18.78 -19.80
CA ASP D 109 16.45 20.12 -20.12
C ASP D 109 17.18 21.20 -19.31
N PHE D 110 17.55 20.89 -18.07
CA PHE D 110 18.30 21.82 -17.22
C PHE D 110 19.63 22.19 -17.88
N HIS D 111 20.37 21.18 -18.33
CA HIS D 111 21.64 21.46 -19.01
C HIS D 111 21.42 22.23 -20.31
N ASP D 112 20.39 21.85 -21.07
CA ASP D 112 20.07 22.56 -22.31
C ASP D 112 19.85 24.05 -22.05
N SER D 113 19.05 24.36 -21.02
CA SER D 113 18.75 25.75 -20.71
C SER D 113 19.99 26.49 -20.22
N ASN D 114 20.85 25.82 -19.46
CA ASN D 114 22.10 26.46 -19.03
C ASN D 114 22.94 26.89 -20.23
N VAL D 115 23.06 26.00 -21.22
CA VAL D 115 23.84 26.35 -22.42
C VAL D 115 23.19 27.50 -23.18
N LYS D 116 21.86 27.44 -23.34
CA LYS D 116 21.17 28.52 -24.04
C LYS D 116 21.36 29.86 -23.33
N ASN D 117 21.29 29.88 -22.01
CA ASN D 117 21.43 31.13 -21.27
C ASN D 117 22.85 31.66 -21.35
N LEU D 118 23.85 30.78 -21.34
CA LEU D 118 25.23 31.23 -21.54
C LEU D 118 25.38 31.91 -22.90
N TYR D 119 24.86 31.27 -23.95
CA TYR D 119 24.92 31.85 -25.29
C TYR D 119 24.26 33.23 -25.32
N GLU D 120 23.06 33.33 -24.74
CA GLU D 120 22.36 34.61 -24.76
C GLU D 120 23.09 35.68 -23.95
N LYS D 121 23.77 35.29 -22.87
CA LYS D 121 24.56 36.26 -22.13
C LYS D 121 25.69 36.83 -22.97
N VAL D 122 26.42 35.97 -23.68
CA VAL D 122 27.48 36.46 -24.55
C VAL D 122 26.92 37.36 -25.64
N LYS D 123 25.76 36.98 -26.21
CA LYS D 123 25.13 37.79 -27.24
C LYS D 123 24.78 39.18 -26.72
N SER D 124 24.16 39.23 -25.53
CA SER D 124 23.78 40.51 -24.95
C SER D 124 24.99 41.38 -24.64
N GLN D 125 26.11 40.75 -24.26
CA GLN D 125 27.33 41.54 -24.05
C GLN D 125 27.88 42.08 -25.36
N LEU D 126 27.92 41.26 -26.40
CA LEU D 126 28.62 41.65 -27.62
C LEU D 126 27.85 42.69 -28.41
N LYS D 127 26.53 42.55 -28.50
CA LYS D 127 25.67 43.48 -29.26
C LYS D 127 26.17 43.48 -30.70
N ASN D 128 26.36 44.64 -31.35
CA ASN D 128 26.76 44.68 -32.75
C ASN D 128 28.27 44.69 -32.95
N ASN D 129 29.06 44.58 -31.88
CA ASN D 129 30.50 44.43 -32.03
C ASN D 129 30.91 43.07 -32.57
N ALA D 130 29.95 42.17 -32.79
CA ALA D 130 30.25 40.86 -33.35
C ALA D 130 29.05 40.35 -34.14
N LYS D 131 29.29 39.36 -34.98
CA LYS D 131 28.27 38.73 -35.80
C LYS D 131 28.00 37.31 -35.30
N GLU D 132 26.75 36.87 -35.46
CA GLU D 132 26.37 35.49 -35.16
C GLU D 132 26.67 34.63 -36.38
N ILE D 133 27.62 33.72 -36.27
CA ILE D 133 28.02 32.88 -37.40
C ILE D 133 27.41 31.48 -37.30
N GLY D 134 26.52 31.26 -36.33
CA GLY D 134 25.84 30.00 -36.19
C GLY D 134 26.66 28.97 -35.43
N ASN D 135 25.99 27.87 -35.10
CA ASN D 135 26.59 26.79 -34.30
C ASN D 135 27.15 27.32 -32.98
N GLY D 136 26.49 28.34 -32.43
CA GLY D 136 26.90 28.90 -31.17
C GLY D 136 28.12 29.79 -31.20
N CYS D 137 28.57 30.20 -32.38
CA CYS D 137 29.79 30.96 -32.50
C CYS D 137 29.52 32.41 -32.88
N PHE D 138 30.36 33.29 -32.34
CA PHE D 138 30.38 34.70 -32.68
C PHE D 138 31.70 35.03 -33.37
N GLU D 139 31.67 36.05 -34.23
CA GLU D 139 32.86 36.53 -34.92
C GLU D 139 32.99 38.03 -34.62
N PHE D 140 34.06 38.40 -33.95
CA PHE D 140 34.25 39.79 -33.55
C PHE D 140 34.53 40.66 -34.76
N TYR D 141 33.94 41.85 -34.77
CA TYR D 141 34.26 42.88 -35.75
C TYR D 141 35.51 43.68 -35.38
N HIS D 142 36.33 43.16 -34.47
CA HIS D 142 37.50 43.89 -33.98
C HIS D 142 38.51 42.90 -33.43
N LYS D 143 39.61 43.45 -32.92
CA LYS D 143 40.65 42.63 -32.29
C LYS D 143 40.26 42.37 -30.84
N CYS D 144 40.30 41.10 -30.44
CA CYS D 144 39.94 40.71 -29.08
C CYS D 144 41.03 39.77 -28.56
N ASP D 145 41.91 40.30 -27.71
CA ASP D 145 42.98 39.51 -27.14
C ASP D 145 42.45 38.64 -26.00
N ASN D 146 43.34 37.90 -25.36
CA ASN D 146 42.92 36.89 -24.38
C ASN D 146 42.27 37.53 -23.16
N GLU D 147 42.68 38.74 -22.79
CA GLU D 147 42.00 39.41 -21.68
C GLU D 147 40.65 39.97 -22.09
N CYS D 148 40.51 40.40 -23.35
CA CYS D 148 39.20 40.72 -23.90
C CYS D 148 38.28 39.51 -23.85
N MET D 149 38.80 38.35 -24.25
CA MET D 149 38.03 37.11 -24.18
C MET D 149 37.62 36.80 -22.74
N GLU D 150 38.56 36.92 -21.80
CA GLU D 150 38.22 36.63 -20.42
C GLU D 150 37.19 37.61 -19.87
N SER D 151 37.23 38.86 -20.33
CA SER D 151 36.19 39.81 -19.92
C SER D 151 34.84 39.46 -20.52
N VAL D 152 34.82 38.83 -21.69
CA VAL D 152 33.57 38.24 -22.18
C VAL D 152 33.13 37.13 -21.24
N ARG D 153 34.09 36.37 -20.71
CA ARG D 153 33.74 35.20 -19.91
C ARG D 153 33.18 35.60 -18.55
N ASN D 154 33.79 36.57 -17.87
CA ASN D 154 33.31 36.95 -16.54
C ASN D 154 32.29 38.06 -16.55
N GLY D 155 31.76 38.41 -17.72
CA GLY D 155 30.66 39.35 -17.80
C GLY D 155 31.04 40.81 -17.68
N THR D 156 32.27 41.18 -18.03
CA THR D 156 32.71 42.56 -17.98
C THR D 156 33.26 43.01 -19.32
N TYR D 157 32.59 42.63 -20.40
CA TYR D 157 33.01 43.05 -21.73
C TYR D 157 32.76 44.55 -21.91
N ASP D 158 33.74 45.25 -22.47
CA ASP D 158 33.70 46.70 -22.63
C ASP D 158 33.24 47.01 -24.05
N TYR D 159 31.93 47.24 -24.21
CA TYR D 159 31.39 47.57 -25.52
C TYR D 159 31.90 48.90 -26.07
N PRO D 160 31.89 50.01 -25.31
CA PRO D 160 32.33 51.29 -25.90
C PRO D 160 33.79 51.30 -26.34
N LYS D 161 34.67 50.52 -25.71
CA LYS D 161 36.09 50.56 -26.05
C LYS D 161 36.37 49.92 -27.42
N TYR D 162 35.44 49.15 -27.97
CA TYR D 162 35.61 48.55 -29.29
C TYR D 162 34.52 48.96 -30.27
N SER D 163 33.53 49.75 -29.83
CA SER D 163 32.43 50.14 -30.71
C SER D 163 32.92 50.84 -31.97
N GLU D 164 33.84 51.80 -31.83
CA GLU D 164 34.31 52.56 -32.98
C GLU D 164 35.04 51.67 -33.99
N GLU D 165 36.03 50.91 -33.51
CA GLU D 165 36.78 50.00 -34.38
C GLU D 165 35.84 49.06 -35.12
N SER D 166 34.85 48.50 -34.40
CA SER D 166 33.99 47.51 -35.02
C SER D 166 32.93 48.10 -35.94
N LYS D 167 32.46 49.32 -35.71
CA LYS D 167 31.53 49.86 -36.70
C LYS D 167 32.25 50.36 -37.94
N LEU D 168 33.55 50.70 -37.83
CA LEU D 168 34.27 50.97 -39.07
C LEU D 168 34.56 49.67 -39.82
N ASN D 169 34.90 48.59 -39.10
CA ASN D 169 35.11 47.30 -39.75
C ASN D 169 33.82 46.71 -40.30
N ARG D 170 32.68 47.00 -39.66
CA ARG D 170 31.40 46.49 -40.12
C ARG D 170 30.93 47.21 -41.37
N GLU D 171 31.26 48.50 -41.49
CA GLU D 171 30.99 49.31 -42.68
C GLU D 171 29.53 49.22 -43.12
N ASP E 1 14.10 58.41 -22.42
CA ASP E 1 12.95 57.76 -21.81
C ASP E 1 13.14 56.24 -21.79
N THR E 2 12.76 55.62 -20.68
CA THR E 2 13.05 54.20 -20.47
C THR E 2 11.78 53.46 -20.06
N ILE E 3 11.75 52.17 -20.39
CA ILE E 3 10.75 51.24 -19.88
C ILE E 3 11.45 49.92 -19.55
N CYS E 4 11.07 49.32 -18.43
CA CYS E 4 11.70 48.10 -17.93
C CYS E 4 10.64 47.06 -17.59
N ILE E 5 11.03 45.79 -17.68
CA ILE E 5 10.18 44.67 -17.32
C ILE E 5 10.74 44.06 -16.05
N GLY E 6 9.89 43.82 -15.07
CA GLY E 6 10.36 43.31 -13.80
C GLY E 6 9.32 42.45 -13.11
N TYR E 7 9.65 42.05 -11.89
CA TYR E 7 8.80 41.15 -11.14
C TYR E 7 8.73 41.62 -9.69
N HIS E 8 7.78 41.04 -8.96
CA HIS E 8 7.44 41.48 -7.61
C HIS E 8 8.50 41.05 -6.60
N ALA E 9 8.68 41.88 -5.59
CA ALA E 9 9.46 41.54 -4.41
C ALA E 9 8.76 42.14 -3.19
N ASN E 10 8.86 41.45 -2.05
CA ASN E 10 8.18 41.93 -0.85
C ASN E 10 9.05 41.61 0.36
N ASN E 11 8.44 41.67 1.54
CA ASN E 11 9.13 41.42 2.80
C ASN E 11 8.96 40.00 3.30
N SER E 12 8.42 39.10 2.49
CA SER E 12 8.13 37.75 2.96
C SER E 12 9.41 36.99 3.27
N THR E 13 9.39 36.26 4.38
CA THR E 13 10.48 35.37 4.77
C THR E 13 10.14 33.91 4.54
N ASP E 14 9.00 33.62 3.90
CA ASP E 14 8.62 32.24 3.63
C ASP E 14 9.68 31.55 2.77
N THR E 15 9.97 30.31 3.12
CA THR E 15 10.93 29.50 2.38
C THR E 15 10.28 28.19 1.97
N VAL E 16 10.62 27.74 0.76
CA VAL E 16 10.18 26.44 0.26
C VAL E 16 11.41 25.67 -0.19
N ASP E 17 11.20 24.39 -0.43
CA ASP E 17 12.22 23.53 -1.02
C ASP E 17 11.79 23.13 -2.43
N THR E 18 12.77 23.01 -3.30
CA THR E 18 12.58 22.44 -4.63
C THR E 18 13.54 21.26 -4.74
N VAL E 19 13.60 20.66 -5.93
CA VAL E 19 14.51 19.51 -6.07
C VAL E 19 15.93 19.98 -6.35
N LEU E 20 16.10 21.12 -7.02
CA LEU E 20 17.43 21.67 -7.26
C LEU E 20 17.96 22.52 -6.12
N GLU E 21 17.09 23.03 -5.25
CA GLU E 21 17.53 23.99 -4.23
C GLU E 21 16.63 23.90 -3.01
N LYS E 22 17.24 24.16 -1.84
CA LYS E 22 16.53 24.19 -0.57
C LYS E 22 16.50 25.62 -0.02
N ASN E 23 15.47 25.92 0.76
CA ASN E 23 15.29 27.23 1.40
C ASN E 23 15.31 28.37 0.38
N VAL E 24 14.54 28.22 -0.69
CA VAL E 24 14.30 29.33 -1.59
C VAL E 24 13.29 30.26 -0.93
N THR E 25 13.70 31.49 -0.64
CA THR E 25 12.79 32.48 -0.10
C THR E 25 11.90 32.99 -1.23
N VAL E 26 10.58 32.97 -1.01
CA VAL E 26 9.63 33.27 -2.05
C VAL E 26 8.63 34.30 -1.55
N THR E 27 8.01 35.00 -2.51
CA THR E 27 7.13 36.11 -2.16
C THR E 27 5.83 35.61 -1.55
N HIS E 28 5.28 34.51 -2.07
CA HIS E 28 4.02 33.98 -1.60
C HIS E 28 4.07 32.46 -1.58
N SER E 29 3.37 31.87 -0.63
CA SER E 29 3.33 30.42 -0.47
C SER E 29 2.09 30.07 0.34
N VAL E 30 1.75 28.78 0.30
CA VAL E 30 0.59 28.26 1.02
C VAL E 30 1.01 27.00 1.77
N ASN E 31 0.56 26.90 3.02
CA ASN E 31 0.80 25.70 3.83
C ASN E 31 -0.28 24.68 3.52
N LEU E 32 0.14 23.45 3.20
CA LEU E 32 -0.79 22.35 2.95
C LEU E 32 -0.86 21.37 4.10
N LEU E 33 -0.09 21.57 5.15
CA LEU E 33 0.02 20.61 6.25
C LEU E 33 -0.60 21.23 7.50
N GLU E 34 -1.63 20.57 8.04
CA GLU E 34 -2.29 21.01 9.26
C GLU E 34 -1.55 20.46 10.47
N ASP E 35 -1.17 21.34 11.39
CA ASP E 35 -0.49 20.93 12.61
C ASP E 35 -1.14 21.51 13.87
N SER E 36 -2.30 22.14 13.74
CA SER E 36 -2.99 22.76 14.86
C SER E 36 -4.26 21.96 15.19
N HIS E 37 -4.39 21.57 16.45
CA HIS E 37 -5.60 20.98 16.99
C HIS E 37 -5.98 21.75 18.25
N ASN E 38 -7.21 21.55 18.72
CA ASN E 38 -7.72 22.31 19.85
C ASN E 38 -7.44 21.65 21.19
N GLY E 39 -6.85 20.45 21.19
CA GLY E 39 -6.54 19.75 22.43
C GLY E 39 -7.74 19.23 23.19
N LYS E 40 -8.91 19.16 22.57
CA LYS E 40 -10.14 18.78 23.25
C LYS E 40 -10.81 17.61 22.53
N LEU E 41 -11.53 16.80 23.30
CA LEU E 41 -12.51 15.90 22.74
C LEU E 41 -13.80 16.66 22.50
N CYS E 42 -14.41 16.45 21.33
CA CYS E 42 -15.57 17.22 20.92
C CYS E 42 -16.68 16.30 20.43
N ARG E 43 -17.88 16.87 20.36
CA ARG E 43 -18.97 16.21 19.67
C ARG E 43 -18.63 16.02 18.20
N LEU E 44 -19.17 14.96 17.61
CA LEU E 44 -18.98 14.66 16.20
C LEU E 44 -20.32 14.93 15.50
N LYS E 45 -20.38 16.06 14.79
CA LYS E 45 -21.60 16.52 14.13
C LYS E 45 -22.75 16.64 15.14
N GLY E 46 -22.44 17.18 16.32
CA GLY E 46 -23.44 17.44 17.34
C GLY E 46 -23.70 16.31 18.31
N ILE E 47 -23.10 15.14 18.10
CA ILE E 47 -23.36 13.96 18.93
C ILE E 47 -22.14 13.72 19.80
N ALA E 48 -22.36 13.67 21.12
CA ALA E 48 -21.25 13.51 22.05
C ALA E 48 -20.72 12.09 22.04
N PRO E 49 -19.45 11.88 22.34
CA PRO E 49 -18.91 10.54 22.43
C PRO E 49 -19.25 9.90 23.77
N LEU E 50 -19.06 8.58 23.82
CA LEU E 50 -19.20 7.83 25.06
C LEU E 50 -17.83 7.72 25.71
N GLN E 51 -17.69 8.32 26.90
CA GLN E 51 -16.45 8.27 27.65
C GLN E 51 -16.54 7.16 28.68
N LEU E 52 -15.70 6.12 28.51
CA LEU E 52 -15.69 5.01 29.45
C LEU E 52 -14.97 5.34 30.76
N GLY E 53 -14.07 6.32 30.75
CA GLY E 53 -13.36 6.71 31.94
C GLY E 53 -12.50 5.61 32.55
N LYS E 54 -12.78 5.26 33.80
CA LYS E 54 -12.03 4.21 34.49
C LYS E 54 -12.29 2.82 33.91
N CYS E 55 -13.35 2.65 33.14
CA CYS E 55 -13.77 1.34 32.64
C CYS E 55 -13.34 1.15 31.20
N ASN E 56 -13.23 -0.12 30.81
CA ASN E 56 -13.03 -0.47 29.42
C ASN E 56 -14.31 -1.11 28.88
N ILE E 57 -14.26 -1.55 27.62
CA ILE E 57 -15.43 -2.11 26.95
C ILE E 57 -16.02 -3.25 27.78
N ALA E 58 -15.16 -4.09 28.35
CA ALA E 58 -15.62 -5.26 29.09
C ALA E 58 -16.36 -4.87 30.37
N GLY E 59 -15.79 -3.95 31.14
CA GLY E 59 -16.47 -3.48 32.34
C GLY E 59 -17.79 -2.79 32.02
N TRP E 60 -17.86 -2.13 30.87
CA TRP E 60 -19.08 -1.46 30.43
C TRP E 60 -20.17 -2.48 30.11
N LEU E 61 -19.87 -3.44 29.22
CA LEU E 61 -20.91 -4.35 28.76
C LEU E 61 -21.28 -5.38 29.83
N LEU E 62 -20.33 -5.82 30.65
CA LEU E 62 -20.65 -6.76 31.72
C LEU E 62 -21.38 -6.09 32.87
N GLY E 63 -21.15 -4.80 33.08
CA GLY E 63 -21.74 -4.10 34.20
C GLY E 63 -20.89 -4.21 35.45
N ASN E 64 -19.58 -4.02 35.29
CA ASN E 64 -18.70 -3.88 36.43
C ASN E 64 -19.27 -2.84 37.40
N PRO E 65 -19.32 -3.13 38.71
CA PRO E 65 -19.93 -2.17 39.65
C PRO E 65 -19.26 -0.80 39.66
N GLU E 66 -18.01 -0.70 39.20
CA GLU E 66 -17.34 0.60 39.10
C GLU E 66 -17.83 1.41 37.91
N CYS E 67 -18.71 0.84 37.07
CA CYS E 67 -19.16 1.49 35.85
C CYS E 67 -20.66 1.76 35.84
N ASP E 68 -21.27 1.86 37.02
CA ASP E 68 -22.71 2.16 37.08
C ASP E 68 -23.11 3.45 36.38
N PRO E 69 -22.31 4.54 36.39
CA PRO E 69 -22.71 5.74 35.64
C PRO E 69 -22.95 5.49 34.16
N LEU E 70 -22.39 4.43 33.58
CA LEU E 70 -22.54 4.17 32.16
C LEU E 70 -23.76 3.33 31.83
N LEU E 71 -24.52 2.88 32.83
CA LEU E 71 -25.69 2.05 32.55
C LEU E 71 -26.77 2.78 31.73
N PRO E 72 -27.12 4.04 32.00
CA PRO E 72 -28.22 4.66 31.24
C PRO E 72 -27.83 5.23 29.89
N VAL E 73 -26.59 5.09 29.41
CA VAL E 73 -26.23 5.69 28.14
C VAL E 73 -26.93 4.94 27.01
N ARG E 74 -27.21 5.64 25.92
CA ARG E 74 -27.96 4.99 24.85
C ARG E 74 -27.38 5.23 23.46
N SER E 75 -26.85 6.43 23.19
CA SER E 75 -26.28 6.72 21.88
C SER E 75 -24.97 7.50 22.03
N TRP E 76 -24.15 7.45 20.99
CA TRP E 76 -22.84 8.07 20.99
C TRP E 76 -22.33 8.16 19.56
N SER E 77 -21.31 9.01 19.37
CA SER E 77 -20.68 9.17 18.07
C SER E 77 -19.37 8.40 17.94
N TYR E 78 -18.63 8.28 19.03
CA TYR E 78 -17.47 7.39 19.10
C TYR E 78 -17.25 7.05 20.56
N ILE E 79 -16.36 6.09 20.81
CA ILE E 79 -16.09 5.59 22.16
C ILE E 79 -14.67 5.98 22.54
N VAL E 80 -14.49 6.49 23.76
CA VAL E 80 -13.20 6.93 24.26
C VAL E 80 -12.81 6.06 25.45
N GLU E 81 -11.66 5.40 25.33
CA GLU E 81 -10.98 4.81 26.48
C GLU E 81 -9.82 5.71 26.86
N THR E 82 -9.39 5.59 28.11
CA THR E 82 -8.25 6.33 28.64
C THR E 82 -7.12 5.37 29.00
N PRO E 83 -5.92 5.89 29.23
CA PRO E 83 -4.85 5.01 29.75
C PRO E 83 -5.18 4.37 31.10
N ASN E 84 -6.20 4.87 31.81
CA ASN E 84 -6.60 4.32 33.10
C ASN E 84 -7.87 3.48 33.01
N SER E 85 -8.29 3.09 31.81
CA SER E 85 -9.49 2.29 31.63
C SER E 85 -9.17 0.83 31.94
N GLU E 86 -9.06 0.54 33.23
CA GLU E 86 -8.62 -0.78 33.69
C GLU E 86 -9.71 -1.59 34.38
N ASN E 87 -10.81 -0.96 34.78
CA ASN E 87 -11.92 -1.69 35.40
C ASN E 87 -12.68 -2.42 34.30
N GLY E 88 -12.36 -3.70 34.11
CA GLY E 88 -13.05 -4.53 33.15
C GLY E 88 -13.66 -5.76 33.79
N ILE E 89 -13.03 -6.92 33.59
CA ILE E 89 -13.44 -8.13 34.29
C ILE E 89 -12.85 -8.06 35.70
N CYS E 90 -13.72 -8.09 36.71
CA CYS E 90 -13.22 -8.03 38.08
C CYS E 90 -13.04 -9.42 38.69
N TYR E 91 -13.88 -10.39 38.34
CA TYR E 91 -13.60 -11.77 38.70
C TYR E 91 -12.72 -12.39 37.62
N PRO E 92 -11.53 -12.90 37.97
CA PRO E 92 -10.54 -13.23 36.95
C PRO E 92 -10.98 -14.36 36.03
N GLY E 93 -10.50 -14.30 34.80
CA GLY E 93 -10.81 -15.31 33.79
C GLY E 93 -10.49 -14.78 32.40
N ASP E 94 -11.17 -15.33 31.42
CA ASP E 94 -10.92 -15.00 30.01
C ASP E 94 -12.21 -14.49 29.38
N PHE E 95 -12.12 -13.34 28.72
CA PHE E 95 -13.18 -12.82 27.87
C PHE E 95 -12.95 -13.36 26.46
N ILE E 96 -13.77 -14.32 26.04
CA ILE E 96 -13.54 -15.02 24.78
C ILE E 96 -13.98 -14.14 23.62
N ASP E 97 -13.14 -14.06 22.59
CA ASP E 97 -13.40 -13.23 21.40
C ASP E 97 -13.71 -11.78 21.78
N TYR E 98 -12.94 -11.26 22.74
CA TYR E 98 -13.14 -9.90 23.22
C TYR E 98 -12.79 -8.86 22.14
N GLU E 99 -11.70 -9.09 21.41
CA GLU E 99 -11.30 -8.13 20.39
C GLU E 99 -12.34 -8.07 19.27
N GLU E 100 -12.92 -9.22 18.91
CA GLU E 100 -13.99 -9.23 17.92
C GLU E 100 -15.22 -8.48 18.44
N LEU E 101 -15.48 -8.56 19.75
CA LEU E 101 -16.60 -7.83 20.32
C LEU E 101 -16.36 -6.32 20.25
N ARG E 102 -15.13 -5.87 20.52
CA ARG E 102 -14.81 -4.47 20.37
C ARG E 102 -14.97 -4.02 18.92
N GLU E 103 -14.55 -4.87 17.98
CA GLU E 103 -14.71 -4.53 16.57
C GLU E 103 -16.18 -4.44 16.19
N GLN E 104 -17.02 -5.30 16.76
CA GLN E 104 -18.46 -5.22 16.55
C GLN E 104 -19.02 -3.92 17.08
N LEU E 105 -18.63 -3.55 18.30
CA LEU E 105 -19.14 -2.31 18.90
C LEU E 105 -18.65 -1.10 18.15
N SER E 106 -17.56 -1.22 17.40
CA SER E 106 -17.04 -0.09 16.62
C SER E 106 -18.02 0.40 15.56
N SER E 107 -19.03 -0.40 15.21
CA SER E 107 -20.02 0.02 14.23
C SER E 107 -21.42 0.13 14.84
N VAL E 108 -21.51 0.24 16.15
CA VAL E 108 -22.78 0.40 16.84
C VAL E 108 -22.95 1.87 17.19
N SER E 109 -24.04 2.46 16.71
CA SER E 109 -24.32 3.85 17.01
C SER E 109 -25.18 4.01 18.25
N SER E 110 -26.06 3.03 18.54
CA SER E 110 -26.85 3.12 19.76
C SER E 110 -27.29 1.73 20.17
N PHE E 111 -27.84 1.63 21.37
CA PHE E 111 -28.49 0.38 21.74
C PHE E 111 -29.47 0.65 22.88
N GLU E 112 -30.29 -0.36 23.13
CA GLU E 112 -31.21 -0.39 24.27
C GLU E 112 -30.77 -1.49 25.22
N ARG E 113 -30.39 -1.11 26.43
CA ARG E 113 -30.13 -2.07 27.48
C ARG E 113 -31.46 -2.48 28.10
N PHE E 114 -31.76 -3.78 28.08
CA PHE E 114 -33.06 -4.24 28.55
C PHE E 114 -32.91 -5.56 29.30
N GLU E 115 -33.90 -5.85 30.13
CA GLU E 115 -33.86 -7.03 31.00
C GLU E 115 -34.30 -8.25 30.21
N ILE E 116 -33.33 -9.12 29.89
CA ILE E 116 -33.65 -10.31 29.10
C ILE E 116 -34.17 -11.44 29.98
N PHE E 117 -33.65 -11.57 31.21
CA PHE E 117 -34.12 -12.55 32.18
C PHE E 117 -34.28 -11.85 33.53
N PRO E 118 -35.47 -11.32 33.83
CA PRO E 118 -35.67 -10.60 35.08
C PRO E 118 -35.27 -11.43 36.30
N LYS E 119 -34.63 -10.74 37.26
CA LYS E 119 -34.02 -11.41 38.40
C LYS E 119 -35.06 -12.15 39.24
N GLU E 120 -36.20 -11.51 39.50
CA GLU E 120 -37.16 -11.98 40.49
C GLU E 120 -38.07 -13.10 39.98
N SER E 121 -38.10 -13.38 38.68
CA SER E 121 -39.10 -14.28 38.12
C SER E 121 -38.56 -15.34 37.17
N SER E 122 -37.29 -15.30 36.80
CA SER E 122 -36.79 -16.23 35.80
C SER E 122 -36.17 -17.48 36.40
N TRP E 123 -35.76 -17.44 37.67
CA TRP E 123 -35.05 -18.55 38.31
C TRP E 123 -35.69 -18.86 39.66
N PRO E 124 -36.91 -19.38 39.67
CA PRO E 124 -37.58 -19.64 40.95
C PRO E 124 -36.93 -20.74 41.77
N ASN E 125 -36.29 -21.71 41.13
CA ASN E 125 -35.71 -22.87 41.82
C ASN E 125 -34.22 -22.71 42.09
N HIS E 126 -33.70 -21.48 42.03
CA HIS E 126 -32.29 -21.23 42.24
C HIS E 126 -32.12 -19.95 43.05
N ASN E 127 -30.97 -19.83 43.71
CA ASN E 127 -30.62 -18.60 44.40
C ASN E 127 -29.96 -17.66 43.41
N THR E 128 -30.23 -16.35 43.58
CA THR E 128 -29.81 -15.33 42.63
C THR E 128 -28.94 -14.26 43.27
N ASN E 129 -28.52 -14.44 44.53
CA ASN E 129 -27.85 -13.41 45.28
C ASN E 129 -26.34 -13.62 45.39
N GLY E 130 -25.77 -14.50 44.57
CA GLY E 130 -24.35 -14.74 44.61
C GLY E 130 -23.53 -13.49 44.32
N VAL E 131 -22.59 -13.17 45.21
CA VAL E 131 -21.71 -12.03 45.05
C VAL E 131 -20.28 -12.49 45.31
N THR E 132 -19.33 -11.56 45.14
CA THR E 132 -17.93 -11.85 45.35
C THR E 132 -17.23 -10.57 45.77
N ALA E 133 -16.12 -10.74 46.48
CA ALA E 133 -15.27 -9.62 46.88
C ALA E 133 -14.35 -9.16 45.76
N ALA E 134 -14.20 -9.96 44.71
CA ALA E 134 -13.43 -9.53 43.55
C ALA E 134 -14.14 -8.39 42.82
N CYS E 135 -15.47 -8.40 42.81
CA CYS E 135 -16.23 -7.31 42.21
C CYS E 135 -16.92 -6.48 43.29
N SER E 136 -16.13 -5.87 44.16
CA SER E 136 -16.67 -5.13 45.28
C SER E 136 -17.31 -3.82 44.82
N HIS E 137 -18.20 -3.30 45.67
CA HIS E 137 -18.89 -2.05 45.39
C HIS E 137 -19.13 -1.34 46.71
N GLU E 138 -18.49 -0.19 46.89
CA GLU E 138 -18.63 0.61 48.11
C GLU E 138 -18.32 -0.20 49.35
N GLY E 139 -17.28 -1.02 49.28
CA GLY E 139 -16.83 -1.82 50.40
C GLY E 139 -17.42 -3.22 50.47
N LYS E 140 -18.68 -3.38 50.08
CA LYS E 140 -19.35 -4.68 50.17
C LYS E 140 -19.08 -5.52 48.92
N SER E 141 -19.15 -6.83 49.10
CA SER E 141 -19.07 -7.74 47.97
C SER E 141 -20.28 -7.54 47.05
N SER E 142 -20.04 -7.67 45.75
CA SER E 142 -21.12 -7.41 44.79
C SER E 142 -20.88 -8.25 43.54
N PHE E 143 -21.50 -7.87 42.43
CA PHE E 143 -21.41 -8.64 41.20
C PHE E 143 -21.78 -7.76 40.02
N TYR E 144 -21.54 -8.29 38.82
CA TYR E 144 -21.85 -7.60 37.59
C TYR E 144 -23.33 -7.22 37.52
N ARG E 145 -23.60 -6.05 36.94
CA ARG E 145 -24.97 -5.55 36.87
C ARG E 145 -25.80 -6.23 35.79
N ASN E 146 -25.18 -6.81 34.77
CA ASN E 146 -25.90 -7.40 33.66
C ASN E 146 -25.93 -8.92 33.71
N LEU E 147 -25.27 -9.54 34.69
CA LEU E 147 -25.23 -10.98 34.84
C LEU E 147 -25.81 -11.37 36.19
N LEU E 148 -25.96 -12.68 36.39
CA LEU E 148 -26.57 -13.20 37.61
C LEU E 148 -25.89 -14.50 37.98
N TRP E 149 -25.32 -14.57 39.19
CA TRP E 149 -24.65 -15.78 39.67
C TRP E 149 -25.69 -16.71 40.27
N LEU E 150 -26.12 -17.70 39.48
CA LEU E 150 -27.09 -18.69 39.95
C LEU E 150 -26.40 -19.71 40.85
N THR E 151 -27.03 -20.01 41.98
CA THR E 151 -26.47 -20.93 42.96
C THR E 151 -27.54 -21.92 43.42
N GLU E 152 -27.09 -22.92 44.17
CA GLU E 152 -28.00 -23.92 44.73
C GLU E 152 -29.02 -23.26 45.65
N LYS E 153 -30.23 -23.83 45.67
CA LYS E 153 -31.29 -23.38 46.54
C LYS E 153 -31.78 -24.58 47.34
N GLU E 154 -31.64 -24.49 48.67
CA GLU E 154 -32.07 -25.54 49.59
C GLU E 154 -31.38 -26.86 49.28
N GLY E 155 -30.07 -26.80 48.99
CA GLY E 155 -29.28 -27.99 48.76
C GLY E 155 -29.46 -28.66 47.42
N SER E 156 -30.19 -28.04 46.49
N SER E 156 -30.19 -28.04 46.49
CA SER E 156 -30.41 -28.63 45.18
CA SER E 156 -30.42 -28.62 45.18
C SER E 156 -30.24 -27.58 44.10
C SER E 156 -30.25 -27.58 44.09
N TYR E 157 -29.69 -28.00 42.96
CA TYR E 157 -29.55 -27.17 41.77
C TYR E 157 -30.26 -27.92 40.65
N PRO E 158 -31.55 -27.70 40.46
CA PRO E 158 -32.27 -28.42 39.40
C PRO E 158 -31.79 -28.00 38.03
N LYS E 159 -31.93 -28.93 37.09
CA LYS E 159 -31.71 -28.63 35.68
C LYS E 159 -32.60 -27.47 35.27
N LEU E 160 -32.00 -26.41 34.74
CA LEU E 160 -32.73 -25.26 34.27
C LEU E 160 -32.66 -25.18 32.76
N LYS E 161 -33.72 -24.61 32.16
CA LYS E 161 -33.82 -24.42 30.72
C LYS E 161 -34.69 -23.18 30.51
N ASN E 162 -34.06 -22.07 30.15
CA ASN E 162 -34.75 -20.80 29.94
C ASN E 162 -34.44 -20.27 28.56
N SER E 163 -35.45 -19.65 27.93
CA SER E 163 -35.31 -19.19 26.55
C SER E 163 -35.77 -17.74 26.44
N TYR E 164 -35.33 -17.10 25.36
CA TYR E 164 -35.75 -15.73 25.05
C TYR E 164 -35.90 -15.59 23.55
N VAL E 165 -37.02 -14.98 23.13
CA VAL E 165 -37.32 -14.74 21.72
C VAL E 165 -37.04 -13.27 21.43
N ASN E 166 -36.20 -13.01 20.43
CA ASN E 166 -35.83 -11.65 20.07
C ASN E 166 -37.00 -11.00 19.33
N LYS E 167 -37.74 -10.13 20.02
CA LYS E 167 -38.82 -9.37 19.42
C LYS E 167 -38.45 -7.90 19.25
N LYS E 168 -37.17 -7.57 19.26
CA LYS E 168 -36.71 -6.20 19.22
C LYS E 168 -36.58 -5.64 17.81
N GLY E 169 -36.67 -6.48 16.78
CA GLY E 169 -36.38 -6.03 15.43
C GLY E 169 -34.95 -5.64 15.20
N LYS E 170 -34.06 -5.94 16.14
CA LYS E 170 -32.64 -5.60 16.05
C LYS E 170 -31.83 -6.78 16.57
N GLU E 171 -30.56 -6.81 16.16
CA GLU E 171 -29.61 -7.73 16.77
C GLU E 171 -29.60 -7.53 18.28
N VAL E 172 -29.53 -8.63 19.03
CA VAL E 172 -29.45 -8.55 20.48
C VAL E 172 -28.13 -9.16 20.91
N LEU E 173 -27.27 -8.35 21.51
CA LEU E 173 -26.03 -8.84 22.11
C LEU E 173 -26.34 -9.42 23.47
N VAL E 174 -26.03 -10.71 23.64
CA VAL E 174 -26.24 -11.44 24.89
C VAL E 174 -24.89 -11.91 25.40
N LEU E 175 -24.59 -11.59 26.66
CA LEU E 175 -23.37 -12.00 27.32
C LEU E 175 -23.69 -12.92 28.49
N TRP E 176 -22.84 -13.92 28.70
CA TRP E 176 -22.97 -14.81 29.86
C TRP E 176 -21.59 -15.22 30.35
N GLY E 177 -21.55 -15.95 31.46
CA GLY E 177 -20.31 -16.43 32.00
C GLY E 177 -20.40 -17.88 32.41
N ILE E 178 -19.22 -18.50 32.52
CA ILE E 178 -19.08 -19.87 33.00
C ILE E 178 -18.07 -19.85 34.15
N HIS E 179 -18.46 -20.38 35.29
CA HIS E 179 -17.63 -20.36 36.48
C HIS E 179 -16.91 -21.69 36.65
N HIS E 180 -15.60 -21.61 36.93
CA HIS E 180 -14.75 -22.78 37.15
C HIS E 180 -14.19 -22.68 38.57
N PRO E 181 -14.72 -23.44 39.52
CA PRO E 181 -14.25 -23.36 40.91
C PRO E 181 -12.85 -23.92 41.06
N PRO E 182 -12.14 -23.56 42.13
CA PRO E 182 -10.78 -24.08 42.35
C PRO E 182 -10.73 -25.52 42.84
N ASN E 183 -11.76 -25.98 43.56
CA ASN E 183 -11.79 -27.34 44.07
C ASN E 183 -13.21 -27.89 44.00
N SER E 184 -13.31 -29.23 44.07
CA SER E 184 -14.60 -29.89 43.95
C SER E 184 -15.52 -29.62 45.14
N LYS E 185 -14.96 -29.26 46.30
CA LYS E 185 -15.81 -28.91 47.43
C LYS E 185 -16.59 -27.64 47.16
N GLU E 186 -15.93 -26.61 46.60
CA GLU E 186 -16.65 -25.40 46.23
C GLU E 186 -17.65 -25.69 45.12
N GLN E 187 -17.30 -26.58 44.18
CA GLN E 187 -18.23 -26.95 43.12
C GLN E 187 -19.51 -27.55 43.71
N GLN E 188 -19.36 -28.49 44.65
CA GLN E 188 -20.54 -29.10 45.26
C GLN E 188 -21.30 -28.10 46.13
N ASN E 189 -20.58 -27.23 46.84
CA ASN E 189 -21.24 -26.26 47.69
C ASN E 189 -22.07 -25.27 46.88
N LEU E 190 -21.54 -24.83 45.73
CA LEU E 190 -22.24 -23.81 44.94
C LEU E 190 -23.33 -24.42 44.06
N TYR E 191 -23.05 -25.55 43.41
CA TYR E 191 -23.94 -26.08 42.40
C TYR E 191 -24.40 -27.52 42.66
N GLN E 192 -23.94 -28.14 43.76
CA GLN E 192 -24.34 -29.49 44.17
C GLN E 192 -23.90 -30.58 43.19
N ASN E 193 -24.03 -30.34 41.89
CA ASN E 193 -23.73 -31.35 40.90
C ASN E 193 -22.27 -31.24 40.45
N GLU E 194 -21.57 -32.37 40.46
CA GLU E 194 -20.15 -32.39 40.13
C GLU E 194 -19.87 -32.62 38.65
N ASN E 195 -20.81 -33.21 37.92
CA ASN E 195 -20.65 -33.36 36.47
C ASN E 195 -21.54 -32.36 35.76
N ALA E 196 -21.37 -31.07 36.08
CA ALA E 196 -22.22 -30.03 35.54
C ALA E 196 -21.88 -29.74 34.08
N TYR E 197 -22.79 -29.03 33.42
CA TYR E 197 -22.62 -28.64 32.03
C TYR E 197 -23.50 -27.44 31.78
N VAL E 198 -23.10 -26.63 30.79
CA VAL E 198 -23.91 -25.51 30.32
C VAL E 198 -24.04 -25.64 28.81
N SER E 199 -25.21 -25.32 28.28
CA SER E 199 -25.44 -25.36 26.84
C SER E 199 -26.15 -24.07 26.45
N VAL E 200 -25.60 -23.39 25.45
CA VAL E 200 -26.19 -22.16 24.92
C VAL E 200 -26.37 -22.36 23.43
N VAL E 201 -27.62 -22.22 22.96
CA VAL E 201 -27.93 -22.47 21.57
C VAL E 201 -28.83 -21.37 21.01
N THR E 202 -28.61 -21.02 19.75
CA THR E 202 -29.55 -20.23 18.96
C THR E 202 -29.76 -20.97 17.65
N SER E 203 -30.38 -20.30 16.67
CA SER E 203 -30.49 -20.88 15.34
C SER E 203 -29.14 -21.01 14.64
N ASN E 204 -28.15 -20.19 15.03
CA ASN E 204 -26.84 -20.23 14.37
C ASN E 204 -25.68 -20.22 15.37
N TYR E 205 -25.95 -20.41 16.66
CA TYR E 205 -24.93 -20.55 17.68
C TYR E 205 -25.21 -21.82 18.45
N ASN E 206 -24.15 -22.48 18.91
CA ASN E 206 -24.26 -23.83 19.47
C ASN E 206 -22.98 -24.13 20.24
N ARG E 207 -23.01 -23.98 21.57
CA ARG E 207 -21.82 -24.25 22.37
C ARG E 207 -22.19 -24.94 23.67
N ARG E 208 -21.32 -25.85 24.10
CA ARG E 208 -21.43 -26.53 25.38
C ARG E 208 -20.19 -26.24 26.21
N PHE E 209 -20.41 -26.04 27.51
CA PHE E 209 -19.36 -25.65 28.45
C PHE E 209 -19.28 -26.67 29.57
N THR E 210 -18.06 -27.02 29.94
CA THR E 210 -17.76 -27.96 30.99
C THR E 210 -16.89 -27.29 32.05
N PRO E 211 -17.23 -27.38 33.33
CA PRO E 211 -16.37 -26.79 34.36
C PRO E 211 -15.01 -27.49 34.40
N GLU E 212 -13.96 -26.69 34.62
CA GLU E 212 -12.61 -27.19 34.75
C GLU E 212 -12.13 -26.82 36.14
N ILE E 213 -12.23 -27.77 37.06
CA ILE E 213 -11.89 -27.56 38.45
C ILE E 213 -10.39 -27.78 38.65
N ALA E 214 -9.72 -26.78 39.19
CA ALA E 214 -8.30 -26.84 39.52
C ALA E 214 -7.93 -25.58 40.28
N GLU E 215 -6.90 -25.67 41.11
CA GLU E 215 -6.45 -24.52 41.86
C GLU E 215 -5.51 -23.67 41.00
N ARG E 216 -5.86 -22.40 40.83
CA ARG E 216 -5.07 -21.44 40.10
C ARG E 216 -4.36 -20.49 41.05
N PRO E 217 -3.31 -19.81 40.60
CA PRO E 217 -2.76 -18.70 41.40
C PRO E 217 -3.84 -17.67 41.68
N LYS E 218 -3.72 -17.02 42.84
CA LYS E 218 -4.73 -16.06 43.26
C LYS E 218 -4.63 -14.78 42.44
N VAL E 219 -5.71 -14.43 41.75
CA VAL E 219 -5.84 -13.15 41.07
C VAL E 219 -7.03 -12.43 41.68
N ARG E 220 -6.80 -11.23 42.19
CA ARG E 220 -7.80 -10.51 42.98
C ARG E 220 -8.39 -11.41 44.06
N ASP E 221 -7.51 -12.21 44.66
CA ASP E 221 -7.86 -13.13 45.76
C ASP E 221 -8.91 -14.16 45.35
N GLN E 222 -8.81 -14.63 44.11
CA GLN E 222 -9.69 -15.68 43.60
C GLN E 222 -8.85 -16.76 42.96
N ALA E 223 -9.02 -17.99 43.44
CA ALA E 223 -8.36 -19.14 42.82
C ALA E 223 -9.22 -19.79 41.74
N GLY E 224 -10.53 -19.51 41.73
CA GLY E 224 -11.38 -19.93 40.64
C GLY E 224 -11.21 -19.01 39.45
N ARG E 225 -11.90 -19.36 38.36
CA ARG E 225 -11.87 -18.56 37.15
C ARG E 225 -13.28 -18.41 36.62
N MET E 226 -13.46 -17.42 35.74
CA MET E 226 -14.76 -17.16 35.13
C MET E 226 -14.52 -16.75 33.68
N ASN E 227 -15.05 -17.53 32.74
CA ASN E 227 -14.90 -17.19 31.32
C ASN E 227 -16.16 -16.51 30.82
N TYR E 228 -15.99 -15.48 30.00
CA TYR E 228 -17.09 -14.66 29.55
C TYR E 228 -17.31 -14.86 28.05
N TYR E 229 -18.56 -15.10 27.66
CA TYR E 229 -18.92 -15.37 26.29
C TYR E 229 -20.03 -14.42 25.86
N TRP E 230 -20.19 -14.31 24.54
CA TRP E 230 -21.20 -13.43 23.98
C TRP E 230 -21.65 -13.99 22.65
N THR E 231 -22.84 -13.56 22.24
CA THR E 231 -23.31 -13.87 20.89
C THR E 231 -24.32 -12.82 20.47
N LEU E 232 -24.56 -12.80 19.16
CA LEU E 232 -25.56 -11.92 18.56
C LEU E 232 -26.77 -12.76 18.20
N LEU E 233 -27.92 -12.44 18.79
CA LEU E 233 -29.19 -13.08 18.49
C LEU E 233 -29.86 -12.29 17.36
N LYS E 234 -30.14 -12.98 16.26
CA LYS E 234 -30.78 -12.36 15.11
C LYS E 234 -32.24 -12.04 15.41
N PRO E 235 -32.80 -11.03 14.74
CA PRO E 235 -34.21 -10.68 14.97
C PRO E 235 -35.13 -11.85 14.71
N GLY E 236 -36.04 -12.09 15.67
CA GLY E 236 -36.96 -13.21 15.58
C GLY E 236 -36.39 -14.54 16.04
N ASP E 237 -35.09 -14.61 16.30
CA ASP E 237 -34.46 -15.86 16.72
C ASP E 237 -34.61 -16.04 18.23
N THR E 238 -34.38 -17.28 18.68
CA THR E 238 -34.51 -17.64 20.07
C THR E 238 -33.17 -18.12 20.61
N ILE E 239 -32.84 -17.73 21.84
CA ILE E 239 -31.66 -18.24 22.53
C ILE E 239 -32.14 -19.09 23.71
N ILE E 240 -31.51 -20.25 23.89
CA ILE E 240 -31.84 -21.20 24.95
C ILE E 240 -30.60 -21.46 25.79
N PHE E 241 -30.74 -21.25 27.11
CA PHE E 241 -29.74 -21.61 28.10
C PHE E 241 -30.23 -22.84 28.86
N GLU E 242 -29.38 -23.85 28.92
CA GLU E 242 -29.68 -25.09 29.63
C GLU E 242 -28.50 -25.40 30.53
N ALA E 243 -28.76 -25.71 31.81
CA ALA E 243 -27.63 -25.93 32.70
C ALA E 243 -28.05 -26.74 33.91
N ASN E 244 -27.06 -27.36 34.56
CA ASN E 244 -27.25 -27.91 35.90
C ASN E 244 -26.12 -27.48 36.82
N GLY E 245 -25.48 -26.35 36.51
CA GLY E 245 -24.45 -25.76 37.33
C GLY E 245 -23.61 -24.80 36.53
N ASN E 246 -22.93 -23.91 37.26
CA ASN E 246 -21.82 -23.08 36.81
C ASN E 246 -22.20 -22.03 35.77
N LEU E 247 -23.49 -21.78 35.55
CA LEU E 247 -23.90 -20.77 34.59
C LEU E 247 -23.99 -19.41 35.27
N ILE E 248 -23.28 -18.43 34.70
CA ILE E 248 -23.46 -17.03 35.07
C ILE E 248 -24.46 -16.46 34.07
N ALA E 249 -25.72 -16.39 34.48
CA ALA E 249 -26.82 -16.17 33.54
C ALA E 249 -26.85 -14.72 33.06
N PRO E 250 -27.39 -14.48 31.87
CA PRO E 250 -27.65 -13.10 31.45
C PRO E 250 -28.87 -12.55 32.17
N MET E 251 -28.76 -11.31 32.61
CA MET E 251 -29.89 -10.56 33.14
C MET E 251 -30.29 -9.40 32.24
N TYR E 252 -29.33 -8.63 31.75
CA TYR E 252 -29.56 -7.56 30.80
C TYR E 252 -28.82 -7.85 29.50
N ALA E 253 -29.46 -7.51 28.38
CA ALA E 253 -28.90 -7.65 27.04
C ALA E 253 -29.02 -6.31 26.31
N PHE E 254 -28.48 -6.25 25.09
CA PHE E 254 -28.41 -4.98 24.35
C PHE E 254 -28.99 -5.15 22.96
N ALA E 255 -30.06 -4.43 22.65
CA ALA E 255 -30.59 -4.37 21.29
C ALA E 255 -29.82 -3.30 20.52
N LEU E 256 -29.06 -3.71 19.50
CA LEU E 256 -28.07 -2.85 18.86
C LEU E 256 -28.62 -2.15 17.61
N SER E 257 -28.28 -0.87 17.48
CA SER E 257 -28.52 -0.09 16.28
C SER E 257 -27.17 0.26 15.66
N ARG E 258 -26.98 -0.17 14.42
CA ARG E 258 -25.74 -0.01 13.67
C ARG E 258 -25.64 1.37 13.04
N GLY E 259 -24.41 1.87 12.93
CA GLY E 259 -24.15 3.14 12.27
C GLY E 259 -22.82 3.10 11.55
N PHE E 260 -22.49 4.21 10.90
CA PHE E 260 -21.28 4.34 10.11
C PHE E 260 -20.36 5.40 10.70
N GLY E 261 -19.06 5.19 10.55
CA GLY E 261 -18.07 6.21 10.87
C GLY E 261 -17.63 6.27 12.32
N SER E 262 -18.11 5.38 13.18
CA SER E 262 -17.72 5.41 14.57
C SER E 262 -16.47 4.56 14.79
N GLY E 263 -16.00 4.53 16.03
CA GLY E 263 -14.81 3.76 16.36
C GLY E 263 -14.48 3.95 17.84
N ILE E 264 -13.44 3.25 18.27
CA ILE E 264 -12.94 3.33 19.64
C ILE E 264 -11.53 3.88 19.59
N ILE E 265 -11.27 4.92 20.39
CA ILE E 265 -9.94 5.51 20.49
C ILE E 265 -9.53 5.57 21.96
N THR E 266 -8.22 5.66 22.16
CA THR E 266 -7.62 5.90 23.46
C THR E 266 -7.11 7.33 23.50
N SER E 267 -7.53 8.09 24.52
CA SER E 267 -7.18 9.50 24.54
C SER E 267 -6.99 10.00 25.97
N ASN E 268 -6.01 10.89 26.13
CA ASN E 268 -5.71 11.58 27.36
C ASN E 268 -6.38 12.96 27.45
N ALA E 269 -7.07 13.39 26.40
CA ALA E 269 -7.66 14.71 26.36
C ALA E 269 -9.01 14.72 27.09
N SER E 270 -9.55 15.92 27.29
CA SER E 270 -10.78 16.07 28.06
C SER E 270 -11.91 16.59 27.18
N MET E 271 -13.12 16.22 27.56
CA MET E 271 -14.33 16.61 26.83
C MET E 271 -14.64 18.08 27.06
N HIS E 272 -14.88 18.81 25.98
CA HIS E 272 -15.39 20.17 26.03
C HIS E 272 -16.73 20.22 25.29
N GLU E 273 -17.43 21.33 25.44
CA GLU E 273 -18.65 21.56 24.67
C GLU E 273 -18.31 22.20 23.33
N CYS E 274 -17.56 21.44 22.53
CA CYS E 274 -17.20 21.83 21.18
C CYS E 274 -17.83 20.87 20.18
N ASN E 275 -17.86 21.29 18.92
CA ASN E 275 -18.31 20.45 17.83
C ASN E 275 -17.20 20.37 16.79
N THR E 276 -17.12 19.24 16.10
CA THR E 276 -16.08 19.05 15.09
C THR E 276 -16.56 18.07 14.05
N LYS E 277 -15.86 18.06 12.92
CA LYS E 277 -16.01 17.03 11.91
C LYS E 277 -14.84 16.05 11.92
N CYS E 278 -13.79 16.34 12.68
CA CYS E 278 -12.58 15.54 12.69
C CYS E 278 -12.02 15.49 14.10
N GLN E 279 -11.95 14.29 14.68
CA GLN E 279 -11.44 14.10 16.04
C GLN E 279 -10.24 13.17 16.00
N THR E 280 -9.18 13.53 16.73
CA THR E 280 -8.03 12.69 16.94
C THR E 280 -7.83 12.51 18.45
N PRO E 281 -7.10 11.48 18.88
CA PRO E 281 -6.88 11.30 20.32
C PRO E 281 -6.19 12.49 20.98
N LEU E 282 -5.57 13.36 20.20
CA LEU E 282 -4.94 14.55 20.77
C LEU E 282 -5.84 15.77 20.75
N GLY E 283 -6.86 15.80 19.90
CA GLY E 283 -7.69 16.97 19.77
C GLY E 283 -8.45 16.98 18.46
N ALA E 284 -9.36 17.95 18.35
CA ALA E 284 -10.17 18.09 17.16
C ALA E 284 -9.44 18.95 16.13
N ILE E 285 -9.69 18.65 14.85
CA ILE E 285 -9.11 19.38 13.74
C ILE E 285 -10.22 20.13 13.02
N ASN E 286 -9.94 21.38 12.65
CA ASN E 286 -10.85 22.23 11.89
C ASN E 286 -10.02 22.78 10.73
N SER E 287 -10.04 22.10 9.59
CA SER E 287 -9.10 22.43 8.53
C SER E 287 -9.62 21.97 7.18
N SER E 288 -9.30 22.76 6.15
CA SER E 288 -9.53 22.38 4.76
C SER E 288 -8.26 21.90 4.07
N LEU E 289 -7.16 21.77 4.82
CA LEU E 289 -5.90 21.35 4.23
C LEU E 289 -5.93 19.85 3.93
N PRO E 290 -5.19 19.42 2.90
CA PRO E 290 -5.22 17.99 2.51
C PRO E 290 -4.41 17.07 3.42
N TYR E 291 -3.43 17.58 4.16
CA TYR E 291 -2.58 16.75 5.01
C TYR E 291 -2.58 17.27 6.43
N GLN E 292 -2.30 16.35 7.37
CA GLN E 292 -2.06 16.70 8.76
C GLN E 292 -0.98 15.80 9.32
N ASN E 293 -0.25 16.29 10.33
CA ASN E 293 0.78 15.51 11.01
C ASN E 293 0.48 15.40 12.50
N ILE E 294 -0.79 15.38 12.87
CA ILE E 294 -1.17 15.39 14.28
C ILE E 294 -1.27 13.96 14.84
N HIS E 295 -2.02 13.09 14.17
CA HIS E 295 -2.17 11.72 14.67
C HIS E 295 -2.70 10.82 13.57
N PRO E 296 -2.18 9.59 13.45
CA PRO E 296 -2.74 8.65 12.45
C PRO E 296 -4.16 8.19 12.75
N VAL E 297 -4.64 8.29 13.99
CA VAL E 297 -5.97 7.80 14.35
C VAL E 297 -6.95 8.94 14.21
N THR E 298 -7.95 8.76 13.33
CA THR E 298 -8.88 9.83 12.99
C THR E 298 -10.30 9.30 13.04
N ILE E 299 -11.22 10.17 13.48
CA ILE E 299 -12.64 9.90 13.50
C ILE E 299 -13.35 11.02 12.76
N GLY E 300 -14.14 10.65 11.75
CA GLY E 300 -14.92 11.61 11.00
C GLY E 300 -14.36 11.88 9.61
N GLU E 301 -14.24 13.14 9.26
CA GLU E 301 -13.71 13.57 7.96
C GLU E 301 -12.46 14.40 8.22
N CYS E 302 -11.30 13.82 7.98
CA CYS E 302 -10.02 14.36 8.42
C CYS E 302 -9.05 14.45 7.25
N PRO E 303 -8.01 15.28 7.37
CA PRO E 303 -6.93 15.25 6.38
C PRO E 303 -6.12 13.97 6.50
N LYS E 304 -5.35 13.68 5.46
CA LYS E 304 -4.51 12.49 5.43
C LYS E 304 -3.28 12.69 6.32
N TYR E 305 -3.03 11.72 7.20
CA TYR E 305 -1.89 11.80 8.10
C TYR E 305 -0.59 11.49 7.35
N VAL E 306 0.43 12.30 7.62
CA VAL E 306 1.77 12.10 7.06
C VAL E 306 2.79 12.41 8.14
N ARG E 307 3.99 11.86 7.97
CA ARG E 307 5.08 12.08 8.90
C ARG E 307 5.84 13.38 8.65
N SER E 308 5.46 14.14 7.63
CA SER E 308 6.22 15.32 7.26
C SER E 308 6.13 16.40 8.33
N ALA E 309 7.20 17.17 8.46
CA ALA E 309 7.24 18.33 9.33
C ALA E 309 6.88 19.62 8.61
N LYS E 310 6.87 19.62 7.28
CA LYS E 310 6.61 20.84 6.51
C LYS E 310 6.18 20.46 5.11
N LEU E 311 5.05 21.01 4.67
CA LEU E 311 4.57 20.88 3.29
C LEU E 311 4.13 22.28 2.84
N ARG E 312 5.08 23.04 2.29
CA ARG E 312 4.82 24.41 1.89
C ARG E 312 4.96 24.54 0.37
N MET E 313 3.90 24.95 -0.29
CA MET E 313 3.86 25.08 -1.73
C MET E 313 4.08 26.53 -2.12
N VAL E 314 5.07 26.79 -2.97
CA VAL E 314 5.29 28.16 -3.43
C VAL E 314 4.21 28.54 -4.43
N THR E 315 3.69 29.75 -4.28
CA THR E 315 2.69 30.26 -5.20
C THR E 315 3.15 31.51 -5.92
N GLY E 316 4.00 32.31 -5.28
CA GLY E 316 4.59 33.48 -5.86
C GLY E 316 5.96 33.22 -6.44
N LEU E 317 6.81 34.24 -6.43
CA LEU E 317 8.07 34.27 -7.13
C LEU E 317 9.22 34.11 -6.15
N ARG E 318 10.40 33.79 -6.67
CA ARG E 318 11.61 33.91 -5.88
C ARG E 318 11.78 35.35 -5.42
N ASN E 319 11.94 35.53 -4.11
CA ASN E 319 11.94 36.85 -3.50
C ASN E 319 13.36 37.41 -3.50
N ILE E 320 13.60 38.42 -4.32
CA ILE E 320 14.91 39.06 -4.44
C ILE E 320 14.73 40.57 -4.27
N PRO E 321 14.62 41.08 -3.03
CA PRO E 321 14.40 42.51 -2.81
C PRO E 321 15.56 43.37 -3.29
N GLY F 1 17.10 30.37 -13.07
CA GLY F 1 15.94 29.65 -13.54
C GLY F 1 16.06 29.18 -14.98
N LEU F 2 15.08 28.39 -15.42
CA LEU F 2 15.16 27.77 -16.74
C LEU F 2 15.18 28.79 -17.86
N PHE F 3 14.42 29.88 -17.71
CA PHE F 3 14.25 30.85 -18.77
C PHE F 3 15.12 32.08 -18.60
N GLY F 4 15.95 32.12 -17.55
CA GLY F 4 17.02 33.09 -17.44
C GLY F 4 16.62 34.52 -17.15
N ALA F 5 15.35 34.78 -16.84
CA ALA F 5 14.91 36.14 -16.52
C ALA F 5 15.00 36.43 -15.03
N ILE F 6 14.21 35.73 -14.22
CA ILE F 6 14.24 35.94 -12.78
C ILE F 6 15.57 35.45 -12.23
N ALA F 7 16.23 36.31 -11.43
CA ALA F 7 17.59 36.06 -10.96
C ALA F 7 18.55 35.81 -12.12
N GLY F 8 18.21 36.35 -13.29
CA GLY F 8 19.02 36.18 -14.47
C GLY F 8 19.39 37.50 -15.11
N PHE F 9 18.96 37.73 -16.36
CA PHE F 9 19.25 39.02 -16.97
C PHE F 9 18.42 40.15 -16.37
N ILE F 10 17.44 39.82 -15.52
CA ILE F 10 16.78 40.78 -14.65
C ILE F 10 17.15 40.37 -13.22
N GLU F 11 18.13 41.06 -12.64
CA GLU F 11 18.85 40.49 -11.50
C GLU F 11 18.08 40.56 -10.19
N GLY F 12 17.16 41.52 -10.04
CA GLY F 12 16.46 41.70 -8.78
C GLY F 12 14.99 41.97 -8.98
N GLY F 13 14.25 41.91 -7.87
CA GLY F 13 12.85 42.20 -7.86
C GLY F 13 12.57 43.64 -7.43
N TRP F 14 11.31 44.04 -7.60
CA TRP F 14 10.88 45.41 -7.32
C TRP F 14 9.93 45.41 -6.12
N THR F 15 10.42 45.89 -4.98
CA THR F 15 9.54 46.07 -3.83
C THR F 15 8.60 47.25 -4.01
N GLY F 16 8.91 48.16 -4.93
CA GLY F 16 8.04 49.28 -5.23
C GLY F 16 6.83 48.94 -6.09
N MET F 17 6.80 47.75 -6.67
CA MET F 17 5.66 47.28 -7.46
C MET F 17 4.86 46.34 -6.57
N ILE F 18 3.85 46.89 -5.88
CA ILE F 18 3.14 46.15 -4.85
C ILE F 18 1.84 45.52 -5.34
N ASP F 19 1.43 45.77 -6.58
CA ASP F 19 0.10 45.40 -7.03
C ASP F 19 0.11 44.31 -8.11
N GLY F 20 1.20 43.56 -8.24
CA GLY F 20 1.25 42.53 -9.25
C GLY F 20 2.53 41.73 -9.27
N TRP F 21 2.44 40.49 -9.75
CA TRP F 21 3.63 39.64 -9.82
C TRP F 21 4.60 40.12 -10.89
N TYR F 22 4.08 40.62 -12.01
CA TYR F 22 4.88 41.10 -13.13
C TYR F 22 4.42 42.49 -13.51
N GLY F 23 5.31 43.27 -14.11
CA GLY F 23 4.94 44.60 -14.54
C GLY F 23 6.10 45.37 -15.14
N TYR F 24 5.97 46.69 -15.09
CA TYR F 24 6.86 47.60 -15.80
C TYR F 24 7.29 48.73 -14.89
N HIS F 25 8.43 49.32 -15.23
CA HIS F 25 8.86 50.60 -14.66
C HIS F 25 9.04 51.58 -15.80
N HIS F 26 8.39 52.74 -15.70
CA HIS F 26 8.45 53.77 -16.72
C HIS F 26 9.21 54.99 -16.22
N GLN F 27 9.89 55.65 -17.16
CA GLN F 27 10.70 56.83 -16.88
C GLN F 27 10.63 57.72 -18.12
N ASN F 28 9.70 58.67 -18.11
CA ASN F 28 9.65 59.75 -19.09
C ASN F 28 9.68 61.09 -18.33
N GLU F 29 9.60 62.18 -19.07
CA GLU F 29 9.71 63.47 -18.40
C GLU F 29 8.44 63.86 -17.66
N GLN F 30 7.31 63.17 -17.91
CA GLN F 30 6.17 63.31 -17.01
C GLN F 30 6.40 62.65 -15.66
N GLY F 31 7.47 61.87 -15.52
CA GLY F 31 7.85 61.28 -14.26
C GLY F 31 8.21 59.82 -14.42
N SER F 32 8.26 59.14 -13.27
CA SER F 32 8.65 57.74 -13.21
C SER F 32 7.74 56.99 -12.26
N GLY F 33 7.67 55.68 -12.47
CA GLY F 33 6.90 54.86 -11.55
C GLY F 33 6.64 53.48 -12.11
N TYR F 34 6.00 52.67 -11.27
CA TYR F 34 5.73 51.28 -11.59
C TYR F 34 4.30 51.09 -12.08
N ALA F 35 4.12 50.07 -12.91
CA ALA F 35 2.81 49.72 -13.48
C ALA F 35 2.70 48.19 -13.49
N ALA F 36 1.88 47.65 -12.61
CA ALA F 36 1.72 46.20 -12.57
C ALA F 36 0.92 45.73 -13.78
N ASP F 37 1.34 44.62 -14.37
CA ASP F 37 0.57 43.96 -15.42
C ASP F 37 -0.50 43.12 -14.75
N GLN F 38 -1.71 43.67 -14.66
CA GLN F 38 -2.75 43.02 -13.87
C GLN F 38 -3.31 41.79 -14.57
N LYS F 39 -3.32 41.78 -15.90
CA LYS F 39 -3.93 40.64 -16.60
C LYS F 39 -3.03 39.42 -16.60
N SER F 40 -1.72 39.60 -16.83
CA SER F 40 -0.81 38.48 -16.73
C SER F 40 -0.74 37.95 -15.31
N THR F 41 -0.73 38.86 -14.33
CA THR F 41 -0.78 38.45 -12.93
C THR F 41 -2.06 37.67 -12.63
N GLN F 42 -3.19 38.11 -13.19
CA GLN F 42 -4.44 37.41 -12.94
C GLN F 42 -4.45 36.02 -13.57
N ASN F 43 -3.92 35.90 -14.79
CA ASN F 43 -3.86 34.58 -15.42
C ASN F 43 -2.91 33.65 -14.67
N ALA F 44 -1.80 34.19 -14.16
CA ALA F 44 -0.91 33.41 -13.31
C ALA F 44 -1.61 32.97 -12.04
N ILE F 45 -2.41 33.86 -11.44
CA ILE F 45 -3.15 33.51 -10.23
C ILE F 45 -4.15 32.41 -10.53
N ASN F 46 -4.81 32.48 -11.69
CA ASN F 46 -5.74 31.43 -12.09
C ASN F 46 -5.02 30.09 -12.21
N GLY F 47 -3.88 30.08 -12.88
CA GLY F 47 -3.13 28.83 -13.04
C GLY F 47 -2.67 28.24 -11.72
N ILE F 48 -2.09 29.09 -10.86
CA ILE F 48 -1.60 28.60 -9.58
C ILE F 48 -2.76 28.15 -8.68
N THR F 49 -3.90 28.84 -8.76
CA THR F 49 -5.08 28.41 -8.02
C THR F 49 -5.53 27.03 -8.48
N ASN F 50 -5.56 26.80 -9.79
CA ASN F 50 -5.88 25.47 -10.31
C ASN F 50 -4.88 24.43 -9.80
N LYS F 51 -3.60 24.79 -9.72
CA LYS F 51 -2.58 23.85 -9.25
C LYS F 51 -2.83 23.45 -7.79
N VAL F 52 -3.02 24.44 -6.92
CA VAL F 52 -3.26 24.16 -5.50
C VAL F 52 -4.56 23.38 -5.34
N ASN F 53 -5.61 23.77 -6.07
CA ASN F 53 -6.87 23.04 -6.02
C ASN F 53 -6.71 21.60 -6.47
N THR F 54 -5.84 21.37 -7.46
CA THR F 54 -5.60 20.01 -7.95
C THR F 54 -4.98 19.15 -6.85
N VAL F 55 -3.95 19.68 -6.19
CA VAL F 55 -3.34 18.93 -5.09
C VAL F 55 -4.37 18.63 -4.02
N ILE F 56 -5.19 19.63 -3.66
CA ILE F 56 -6.15 19.43 -2.57
C ILE F 56 -7.22 18.42 -2.96
N GLU F 57 -7.66 18.43 -4.22
CA GLU F 57 -8.77 17.56 -4.60
C GLU F 57 -8.32 16.12 -4.88
N LYS F 58 -7.06 15.92 -5.28
CA LYS F 58 -6.59 14.54 -5.43
C LYS F 58 -6.47 13.84 -4.08
N MET F 59 -6.26 14.61 -3.01
CA MET F 59 -6.15 14.08 -1.64
C MET F 59 -7.52 14.10 -0.97
N ASN F 60 -8.40 13.22 -1.44
CA ASN F 60 -9.76 13.21 -0.92
C ASN F 60 -9.77 12.87 0.57
N ILE F 61 -10.89 13.19 1.22
CA ILE F 61 -11.02 13.14 2.67
C ILE F 61 -10.64 11.78 3.23
N GLN F 62 -10.08 11.77 4.44
CA GLN F 62 -9.71 10.56 5.15
C GLN F 62 -10.79 10.26 6.18
N PHE F 63 -11.61 9.24 5.91
CA PHE F 63 -12.68 8.88 6.83
C PHE F 63 -12.13 8.09 8.00
N THR F 64 -13.01 7.70 8.92
CA THR F 64 -12.62 7.12 10.20
C THR F 64 -11.63 5.97 10.01
N ALA F 65 -10.47 6.09 10.65
CA ALA F 65 -9.44 5.07 10.63
C ALA F 65 -8.85 4.99 12.03
N VAL F 66 -9.11 3.89 12.73
CA VAL F 66 -8.64 3.72 14.10
C VAL F 66 -7.83 2.43 14.19
N GLY F 67 -7.14 2.27 15.31
CA GLY F 67 -6.39 1.06 15.55
C GLY F 67 -7.29 -0.11 15.89
N LYS F 68 -6.71 -1.30 15.81
CA LYS F 68 -7.40 -2.52 16.16
C LYS F 68 -6.68 -3.20 17.32
N GLU F 69 -7.39 -4.10 17.99
CA GLU F 69 -6.87 -4.80 19.15
C GLU F 69 -6.70 -6.28 18.83
N PHE F 70 -5.66 -6.87 19.39
CA PHE F 70 -5.36 -8.29 19.18
C PHE F 70 -4.96 -8.91 20.51
N ASN F 71 -5.37 -10.17 20.72
CA ASN F 71 -4.99 -10.84 21.96
C ASN F 71 -3.55 -11.36 21.85
N LYS F 72 -3.08 -11.99 22.93
CA LYS F 72 -1.69 -12.38 23.04
C LYS F 72 -1.29 -13.48 22.07
N LEU F 73 -2.24 -14.22 21.52
CA LEU F 73 -1.95 -15.25 20.53
C LEU F 73 -2.19 -14.76 19.10
N GLU F 74 -2.24 -13.45 18.89
CA GLU F 74 -2.47 -12.88 17.57
C GLU F 74 -1.38 -11.89 17.22
N LYS F 75 -0.14 -12.23 17.56
CA LYS F 75 0.99 -11.35 17.29
C LYS F 75 1.26 -11.22 15.80
N ARG F 76 1.08 -12.31 15.04
CA ARG F 76 1.30 -12.24 13.60
C ARG F 76 0.30 -11.30 12.93
N MET F 77 -0.97 -11.44 13.28
CA MET F 77 -2.00 -10.55 12.73
C MET F 77 -1.77 -9.10 13.16
N GLU F 78 -1.35 -8.90 14.41
CA GLU F 78 -1.06 -7.55 14.88
C GLU F 78 0.09 -6.93 14.09
N ASN F 79 1.15 -7.71 13.86
CA ASN F 79 2.30 -7.22 13.10
C ASN F 79 1.94 -6.99 11.64
N LEU F 80 1.04 -7.81 11.08
CA LEU F 80 0.57 -7.55 9.72
C LEU F 80 -0.22 -6.25 9.64
N ASN F 81 -1.08 -6.00 10.63
CA ASN F 81 -1.83 -4.74 10.66
C ASN F 81 -0.90 -3.54 10.71
N LYS F 82 0.15 -3.61 11.54
CA LYS F 82 1.03 -2.45 11.63
C LYS F 82 1.95 -2.35 10.40
N LYS F 83 2.31 -3.48 9.78
CA LYS F 83 3.01 -3.40 8.49
C LYS F 83 2.16 -2.67 7.47
N VAL F 84 0.86 -2.98 7.42
CA VAL F 84 -0.03 -2.30 6.49
C VAL F 84 -0.09 -0.81 6.77
N ASP F 85 -0.34 -0.46 8.05
CA ASP F 85 -0.45 0.96 8.41
C ASP F 85 0.82 1.72 8.07
N ASP F 86 1.98 1.15 8.43
CA ASP F 86 3.25 1.83 8.24
C ASP F 86 3.61 1.92 6.76
N GLY F 87 3.30 0.89 5.97
CA GLY F 87 3.58 0.98 4.55
C GLY F 87 2.76 2.05 3.86
N PHE F 88 1.46 2.12 4.20
CA PHE F 88 0.63 3.18 3.64
C PHE F 88 1.14 4.56 4.06
N LEU F 89 1.55 4.69 5.32
CA LEU F 89 2.06 5.98 5.80
C LEU F 89 3.35 6.37 5.08
N ASP F 90 4.26 5.41 4.89
CA ASP F 90 5.47 5.67 4.11
C ASP F 90 5.12 6.20 2.74
N ILE F 91 4.21 5.50 2.05
CA ILE F 91 3.90 5.86 0.67
C ILE F 91 3.28 7.24 0.60
N TRP F 92 2.35 7.56 1.52
CA TRP F 92 1.67 8.84 1.45
C TRP F 92 2.59 10.00 1.83
N THR F 93 3.49 9.78 2.81
CA THR F 93 4.46 10.83 3.13
C THR F 93 5.38 11.10 1.95
N TYR F 94 5.88 10.03 1.32
CA TYR F 94 6.72 10.18 0.13
C TYR F 94 5.97 10.94 -0.97
N ASN F 95 4.73 10.55 -1.25
CA ASN F 95 3.94 11.18 -2.31
C ASN F 95 3.77 12.67 -2.03
N ALA F 96 3.31 13.02 -0.82
CA ALA F 96 3.10 14.42 -0.49
C ALA F 96 4.37 15.23 -0.66
N GLU F 97 5.48 14.76 -0.09
CA GLU F 97 6.70 15.56 -0.08
C GLU F 97 7.23 15.76 -1.49
N LEU F 98 7.29 14.69 -2.29
CA LEU F 98 7.88 14.86 -3.61
C LEU F 98 6.93 15.61 -4.55
N LEU F 99 5.62 15.44 -4.41
CA LEU F 99 4.70 16.26 -5.20
C LEU F 99 4.94 17.74 -4.92
N VAL F 100 5.06 18.11 -3.64
CA VAL F 100 5.31 19.50 -3.29
C VAL F 100 6.63 19.99 -3.90
N LEU F 101 7.68 19.18 -3.81
CA LEU F 101 8.98 19.60 -4.35
C LEU F 101 8.91 19.84 -5.85
N LEU F 102 8.38 18.86 -6.60
CA LEU F 102 8.35 18.97 -8.06
C LEU F 102 7.48 20.15 -8.50
N GLU F 103 6.32 20.32 -7.86
CA GLU F 103 5.45 21.42 -8.25
C GLU F 103 6.05 22.77 -7.87
N ASN F 104 6.84 22.84 -6.79
CA ASN F 104 7.54 24.08 -6.47
C ASN F 104 8.53 24.45 -7.56
N GLU F 105 9.32 23.47 -8.02
CA GLU F 105 10.24 23.72 -9.13
C GLU F 105 9.48 24.24 -10.35
N ARG F 106 8.39 23.56 -10.70
CA ARG F 106 7.62 23.96 -11.88
C ARG F 106 7.01 25.35 -11.72
N THR F 107 6.59 25.71 -10.51
CA THR F 107 6.00 27.03 -10.28
C THR F 107 7.02 28.14 -10.48
N LEU F 108 8.23 27.95 -9.92
CA LEU F 108 9.28 28.94 -10.14
C LEU F 108 9.59 29.10 -11.62
N ASP F 109 9.67 27.97 -12.35
CA ASP F 109 9.91 28.06 -13.79
C ASP F 109 8.76 28.76 -14.52
N PHE F 110 7.53 28.55 -14.05
CA PHE F 110 6.35 29.19 -14.65
C PHE F 110 6.44 30.71 -14.55
N HIS F 111 6.79 31.22 -13.36
CA HIS F 111 6.96 32.67 -13.21
C HIS F 111 8.12 33.19 -14.05
N ASP F 112 9.24 32.44 -14.07
CA ASP F 112 10.37 32.81 -14.93
C ASP F 112 9.93 32.96 -16.38
N SER F 113 9.16 31.99 -16.87
CA SER F 113 8.66 32.02 -18.24
C SER F 113 7.78 33.23 -18.48
N ASN F 114 6.89 33.53 -17.54
CA ASN F 114 6.00 34.67 -17.73
C ASN F 114 6.79 35.97 -17.87
N VAL F 115 7.81 36.16 -17.03
CA VAL F 115 8.62 37.37 -17.12
C VAL F 115 9.38 37.42 -18.45
N LYS F 116 9.97 36.30 -18.86
CA LYS F 116 10.69 36.27 -20.13
C LYS F 116 9.77 36.60 -21.30
N ASN F 117 8.57 36.05 -21.30
CA ASN F 117 7.65 36.29 -22.41
C ASN F 117 7.16 37.74 -22.44
N LEU F 118 6.92 38.33 -21.27
CA LEU F 118 6.57 39.75 -21.22
C LEU F 118 7.68 40.60 -21.82
N TYR F 119 8.92 40.34 -21.41
CA TYR F 119 10.04 41.07 -21.98
C TYR F 119 10.10 40.91 -23.50
N GLU F 120 9.90 39.68 -23.98
CA GLU F 120 10.02 39.42 -25.42
C GLU F 120 8.92 40.14 -26.21
N LYS F 121 7.70 40.20 -25.67
CA LYS F 121 6.64 40.88 -26.40
C LYS F 121 6.88 42.39 -26.44
N VAL F 122 7.44 42.96 -25.36
CA VAL F 122 7.79 44.39 -25.41
C VAL F 122 8.85 44.63 -26.48
N LYS F 123 9.87 43.76 -26.52
CA LYS F 123 10.91 43.90 -27.53
C LYS F 123 10.33 43.79 -28.94
N SER F 124 9.41 42.84 -29.14
CA SER F 124 8.81 42.65 -30.45
C SER F 124 8.01 43.88 -30.88
N GLN F 125 7.35 44.55 -29.93
CA GLN F 125 6.65 45.78 -30.27
C GLN F 125 7.62 46.90 -30.62
N LEU F 126 8.69 47.05 -29.83
CA LEU F 126 9.53 48.24 -29.97
C LEU F 126 10.39 48.17 -31.23
N LYS F 127 10.95 47.00 -31.53
CA LYS F 127 11.80 46.81 -32.73
C LYS F 127 12.99 47.77 -32.62
N ASN F 128 13.25 48.61 -33.63
CA ASN F 128 14.41 49.49 -33.60
C ASN F 128 14.09 50.90 -33.11
N ASN F 129 12.84 51.16 -32.70
CA ASN F 129 12.52 52.43 -32.07
C ASN F 129 13.08 52.55 -30.65
N ALA F 130 13.75 51.51 -30.16
CA ALA F 130 14.35 51.54 -28.83
C ALA F 130 15.55 50.61 -28.82
N LYS F 131 16.42 50.84 -27.84
CA LYS F 131 17.64 50.06 -27.66
C LYS F 131 17.57 49.26 -26.38
N GLU F 132 18.15 48.05 -26.41
CA GLU F 132 18.22 47.21 -25.23
C GLU F 132 19.36 47.65 -24.33
N ILE F 133 19.06 47.90 -23.06
CA ILE F 133 20.03 48.44 -22.12
C ILE F 133 20.45 47.42 -21.07
N GLY F 134 20.02 46.17 -21.23
CA GLY F 134 20.31 45.17 -20.23
C GLY F 134 19.45 45.33 -19.00
N ASN F 135 19.47 44.33 -18.12
CA ASN F 135 18.68 44.31 -16.89
C ASN F 135 17.19 44.48 -17.18
N GLY F 136 16.76 44.05 -18.37
CA GLY F 136 15.35 44.07 -18.72
C GLY F 136 14.79 45.41 -19.13
N CYS F 137 15.63 46.41 -19.36
CA CYS F 137 15.19 47.77 -19.65
C CYS F 137 15.39 48.12 -21.12
N PHE F 138 14.49 48.94 -21.64
CA PHE F 138 14.61 49.51 -22.98
C PHE F 138 14.76 51.01 -22.86
N GLU F 139 15.45 51.61 -23.84
CA GLU F 139 15.60 53.06 -23.93
C GLU F 139 15.05 53.51 -25.27
N PHE F 140 14.00 54.34 -25.24
CA PHE F 140 13.36 54.78 -26.46
C PHE F 140 14.26 55.72 -27.24
N TYR F 141 14.25 55.58 -28.57
CA TYR F 141 14.89 56.53 -29.46
C TYR F 141 14.00 57.72 -29.77
N HIS F 142 12.94 57.93 -28.99
CA HIS F 142 12.00 59.03 -29.23
C HIS F 142 11.33 59.37 -27.91
N LYS F 143 10.38 60.32 -27.98
CA LYS F 143 9.60 60.73 -26.82
C LYS F 143 8.39 59.81 -26.69
N CYS F 144 8.20 59.26 -25.49
CA CYS F 144 7.11 58.32 -25.21
C CYS F 144 6.41 58.77 -23.94
N ASP F 145 5.22 59.37 -24.10
CA ASP F 145 4.47 59.92 -22.99
C ASP F 145 3.76 58.80 -22.23
N ASN F 146 2.94 59.16 -21.23
CA ASN F 146 2.27 58.15 -20.42
C ASN F 146 1.30 57.32 -21.25
N GLU F 147 0.60 57.95 -22.20
CA GLU F 147 -0.28 57.20 -23.08
C GLU F 147 0.51 56.28 -24.01
N CYS F 148 1.71 56.70 -24.41
CA CYS F 148 2.57 55.82 -25.22
C CYS F 148 3.06 54.64 -24.39
N MET F 149 3.35 54.87 -23.11
CA MET F 149 3.73 53.76 -22.23
C MET F 149 2.58 52.78 -22.06
N GLU F 150 1.36 53.29 -21.84
CA GLU F 150 0.20 52.41 -21.77
C GLU F 150 -0.01 51.68 -23.09
N SER F 151 0.29 52.33 -24.22
CA SER F 151 0.27 51.65 -25.51
C SER F 151 1.21 50.46 -25.51
N VAL F 152 2.41 50.62 -24.93
CA VAL F 152 3.33 49.50 -24.85
C VAL F 152 2.78 48.40 -23.95
N ARG F 153 2.11 48.79 -22.87
CA ARG F 153 1.65 47.79 -21.89
C ARG F 153 0.47 46.99 -22.41
N ASN F 154 -0.46 47.63 -23.12
CA ASN F 154 -1.67 46.94 -23.59
C ASN F 154 -1.48 46.23 -24.92
N GLY F 155 -0.29 46.28 -25.49
CA GLY F 155 -0.03 45.65 -26.77
C GLY F 155 -0.42 46.46 -27.99
N THR F 156 -0.57 47.77 -27.84
CA THR F 156 -1.03 48.65 -28.93
C THR F 156 0.00 49.72 -29.25
N TYR F 157 1.29 49.36 -29.25
CA TYR F 157 2.32 50.34 -29.57
C TYR F 157 2.32 50.63 -31.07
N ASP F 158 2.35 51.92 -31.42
CA ASP F 158 2.31 52.36 -32.80
C ASP F 158 3.74 52.59 -33.29
N TYR F 159 4.30 51.58 -33.96
CA TYR F 159 5.65 51.67 -34.48
C TYR F 159 5.81 52.70 -35.58
N PRO F 160 4.89 52.79 -36.56
CA PRO F 160 5.08 53.81 -37.62
C PRO F 160 5.06 55.24 -37.12
N LYS F 161 4.23 55.56 -36.14
CA LYS F 161 4.07 56.95 -35.70
C LYS F 161 5.34 57.51 -35.04
N TYR F 162 6.30 56.66 -34.66
CA TYR F 162 7.57 57.12 -34.12
C TYR F 162 8.76 56.64 -34.93
N SER F 163 8.53 55.91 -36.03
CA SER F 163 9.62 55.35 -36.81
C SER F 163 10.57 56.43 -37.30
N GLU F 164 10.02 57.48 -37.92
CA GLU F 164 10.87 58.53 -38.47
C GLU F 164 11.65 59.24 -37.37
N GLU F 165 10.95 59.75 -36.35
CA GLU F 165 11.61 60.44 -35.24
C GLU F 165 12.75 59.61 -34.66
N SER F 166 12.51 58.31 -34.45
CA SER F 166 13.53 57.50 -33.80
C SER F 166 14.68 57.14 -34.73
N LYS F 167 14.45 57.01 -36.04
CA LYS F 167 15.61 56.78 -36.90
C LYS F 167 16.36 58.07 -37.18
N LEU F 168 15.74 59.23 -36.94
CA LEU F 168 16.49 60.48 -36.87
C LEU F 168 17.42 60.46 -35.68
N ASN F 169 16.88 60.20 -34.48
CA ASN F 169 17.71 60.24 -33.27
C ASN F 169 18.67 59.06 -33.17
N ARG F 170 18.43 57.97 -33.90
CA ARG F 170 19.29 56.80 -33.85
C ARG F 170 20.61 57.04 -34.59
N GLU F 171 20.54 57.72 -35.73
CA GLU F 171 21.71 58.11 -36.53
C GLU F 171 22.66 56.94 -36.77
N PRO G 2 -5.31 4.15 -47.62
CA PRO G 2 -4.34 3.10 -47.28
C PRO G 2 -2.93 3.58 -46.97
N VAL G 3 -2.59 4.85 -47.26
CA VAL G 3 -1.23 5.33 -47.11
C VAL G 3 -1.18 6.36 -45.98
N SER G 4 -0.13 6.26 -45.17
CA SER G 4 0.09 7.17 -44.05
C SER G 4 1.39 7.93 -44.28
N LEU G 5 1.38 9.21 -43.93
CA LEU G 5 2.61 9.99 -44.02
C LEU G 5 3.58 9.63 -42.90
N TYR G 6 3.08 9.17 -41.77
CA TYR G 6 3.89 8.98 -40.57
C TYR G 6 3.79 7.55 -40.05
N GLU G 7 4.85 7.11 -39.39
CA GLU G 7 4.83 5.88 -38.61
C GLU G 7 4.25 6.21 -37.24
N ASP G 8 3.06 5.68 -36.96
CA ASP G 8 2.29 6.05 -35.76
C ASP G 8 1.64 4.79 -35.20
N PRO G 9 2.43 3.91 -34.58
CA PRO G 9 1.90 2.60 -34.19
C PRO G 9 0.83 2.65 -33.11
N LEU G 10 0.88 3.63 -32.22
CA LEU G 10 -0.12 3.75 -31.16
C LEU G 10 -1.29 4.64 -31.54
N GLY G 11 -1.26 5.24 -32.73
CA GLY G 11 -2.35 6.10 -33.16
C GLY G 11 -2.39 7.44 -32.45
N VAL G 12 -1.23 7.97 -32.05
CA VAL G 12 -1.21 9.20 -31.27
C VAL G 12 -1.36 10.45 -32.13
N ALA G 13 -1.34 10.32 -33.47
CA ALA G 13 -1.60 11.44 -34.35
C ALA G 13 -2.90 11.27 -35.14
N GLY G 14 -3.76 10.32 -34.75
CA GLY G 14 -5.09 10.22 -35.32
C GLY G 14 -5.08 10.06 -36.82
N GLY G 15 -5.89 10.87 -37.50
CA GLY G 15 -5.98 10.81 -38.95
C GLY G 15 -5.12 11.83 -39.66
N MET G 16 -4.12 12.36 -38.97
CA MET G 16 -3.25 13.38 -39.55
C MET G 16 -2.24 12.74 -40.50
N GLY G 17 -2.14 13.28 -41.71
CA GLY G 17 -1.26 12.71 -42.71
C GLY G 17 -1.70 11.36 -43.20
N VAL G 18 -2.97 11.01 -43.03
CA VAL G 18 -3.52 9.73 -43.46
C VAL G 18 -4.29 9.95 -44.75
N TYR G 19 -4.02 9.10 -45.75
CA TYR G 19 -4.68 9.21 -47.05
C TYR G 19 -5.18 7.84 -47.51
N PRO H 2 45.32 14.57 -7.04
CA PRO H 2 44.83 14.96 -5.71
C PRO H 2 44.00 16.24 -5.67
N VAL H 3 43.91 16.99 -6.77
CA VAL H 3 43.25 18.29 -6.78
C VAL H 3 42.04 18.23 -7.72
N SER H 4 40.93 18.81 -7.28
CA SER H 4 39.72 18.88 -8.06
C SER H 4 39.31 20.34 -8.23
N LEU H 5 38.77 20.65 -9.41
CA LEU H 5 38.29 22.01 -9.67
C LEU H 5 36.98 22.29 -8.93
N TYR H 6 36.19 21.26 -8.67
CA TYR H 6 34.83 21.43 -8.16
C TYR H 6 34.63 20.67 -6.86
N GLU H 7 33.74 21.19 -6.01
CA GLU H 7 33.24 20.45 -4.87
C GLU H 7 32.11 19.55 -5.36
N ASP H 8 32.37 18.24 -5.37
CA ASP H 8 31.44 17.26 -5.93
C ASP H 8 31.37 16.07 -4.99
N PRO H 9 30.75 16.25 -3.81
CA PRO H 9 30.82 15.21 -2.77
C PRO H 9 30.07 13.93 -3.12
N LEU H 10 29.21 13.93 -4.13
CA LEU H 10 28.47 12.73 -4.50
C LEU H 10 29.01 12.04 -5.75
N GLY H 11 30.03 12.62 -6.39
CA GLY H 11 30.54 12.06 -7.63
C GLY H 11 29.66 12.35 -8.83
N VAL H 12 28.93 13.47 -8.80
CA VAL H 12 27.97 13.77 -9.85
C VAL H 12 28.67 14.16 -11.15
N ALA H 13 29.86 14.77 -11.06
CA ALA H 13 30.61 15.15 -12.24
C ALA H 13 31.80 14.23 -12.52
N GLY H 14 31.82 13.06 -11.89
CA GLY H 14 32.82 12.05 -12.21
C GLY H 14 34.24 12.56 -12.10
N GLY H 15 35.03 12.31 -13.15
CA GLY H 15 36.40 12.76 -13.22
C GLY H 15 36.61 14.10 -13.87
N MET H 16 35.54 14.88 -14.05
CA MET H 16 35.66 16.17 -14.72
C MET H 16 36.36 17.18 -13.81
N GLY H 17 37.35 17.88 -14.35
CA GLY H 17 38.07 18.87 -13.59
C GLY H 17 38.91 18.32 -12.46
N VAL H 18 39.23 17.03 -12.51
CA VAL H 18 40.03 16.38 -11.48
C VAL H 18 41.43 16.17 -12.02
N TYR H 19 42.44 16.57 -11.25
CA TYR H 19 43.83 16.46 -11.65
C TYR H 19 44.65 15.74 -10.58
N PRO I 2 -11.09 46.75 1.90
CA PRO I 2 -12.21 45.95 1.41
C PRO I 2 -12.15 45.58 -0.08
N VAL I 3 -11.25 46.18 -0.87
CA VAL I 3 -11.24 45.96 -2.32
C VAL I 3 -9.96 45.25 -2.71
N SER I 4 -10.10 44.29 -3.64
CA SER I 4 -8.99 43.50 -4.14
C SER I 4 -8.87 43.69 -5.64
N LEU I 5 -7.64 43.80 -6.13
CA LEU I 5 -7.43 43.90 -7.57
C LEU I 5 -7.74 42.58 -8.27
N TYR I 6 -7.53 41.45 -7.58
CA TYR I 6 -7.56 40.14 -8.21
C TYR I 6 -8.58 39.23 -7.55
N GLU I 7 -9.10 38.29 -8.34
CA GLU I 7 -9.90 37.19 -7.82
C GLU I 7 -8.96 36.09 -7.36
N ASP I 8 -8.89 35.88 -6.05
CA ASP I 8 -7.91 34.99 -5.44
C ASP I 8 -8.60 34.21 -4.32
N PRO I 9 -9.51 33.29 -4.67
CA PRO I 9 -10.31 32.63 -3.63
C PRO I 9 -9.50 31.79 -2.66
N LEU I 10 -8.34 31.30 -3.07
CA LEU I 10 -7.52 30.44 -2.21
C LEU I 10 -6.44 31.20 -1.45
N GLY I 11 -6.33 32.51 -1.65
CA GLY I 11 -5.30 33.28 -0.97
C GLY I 11 -3.92 33.07 -1.55
N VAL I 12 -3.85 32.81 -2.86
CA VAL I 12 -2.61 32.42 -3.50
C VAL I 12 -1.66 33.59 -3.71
N ALA I 13 -2.17 34.83 -3.70
CA ALA I 13 -1.35 36.02 -3.84
C ALA I 13 -1.36 36.90 -2.60
N GLY I 14 -1.74 36.33 -1.46
CA GLY I 14 -1.64 37.04 -0.18
C GLY I 14 -2.31 38.40 -0.19
N GLY I 15 -1.57 39.41 0.26
CA GLY I 15 -2.05 40.78 0.28
C GLY I 15 -1.72 41.59 -0.96
N MET I 16 -1.23 40.95 -2.02
CA MET I 16 -0.86 41.67 -3.23
C MET I 16 -2.10 42.21 -3.93
N GLY I 17 -2.07 43.50 -4.25
CA GLY I 17 -3.21 44.13 -4.89
C GLY I 17 -4.43 44.26 -4.00
N VAL I 18 -4.25 44.18 -2.68
CA VAL I 18 -5.35 44.29 -1.73
C VAL I 18 -5.35 45.68 -1.15
N TYR I 19 -6.54 46.29 -1.07
CA TYR I 19 -6.67 47.68 -0.61
C TYR I 19 -7.81 47.84 0.38
#